data_5EHA
# 
_entry.id   5EHA 
# 
_audit_conform.dict_name       mmcif_pdbx.dic 
_audit_conform.dict_version    5.383 
_audit_conform.dict_location   http://mmcif.pdb.org/dictionaries/ascii/mmcif_pdbx.dic 
# 
loop_
_database_2.database_id 
_database_2.database_code 
_database_2.pdbx_database_accession 
_database_2.pdbx_DOI 
PDB   5EHA         pdb_00005eha 10.2210/pdb5eha/pdb 
WWPDB D_1000214889 ?            ?                   
# 
loop_
_pdbx_audit_revision_history.ordinal 
_pdbx_audit_revision_history.data_content_type 
_pdbx_audit_revision_history.major_revision 
_pdbx_audit_revision_history.minor_revision 
_pdbx_audit_revision_history.revision_date 
1 'Structure model' 1 0 2016-03-09 
2 'Structure model' 1 1 2024-01-10 
# 
_pdbx_audit_revision_details.ordinal             1 
_pdbx_audit_revision_details.revision_ordinal    1 
_pdbx_audit_revision_details.data_content_type   'Structure model' 
_pdbx_audit_revision_details.provider            repository 
_pdbx_audit_revision_details.type                'Initial release' 
_pdbx_audit_revision_details.description         ? 
_pdbx_audit_revision_details.details             ? 
# 
loop_
_pdbx_audit_revision_group.ordinal 
_pdbx_audit_revision_group.revision_ordinal 
_pdbx_audit_revision_group.data_content_type 
_pdbx_audit_revision_group.group 
1 2 'Structure model' 'Data collection'        
2 2 'Structure model' 'Database references'    
3 2 'Structure model' 'Refinement description' 
# 
loop_
_pdbx_audit_revision_category.ordinal 
_pdbx_audit_revision_category.revision_ordinal 
_pdbx_audit_revision_category.data_content_type 
_pdbx_audit_revision_category.category 
1 2 'Structure model' chem_comp_atom                
2 2 'Structure model' chem_comp_bond                
3 2 'Structure model' database_2                    
4 2 'Structure model' pdbx_initial_refinement_model 
# 
loop_
_pdbx_audit_revision_item.ordinal 
_pdbx_audit_revision_item.revision_ordinal 
_pdbx_audit_revision_item.data_content_type 
_pdbx_audit_revision_item.item 
1 2 'Structure model' '_database_2.pdbx_DOI'                
2 2 'Structure model' '_database_2.pdbx_database_accession' 
# 
_pdbx_database_status.status_code                     REL 
_pdbx_database_status.status_code_sf                  REL 
_pdbx_database_status.status_code_mr                  ? 
_pdbx_database_status.entry_id                        5EHA 
_pdbx_database_status.recvd_initial_deposition_date   2015-10-28 
_pdbx_database_status.SG_entry                        N 
_pdbx_database_status.deposit_site                    RCSB 
_pdbx_database_status.process_site                    PDBE 
_pdbx_database_status.status_code_cs                  ? 
_pdbx_database_status.methods_development_category    ? 
_pdbx_database_status.pdb_format_compatible           Y 
_pdbx_database_status.status_code_nmr_data            ? 
# 
loop_
_audit_author.name 
_audit_author.pdbx_ordinal 
'Lai, X.-L.'      1 
'Soler-Lopez, M.' 2 
'Wichers, H.J.'   3 
'Dijkstra, B.W.'  4 
# 
_citation.abstract                  ? 
_citation.abstract_id_CAS           ? 
_citation.book_id_ISBN              ? 
_citation.book_publisher            ? 
_citation.book_publisher_city       ? 
_citation.book_title                ? 
_citation.coordinate_linkage        ? 
_citation.country                   US 
_citation.database_id_Medline       ? 
_citation.details                   ? 
_citation.id                        primary 
_citation.journal_abbrev            'Acta Crystallogr.,Sect.F' 
_citation.journal_id_ASTM           ACSFEN 
_citation.journal_id_CSD            ? 
_citation.journal_id_ISSN           2053-230X 
_citation.journal_full              ? 
_citation.journal_issue             ? 
_citation.journal_volume            72 
_citation.language                  ? 
_citation.page_first                244 
_citation.page_last                 250 
_citation.title                     'Crystal structure of recombinant tyrosinase-binding protein MtaL at 1.35 angstrom resolution.' 
_citation.year                      2016 
_citation.database_id_CSD           ? 
_citation.pdbx_database_id_DOI      10.1107/S2053230X16002107 
_citation.pdbx_database_id_PubMed   26919530 
_citation.unpublished_flag          ? 
# 
loop_
_citation_author.citation_id 
_citation_author.name 
_citation_author.ordinal 
_citation_author.identifier_ORCID 
primary 'Lai, X.'         1 ? 
primary 'Soler-Lopez, M.' 2 ? 
primary 'Ismaya, W.T.'    3 ? 
primary 'Wichers, H.J.'   4 ? 
primary 'Dijkstra, B.W.'  5 ? 
# 
loop_
_entity.id 
_entity.type 
_entity.src_method 
_entity.pdbx_description 
_entity.formula_weight 
_entity.pdbx_number_of_molecules 
_entity.pdbx_ec 
_entity.pdbx_mutation 
_entity.pdbx_fragment 
_entity.details 
1 polymer man 'Lectin-like fold protein' 16942.736 1   ? ? ? ? 
2 water   nat water                      18.015    219 ? ? ? ? 
# 
_entity_poly.entity_id                      1 
_entity_poly.type                           'polypeptide(L)' 
_entity_poly.nstd_linkage                   no 
_entity_poly.nstd_monomer                   no 
_entity_poly.pdbx_seq_one_letter_code       
;ARKIPLDLPGTRILNGANWANNSATENLATNSGTLIIFDQSTPGQDADRWLIHNYLDGYKIFNMGSNNWASVSRGNTVLG
VSEFDGQTCKWSIEYSGNGEEFWIRVPREGGGGAVWTIKPASSQGPTTVFLDLLKETDPNQRIKFAVENLYFQ
;
_entity_poly.pdbx_seq_one_letter_code_can   
;ARKIPLDLPGTRILNGANWANNSATENLATNSGTLIIFDQSTPGQDADRWLIHNYLDGYKIFNMGSNNWASVSRGNTVLG
VSEFDGQTCKWSIEYSGNGEEFWIRVPREGGGGAVWTIKPASSQGPTTVFLDLLKETDPNQRIKFAVENLYFQ
;
_entity_poly.pdbx_strand_id                 A 
_entity_poly.pdbx_target_identifier         ? 
# 
_pdbx_entity_nonpoly.entity_id   2 
_pdbx_entity_nonpoly.name        water 
_pdbx_entity_nonpoly.comp_id     HOH 
# 
loop_
_entity_poly_seq.entity_id 
_entity_poly_seq.num 
_entity_poly_seq.mon_id 
_entity_poly_seq.hetero 
1 1   ALA n 
1 2   ARG n 
1 3   LYS n 
1 4   ILE n 
1 5   PRO n 
1 6   LEU n 
1 7   ASP n 
1 8   LEU n 
1 9   PRO n 
1 10  GLY n 
1 11  THR n 
1 12  ARG n 
1 13  ILE n 
1 14  LEU n 
1 15  ASN n 
1 16  GLY n 
1 17  ALA n 
1 18  ASN n 
1 19  TRP n 
1 20  ALA n 
1 21  ASN n 
1 22  ASN n 
1 23  SER n 
1 24  ALA n 
1 25  THR n 
1 26  GLU n 
1 27  ASN n 
1 28  LEU n 
1 29  ALA n 
1 30  THR n 
1 31  ASN n 
1 32  SER n 
1 33  GLY n 
1 34  THR n 
1 35  LEU n 
1 36  ILE n 
1 37  ILE n 
1 38  PHE n 
1 39  ASP n 
1 40  GLN n 
1 41  SER n 
1 42  THR n 
1 43  PRO n 
1 44  GLY n 
1 45  GLN n 
1 46  ASP n 
1 47  ALA n 
1 48  ASP n 
1 49  ARG n 
1 50  TRP n 
1 51  LEU n 
1 52  ILE n 
1 53  HIS n 
1 54  ASN n 
1 55  TYR n 
1 56  LEU n 
1 57  ASP n 
1 58  GLY n 
1 59  TYR n 
1 60  LYS n 
1 61  ILE n 
1 62  PHE n 
1 63  ASN n 
1 64  MET n 
1 65  GLY n 
1 66  SER n 
1 67  ASN n 
1 68  ASN n 
1 69  TRP n 
1 70  ALA n 
1 71  SER n 
1 72  VAL n 
1 73  SER n 
1 74  ARG n 
1 75  GLY n 
1 76  ASN n 
1 77  THR n 
1 78  VAL n 
1 79  LEU n 
1 80  GLY n 
1 81  VAL n 
1 82  SER n 
1 83  GLU n 
1 84  PHE n 
1 85  ASP n 
1 86  GLY n 
1 87  GLN n 
1 88  THR n 
1 89  CYS n 
1 90  LYS n 
1 91  TRP n 
1 92  SER n 
1 93  ILE n 
1 94  GLU n 
1 95  TYR n 
1 96  SER n 
1 97  GLY n 
1 98  ASN n 
1 99  GLY n 
1 100 GLU n 
1 101 GLU n 
1 102 PHE n 
1 103 TRP n 
1 104 ILE n 
1 105 ARG n 
1 106 VAL n 
1 107 PRO n 
1 108 ARG n 
1 109 GLU n 
1 110 GLY n 
1 111 GLY n 
1 112 GLY n 
1 113 GLY n 
1 114 ALA n 
1 115 VAL n 
1 116 TRP n 
1 117 THR n 
1 118 ILE n 
1 119 LYS n 
1 120 PRO n 
1 121 ALA n 
1 122 SER n 
1 123 SER n 
1 124 GLN n 
1 125 GLY n 
1 126 PRO n 
1 127 THR n 
1 128 THR n 
1 129 VAL n 
1 130 PHE n 
1 131 LEU n 
1 132 ASP n 
1 133 LEU n 
1 134 LEU n 
1 135 LYS n 
1 136 GLU n 
1 137 THR n 
1 138 ASP n 
1 139 PRO n 
1 140 ASN n 
1 141 GLN n 
1 142 ARG n 
1 143 ILE n 
1 144 LYS n 
1 145 PHE n 
1 146 ALA n 
1 147 VAL n 
1 148 GLU n 
1 149 ASN n 
1 150 LEU n 
1 151 TYR n 
1 152 PHE n 
1 153 GLN n 
# 
_entity_src_gen.entity_id                          1 
_entity_src_gen.pdbx_src_id                        1 
_entity_src_gen.pdbx_alt_source_flag               sample 
_entity_src_gen.pdbx_seq_type                      'Biological sequence' 
_entity_src_gen.pdbx_beg_seq_num                   1 
_entity_src_gen.pdbx_end_seq_num                   153 
_entity_src_gen.gene_src_common_name               'White button mushroom' 
_entity_src_gen.gene_src_genus                     ? 
_entity_src_gen.pdbx_gene_src_gene                 ? 
_entity_src_gen.gene_src_species                   ? 
_entity_src_gen.gene_src_strain                    ? 
_entity_src_gen.gene_src_tissue                    ? 
_entity_src_gen.gene_src_tissue_fraction           ? 
_entity_src_gen.gene_src_details                   ? 
_entity_src_gen.pdbx_gene_src_fragment             ? 
_entity_src_gen.pdbx_gene_src_scientific_name      'Agaricus bisporus' 
_entity_src_gen.pdbx_gene_src_ncbi_taxonomy_id     5341 
_entity_src_gen.pdbx_gene_src_variant              ? 
_entity_src_gen.pdbx_gene_src_cell_line            ? 
_entity_src_gen.pdbx_gene_src_atcc                 ? 
_entity_src_gen.pdbx_gene_src_organ                ? 
_entity_src_gen.pdbx_gene_src_organelle            ? 
_entity_src_gen.pdbx_gene_src_cell                 ? 
_entity_src_gen.pdbx_gene_src_cellular_location    ? 
_entity_src_gen.host_org_common_name               ? 
_entity_src_gen.pdbx_host_org_scientific_name      'Escherichia coli' 
_entity_src_gen.pdbx_host_org_ncbi_taxonomy_id     562 
_entity_src_gen.host_org_genus                     ? 
_entity_src_gen.pdbx_host_org_gene                 ? 
_entity_src_gen.pdbx_host_org_organ                ? 
_entity_src_gen.host_org_species                   ? 
_entity_src_gen.pdbx_host_org_tissue               ? 
_entity_src_gen.pdbx_host_org_tissue_fraction      ? 
_entity_src_gen.pdbx_host_org_strain               ? 
_entity_src_gen.pdbx_host_org_variant              ? 
_entity_src_gen.pdbx_host_org_cell_line            ? 
_entity_src_gen.pdbx_host_org_atcc                 ? 
_entity_src_gen.pdbx_host_org_culture_collection   ? 
_entity_src_gen.pdbx_host_org_cell                 ? 
_entity_src_gen.pdbx_host_org_organelle            ? 
_entity_src_gen.pdbx_host_org_cellular_location    ? 
_entity_src_gen.pdbx_host_org_vector_type          ? 
_entity_src_gen.pdbx_host_org_vector               ? 
_entity_src_gen.host_org_details                   ? 
_entity_src_gen.expression_system_id               ? 
_entity_src_gen.plasmid_name                       ? 
_entity_src_gen.plasmid_details                    ? 
_entity_src_gen.pdbx_description                   ? 
# 
loop_
_chem_comp.id 
_chem_comp.type 
_chem_comp.mon_nstd_flag 
_chem_comp.name 
_chem_comp.pdbx_synonyms 
_chem_comp.formula 
_chem_comp.formula_weight 
ALA 'L-peptide linking' y ALANINE         ? 'C3 H7 N O2'     89.093  
ARG 'L-peptide linking' y ARGININE        ? 'C6 H15 N4 O2 1' 175.209 
ASN 'L-peptide linking' y ASPARAGINE      ? 'C4 H8 N2 O3'    132.118 
ASP 'L-peptide linking' y 'ASPARTIC ACID' ? 'C4 H7 N O4'     133.103 
CYS 'L-peptide linking' y CYSTEINE        ? 'C3 H7 N O2 S'   121.158 
GLN 'L-peptide linking' y GLUTAMINE       ? 'C5 H10 N2 O3'   146.144 
GLU 'L-peptide linking' y 'GLUTAMIC ACID' ? 'C5 H9 N O4'     147.129 
GLY 'peptide linking'   y GLYCINE         ? 'C2 H5 N O2'     75.067  
HIS 'L-peptide linking' y HISTIDINE       ? 'C6 H10 N3 O2 1' 156.162 
HOH non-polymer         . WATER           ? 'H2 O'           18.015  
ILE 'L-peptide linking' y ISOLEUCINE      ? 'C6 H13 N O2'    131.173 
LEU 'L-peptide linking' y LEUCINE         ? 'C6 H13 N O2'    131.173 
LYS 'L-peptide linking' y LYSINE          ? 'C6 H15 N2 O2 1' 147.195 
MET 'L-peptide linking' y METHIONINE      ? 'C5 H11 N O2 S'  149.211 
PHE 'L-peptide linking' y PHENYLALANINE   ? 'C9 H11 N O2'    165.189 
PRO 'L-peptide linking' y PROLINE         ? 'C5 H9 N O2'     115.130 
SER 'L-peptide linking' y SERINE          ? 'C3 H7 N O3'     105.093 
THR 'L-peptide linking' y THREONINE       ? 'C4 H9 N O3'     119.119 
TRP 'L-peptide linking' y TRYPTOPHAN      ? 'C11 H12 N2 O2'  204.225 
TYR 'L-peptide linking' y TYROSINE        ? 'C9 H11 N O3'    181.189 
VAL 'L-peptide linking' y VALINE          ? 'C5 H11 N O2'    117.146 
# 
loop_
_pdbx_poly_seq_scheme.asym_id 
_pdbx_poly_seq_scheme.entity_id 
_pdbx_poly_seq_scheme.seq_id 
_pdbx_poly_seq_scheme.mon_id 
_pdbx_poly_seq_scheme.ndb_seq_num 
_pdbx_poly_seq_scheme.pdb_seq_num 
_pdbx_poly_seq_scheme.auth_seq_num 
_pdbx_poly_seq_scheme.pdb_mon_id 
_pdbx_poly_seq_scheme.auth_mon_id 
_pdbx_poly_seq_scheme.pdb_strand_id 
_pdbx_poly_seq_scheme.pdb_ins_code 
_pdbx_poly_seq_scheme.hetero 
A 1 1   ALA 1   4   4   ALA ALA A . n 
A 1 2   ARG 2   5   5   ARG ARG A . n 
A 1 3   LYS 3   6   6   LYS LYS A . n 
A 1 4   ILE 4   7   7   ILE ILE A . n 
A 1 5   PRO 5   8   8   PRO PRO A . n 
A 1 6   LEU 6   9   9   LEU LEU A . n 
A 1 7   ASP 7   10  10  ASP ASP A . n 
A 1 8   LEU 8   11  11  LEU LEU A . n 
A 1 9   PRO 9   12  12  PRO PRO A . n 
A 1 10  GLY 10  13  13  GLY GLY A . n 
A 1 11  THR 11  14  14  THR THR A . n 
A 1 12  ARG 12  15  15  ARG ARG A . n 
A 1 13  ILE 13  16  16  ILE ILE A . n 
A 1 14  LEU 14  17  17  LEU LEU A . n 
A 1 15  ASN 15  18  18  ASN ASN A . n 
A 1 16  GLY 16  19  19  GLY GLY A . n 
A 1 17  ALA 17  20  20  ALA ALA A . n 
A 1 18  ASN 18  21  21  ASN ASN A . n 
A 1 19  TRP 19  22  22  TRP TRP A . n 
A 1 20  ALA 20  23  23  ALA ALA A . n 
A 1 21  ASN 21  24  24  ASN ASN A . n 
A 1 22  ASN 22  25  25  ASN ASN A . n 
A 1 23  SER 23  26  26  SER SER A . n 
A 1 24  ALA 24  27  27  ALA ALA A . n 
A 1 25  THR 25  28  28  THR THR A . n 
A 1 26  GLU 26  29  29  GLU GLU A . n 
A 1 27  ASN 27  30  30  ASN ASN A . n 
A 1 28  LEU 28  31  31  LEU LEU A . n 
A 1 29  ALA 29  32  32  ALA ALA A . n 
A 1 30  THR 30  33  33  THR THR A . n 
A 1 31  ASN 31  34  34  ASN ASN A . n 
A 1 32  SER 32  35  35  SER SER A . n 
A 1 33  GLY 33  36  36  GLY GLY A . n 
A 1 34  THR 34  37  37  THR THR A . n 
A 1 35  LEU 35  38  38  LEU LEU A . n 
A 1 36  ILE 36  39  39  ILE ILE A . n 
A 1 37  ILE 37  40  40  ILE ILE A . n 
A 1 38  PHE 38  41  41  PHE PHE A . n 
A 1 39  ASP 39  42  42  ASP ASP A . n 
A 1 40  GLN 40  43  43  GLN GLN A . n 
A 1 41  SER 41  44  44  SER SER A . n 
A 1 42  THR 42  45  45  THR THR A . n 
A 1 43  PRO 43  46  46  PRO PRO A . n 
A 1 44  GLY 44  47  47  GLY GLY A . n 
A 1 45  GLN 45  48  48  GLN GLN A . n 
A 1 46  ASP 46  49  49  ASP ASP A . n 
A 1 47  ALA 47  50  50  ALA ALA A . n 
A 1 48  ASP 48  51  51  ASP ASP A . n 
A 1 49  ARG 49  52  52  ARG ARG A . n 
A 1 50  TRP 50  53  53  TRP TRP A . n 
A 1 51  LEU 51  54  54  LEU LEU A . n 
A 1 52  ILE 52  55  55  ILE ILE A . n 
A 1 53  HIS 53  56  56  HIS HIS A . n 
A 1 54  ASN 54  57  57  ASN ASN A . n 
A 1 55  TYR 55  58  58  TYR TYR A . n 
A 1 56  LEU 56  59  59  LEU LEU A . n 
A 1 57  ASP 57  60  60  ASP ASP A . n 
A 1 58  GLY 58  61  61  GLY GLY A . n 
A 1 59  TYR 59  62  62  TYR TYR A . n 
A 1 60  LYS 60  63  63  LYS LYS A . n 
A 1 61  ILE 61  64  64  ILE ILE A . n 
A 1 62  PHE 62  65  65  PHE PHE A . n 
A 1 63  ASN 63  66  66  ASN ASN A . n 
A 1 64  MET 64  67  67  MET MET A . n 
A 1 65  GLY 65  68  68  GLY GLY A . n 
A 1 66  SER 66  69  69  SER SER A . n 
A 1 67  ASN 67  70  70  ASN ASN A . n 
A 1 68  ASN 68  71  71  ASN ASN A . n 
A 1 69  TRP 69  72  72  TRP TRP A . n 
A 1 70  ALA 70  73  73  ALA ALA A . n 
A 1 71  SER 71  74  74  SER SER A . n 
A 1 72  VAL 72  75  75  VAL VAL A . n 
A 1 73  SER 73  76  76  SER SER A . n 
A 1 74  ARG 74  77  77  ARG ARG A . n 
A 1 75  GLY 75  78  78  GLY GLY A . n 
A 1 76  ASN 76  79  79  ASN ASN A . n 
A 1 77  THR 77  80  80  THR THR A . n 
A 1 78  VAL 78  81  81  VAL VAL A . n 
A 1 79  LEU 79  82  82  LEU LEU A . n 
A 1 80  GLY 80  83  83  GLY GLY A . n 
A 1 81  VAL 81  84  84  VAL VAL A . n 
A 1 82  SER 82  85  85  SER SER A . n 
A 1 83  GLU 83  86  86  GLU GLU A . n 
A 1 84  PHE 84  87  87  PHE PHE A . n 
A 1 85  ASP 85  88  88  ASP ASP A . n 
A 1 86  GLY 86  89  89  GLY GLY A . n 
A 1 87  GLN 87  90  90  GLN GLN A . n 
A 1 88  THR 88  91  91  THR THR A . n 
A 1 89  CYS 89  92  92  CYS CYS A . n 
A 1 90  LYS 90  93  93  LYS LYS A . n 
A 1 91  TRP 91  94  94  TRP TRP A . n 
A 1 92  SER 92  95  95  SER SER A . n 
A 1 93  ILE 93  96  96  ILE ILE A . n 
A 1 94  GLU 94  97  97  GLU GLU A . n 
A 1 95  TYR 95  98  98  TYR TYR A . n 
A 1 96  SER 96  99  99  SER SER A . n 
A 1 97  GLY 97  100 100 GLY GLY A . n 
A 1 98  ASN 98  101 101 ASN ASN A . n 
A 1 99  GLY 99  102 102 GLY GLY A . n 
A 1 100 GLU 100 103 103 GLU GLU A . n 
A 1 101 GLU 101 104 104 GLU GLU A . n 
A 1 102 PHE 102 105 105 PHE PHE A . n 
A 1 103 TRP 103 106 106 TRP TRP A . n 
A 1 104 ILE 104 107 107 ILE ILE A . n 
A 1 105 ARG 105 108 108 ARG ARG A . n 
A 1 106 VAL 106 109 109 VAL VAL A . n 
A 1 107 PRO 107 110 110 PRO PRO A . n 
A 1 108 ARG 108 111 111 ARG ARG A . n 
A 1 109 GLU 109 112 112 GLU GLU A . n 
A 1 110 GLY 110 113 113 GLY GLY A . n 
A 1 111 GLY 111 114 114 GLY GLY A . n 
A 1 112 GLY 112 115 115 GLY GLY A . n 
A 1 113 GLY 113 116 116 GLY GLY A . n 
A 1 114 ALA 114 117 117 ALA ALA A . n 
A 1 115 VAL 115 118 118 VAL VAL A . n 
A 1 116 TRP 116 119 119 TRP TRP A . n 
A 1 117 THR 117 120 120 THR THR A . n 
A 1 118 ILE 118 121 121 ILE ILE A . n 
A 1 119 LYS 119 122 122 LYS LYS A . n 
A 1 120 PRO 120 123 123 PRO PRO A . n 
A 1 121 ALA 121 124 124 ALA ALA A . n 
A 1 122 SER 122 125 125 SER SER A . n 
A 1 123 SER 123 126 126 SER SER A . n 
A 1 124 GLN 124 127 127 GLN GLN A . n 
A 1 125 GLY 125 128 128 GLY GLY A . n 
A 1 126 PRO 126 129 129 PRO PRO A . n 
A 1 127 THR 127 130 130 THR THR A . n 
A 1 128 THR 128 131 131 THR THR A . n 
A 1 129 VAL 129 132 132 VAL VAL A . n 
A 1 130 PHE 130 133 133 PHE PHE A . n 
A 1 131 LEU 131 134 134 LEU LEU A . n 
A 1 132 ASP 132 135 135 ASP ASP A . n 
A 1 133 LEU 133 136 136 LEU LEU A . n 
A 1 134 LEU 134 137 137 LEU LEU A . n 
A 1 135 LYS 135 138 138 LYS LYS A . n 
A 1 136 GLU 136 139 139 GLU GLU A . n 
A 1 137 THR 137 140 140 THR THR A . n 
A 1 138 ASP 138 141 141 ASP ASP A . n 
A 1 139 PRO 139 142 142 PRO PRO A . n 
A 1 140 ASN 140 143 143 ASN ASN A . n 
A 1 141 GLN 141 144 144 GLN GLN A . n 
A 1 142 ARG 142 145 145 ARG ARG A . n 
A 1 143 ILE 143 146 146 ILE ILE A . n 
A 1 144 LYS 144 147 147 LYS LYS A . n 
A 1 145 PHE 145 148 148 PHE PHE A . n 
A 1 146 ALA 146 149 149 ALA ALA A . n 
A 1 147 VAL 147 150 150 VAL VAL A . n 
A 1 148 GLU 148 151 151 GLU GLU A . n 
A 1 149 ASN 149 152 152 ASN ASN A . n 
A 1 150 LEU 150 153 153 LEU LEU A . n 
A 1 151 TYR 151 154 154 TYR TYR A . n 
A 1 152 PHE 152 155 155 PHE PHE A . n 
A 1 153 GLN 153 156 156 GLN GLN A . n 
# 
loop_
_pdbx_nonpoly_scheme.asym_id 
_pdbx_nonpoly_scheme.entity_id 
_pdbx_nonpoly_scheme.mon_id 
_pdbx_nonpoly_scheme.ndb_seq_num 
_pdbx_nonpoly_scheme.pdb_seq_num 
_pdbx_nonpoly_scheme.auth_seq_num 
_pdbx_nonpoly_scheme.pdb_mon_id 
_pdbx_nonpoly_scheme.auth_mon_id 
_pdbx_nonpoly_scheme.pdb_strand_id 
_pdbx_nonpoly_scheme.pdb_ins_code 
B 2 HOH 1   201 69  HOH HOH A . 
B 2 HOH 2   202 235 HOH HOH A . 
B 2 HOH 3   203 97  HOH HOH A . 
B 2 HOH 4   204 218 HOH HOH A . 
B 2 HOH 5   205 180 HOH HOH A . 
B 2 HOH 6   206 37  HOH HOH A . 
B 2 HOH 7   207 129 HOH HOH A . 
B 2 HOH 8   208 157 HOH HOH A . 
B 2 HOH 9   209 43  HOH HOH A . 
B 2 HOH 10  210 49  HOH HOH A . 
B 2 HOH 11  211 128 HOH HOH A . 
B 2 HOH 12  212 91  HOH HOH A . 
B 2 HOH 13  213 135 HOH HOH A . 
B 2 HOH 14  214 105 HOH HOH A . 
B 2 HOH 15  215 74  HOH HOH A . 
B 2 HOH 16  216 56  HOH HOH A . 
B 2 HOH 17  217 161 HOH HOH A . 
B 2 HOH 18  218 38  HOH HOH A . 
B 2 HOH 19  219 17  HOH HOH A . 
B 2 HOH 20  220 75  HOH HOH A . 
B 2 HOH 21  221 86  HOH HOH A . 
B 2 HOH 22  222 108 HOH HOH A . 
B 2 HOH 23  223 96  HOH HOH A . 
B 2 HOH 24  224 21  HOH HOH A . 
B 2 HOH 25  225 4   HOH HOH A . 
B 2 HOH 26  226 82  HOH HOH A . 
B 2 HOH 27  227 41  HOH HOH A . 
B 2 HOH 28  228 10  HOH HOH A . 
B 2 HOH 29  229 58  HOH HOH A . 
B 2 HOH 30  230 146 HOH HOH A . 
B 2 HOH 31  231 42  HOH HOH A . 
B 2 HOH 32  232 30  HOH HOH A . 
B 2 HOH 33  233 101 HOH HOH A . 
B 2 HOH 34  234 134 HOH HOH A . 
B 2 HOH 35  235 120 HOH HOH A . 
B 2 HOH 36  236 19  HOH HOH A . 
B 2 HOH 37  237 153 HOH HOH A . 
B 2 HOH 38  238 141 HOH HOH A . 
B 2 HOH 39  239 59  HOH HOH A . 
B 2 HOH 40  240 76  HOH HOH A . 
B 2 HOH 41  241 61  HOH HOH A . 
B 2 HOH 42  242 1   HOH HOH A . 
B 2 HOH 43  243 89  HOH HOH A . 
B 2 HOH 44  244 45  HOH HOH A . 
B 2 HOH 45  245 50  HOH HOH A . 
B 2 HOH 46  246 119 HOH HOH A . 
B 2 HOH 47  247 54  HOH HOH A . 
B 2 HOH 48  248 88  HOH HOH A . 
B 2 HOH 49  249 62  HOH HOH A . 
B 2 HOH 50  250 12  HOH HOH A . 
B 2 HOH 51  251 7   HOH HOH A . 
B 2 HOH 52  252 73  HOH HOH A . 
B 2 HOH 53  253 84  HOH HOH A . 
B 2 HOH 54  254 2   HOH HOH A . 
B 2 HOH 55  255 85  HOH HOH A . 
B 2 HOH 56  256 71  HOH HOH A . 
B 2 HOH 57  257 14  HOH HOH A . 
B 2 HOH 58  258 83  HOH HOH A . 
B 2 HOH 59  259 111 HOH HOH A . 
B 2 HOH 60  260 109 HOH HOH A . 
B 2 HOH 61  261 46  HOH HOH A . 
B 2 HOH 62  262 34  HOH HOH A . 
B 2 HOH 63  263 3   HOH HOH A . 
B 2 HOH 64  264 53  HOH HOH A . 
B 2 HOH 65  265 8   HOH HOH A . 
B 2 HOH 66  266 40  HOH HOH A . 
B 2 HOH 67  267 122 HOH HOH A . 
B 2 HOH 68  268 65  HOH HOH A . 
B 2 HOH 69  269 60  HOH HOH A . 
B 2 HOH 70  270 206 HOH HOH A . 
B 2 HOH 71  271 156 HOH HOH A . 
B 2 HOH 72  272 31  HOH HOH A . 
B 2 HOH 73  273 57  HOH HOH A . 
B 2 HOH 74  274 28  HOH HOH A . 
B 2 HOH 75  275 163 HOH HOH A . 
B 2 HOH 76  276 227 HOH HOH A . 
B 2 HOH 77  277 164 HOH HOH A . 
B 2 HOH 78  278 154 HOH HOH A . 
B 2 HOH 79  279 139 HOH HOH A . 
B 2 HOH 80  280 9   HOH HOH A . 
B 2 HOH 81  281 211 HOH HOH A . 
B 2 HOH 82  282 148 HOH HOH A . 
B 2 HOH 83  283 115 HOH HOH A . 
B 2 HOH 84  284 52  HOH HOH A . 
B 2 HOH 85  285 228 HOH HOH A . 
B 2 HOH 86  286 55  HOH HOH A . 
B 2 HOH 87  287 106 HOH HOH A . 
B 2 HOH 88  288 182 HOH HOH A . 
B 2 HOH 89  289 23  HOH HOH A . 
B 2 HOH 90  290 160 HOH HOH A . 
B 2 HOH 91  291 32  HOH HOH A . 
B 2 HOH 92  292 20  HOH HOH A . 
B 2 HOH 93  293 113 HOH HOH A . 
B 2 HOH 94  294 35  HOH HOH A . 
B 2 HOH 95  295 67  HOH HOH A . 
B 2 HOH 96  296 209 HOH HOH A . 
B 2 HOH 97  297 39  HOH HOH A . 
B 2 HOH 98  298 114 HOH HOH A . 
B 2 HOH 99  299 25  HOH HOH A . 
B 2 HOH 100 300 103 HOH HOH A . 
B 2 HOH 101 301 95  HOH HOH A . 
B 2 HOH 102 302 18  HOH HOH A . 
B 2 HOH 103 303 225 HOH HOH A . 
B 2 HOH 104 304 26  HOH HOH A . 
B 2 HOH 105 305 70  HOH HOH A . 
B 2 HOH 106 306 11  HOH HOH A . 
B 2 HOH 107 307 130 HOH HOH A . 
B 2 HOH 108 308 33  HOH HOH A . 
B 2 HOH 109 309 44  HOH HOH A . 
B 2 HOH 110 310 224 HOH HOH A . 
B 2 HOH 111 311 27  HOH HOH A . 
B 2 HOH 112 312 155 HOH HOH A . 
B 2 HOH 113 313 138 HOH HOH A . 
B 2 HOH 114 314 151 HOH HOH A . 
B 2 HOH 115 315 202 HOH HOH A . 
B 2 HOH 116 316 99  HOH HOH A . 
B 2 HOH 117 317 72  HOH HOH A . 
B 2 HOH 118 318 121 HOH HOH A . 
B 2 HOH 119 319 177 HOH HOH A . 
B 2 HOH 120 320 29  HOH HOH A . 
B 2 HOH 121 321 48  HOH HOH A . 
B 2 HOH 122 322 77  HOH HOH A . 
B 2 HOH 123 323 176 HOH HOH A . 
B 2 HOH 124 324 232 HOH HOH A . 
B 2 HOH 125 325 169 HOH HOH A . 
B 2 HOH 126 326 117 HOH HOH A . 
B 2 HOH 127 327 93  HOH HOH A . 
B 2 HOH 128 328 214 HOH HOH A . 
B 2 HOH 129 329 233 HOH HOH A . 
B 2 HOH 130 330 98  HOH HOH A . 
B 2 HOH 131 331 132 HOH HOH A . 
B 2 HOH 132 332 13  HOH HOH A . 
B 2 HOH 133 333 145 HOH HOH A . 
B 2 HOH 134 334 15  HOH HOH A . 
B 2 HOH 135 335 207 HOH HOH A . 
B 2 HOH 136 336 51  HOH HOH A . 
B 2 HOH 137 337 47  HOH HOH A . 
B 2 HOH 138 338 22  HOH HOH A . 
B 2 HOH 139 339 79  HOH HOH A . 
B 2 HOH 140 340 81  HOH HOH A . 
B 2 HOH 141 341 229 HOH HOH A . 
B 2 HOH 142 342 110 HOH HOH A . 
B 2 HOH 143 343 16  HOH HOH A . 
B 2 HOH 144 344 204 HOH HOH A . 
B 2 HOH 145 345 221 HOH HOH A . 
B 2 HOH 146 346 6   HOH HOH A . 
B 2 HOH 147 347 125 HOH HOH A . 
B 2 HOH 148 348 64  HOH HOH A . 
B 2 HOH 149 349 123 HOH HOH A . 
B 2 HOH 150 350 104 HOH HOH A . 
B 2 HOH 151 351 5   HOH HOH A . 
B 2 HOH 152 352 68  HOH HOH A . 
B 2 HOH 153 353 118 HOH HOH A . 
B 2 HOH 154 354 216 HOH HOH A . 
B 2 HOH 155 355 178 HOH HOH A . 
B 2 HOH 156 356 124 HOH HOH A . 
B 2 HOH 157 357 66  HOH HOH A . 
B 2 HOH 158 358 147 HOH HOH A . 
B 2 HOH 159 359 210 HOH HOH A . 
B 2 HOH 160 360 220 HOH HOH A . 
B 2 HOH 161 361 137 HOH HOH A . 
B 2 HOH 162 362 168 HOH HOH A . 
B 2 HOH 163 363 198 HOH HOH A . 
B 2 HOH 164 364 112 HOH HOH A . 
B 2 HOH 165 365 173 HOH HOH A . 
B 2 HOH 166 366 171 HOH HOH A . 
B 2 HOH 167 367 162 HOH HOH A . 
B 2 HOH 168 368 219 HOH HOH A . 
B 2 HOH 169 369 226 HOH HOH A . 
B 2 HOH 170 370 208 HOH HOH A . 
B 2 HOH 171 371 205 HOH HOH A . 
B 2 HOH 172 372 107 HOH HOH A . 
B 2 HOH 173 373 127 HOH HOH A . 
B 2 HOH 174 374 116 HOH HOH A . 
B 2 HOH 175 375 174 HOH HOH A . 
B 2 HOH 176 376 131 HOH HOH A . 
B 2 HOH 177 377 142 HOH HOH A . 
B 2 HOH 178 378 212 HOH HOH A . 
B 2 HOH 179 379 186 HOH HOH A . 
B 2 HOH 180 380 187 HOH HOH A . 
B 2 HOH 181 381 193 HOH HOH A . 
B 2 HOH 182 382 167 HOH HOH A . 
B 2 HOH 183 383 87  HOH HOH A . 
B 2 HOH 184 384 143 HOH HOH A . 
B 2 HOH 185 385 185 HOH HOH A . 
B 2 HOH 186 386 126 HOH HOH A . 
B 2 HOH 187 387 203 HOH HOH A . 
B 2 HOH 188 388 189 HOH HOH A . 
B 2 HOH 189 389 92  HOH HOH A . 
B 2 HOH 190 390 179 HOH HOH A . 
B 2 HOH 191 391 200 HOH HOH A . 
B 2 HOH 192 392 199 HOH HOH A . 
B 2 HOH 193 393 150 HOH HOH A . 
B 2 HOH 194 394 24  HOH HOH A . 
B 2 HOH 195 395 94  HOH HOH A . 
B 2 HOH 196 396 140 HOH HOH A . 
B 2 HOH 197 397 136 HOH HOH A . 
B 2 HOH 198 398 175 HOH HOH A . 
B 2 HOH 199 399 63  HOH HOH A . 
B 2 HOH 200 400 36  HOH HOH A . 
B 2 HOH 201 401 149 HOH HOH A . 
B 2 HOH 202 402 90  HOH HOH A . 
B 2 HOH 203 403 100 HOH HOH A . 
B 2 HOH 204 404 133 HOH HOH A . 
B 2 HOH 205 405 181 HOH HOH A . 
B 2 HOH 206 406 158 HOH HOH A . 
B 2 HOH 207 407 78  HOH HOH A . 
B 2 HOH 208 408 201 HOH HOH A . 
B 2 HOH 209 409 184 HOH HOH A . 
B 2 HOH 210 410 159 HOH HOH A . 
B 2 HOH 211 411 166 HOH HOH A . 
B 2 HOH 212 412 102 HOH HOH A . 
B 2 HOH 213 413 196 HOH HOH A . 
B 2 HOH 214 414 222 HOH HOH A . 
B 2 HOH 215 415 152 HOH HOH A . 
B 2 HOH 216 416 230 HOH HOH A . 
B 2 HOH 217 417 236 HOH HOH A . 
B 2 HOH 218 418 144 HOH HOH A . 
B 2 HOH 219 419 188 HOH HOH A . 
# 
loop_
_software.citation_id 
_software.classification 
_software.compiler_name 
_software.compiler_version 
_software.contact_author 
_software.contact_author_email 
_software.date 
_software.description 
_software.dependencies 
_software.hardware 
_software.language 
_software.location 
_software.mods 
_software.name 
_software.os 
_software.os_version 
_software.type 
_software.version 
_software.pdbx_ordinal 
? refinement        ? ? ? ? ? ? ? ? ? ? ? REFMAC      ? ? ? 5.8.0123 1 
? 'data extraction' ? ? ? ? ? ? ? ? ? ? ? PDB_EXTRACT ? ? ? 3.15     2 
? 'data reduction'  ? ? ? ? ? ? ? ? ? ? ? XDS         ? ? ? .        3 
? 'data scaling'    ? ? ? ? ? ? ? ? ? ? ? SCALA       ? ? ? .        4 
? phasing           ? ? ? ? ? ? ? ? ? ? ? PHASER      ? ? ? .        5 
# 
_cell.entry_id           5EHA 
_cell.length_a           56.975 
_cell.length_b           61.337 
_cell.length_c           59.055 
_cell.angle_alpha        90.00 
_cell.angle_beta         108.36 
_cell.angle_gamma        90.00 
_cell.Z_PDB              4 
_cell.pdbx_unique_axis   ? 
# 
_symmetry.entry_id                         5EHA 
_symmetry.space_group_name_H-M             'I 1 2 1' 
_symmetry.pdbx_full_space_group_name_H-M   ? 
_symmetry.cell_setting                     ? 
_symmetry.Int_Tables_number                5 
# 
_exptl.absorpt_coefficient_mu     ? 
_exptl.absorpt_correction_T_max   ? 
_exptl.absorpt_correction_T_min   ? 
_exptl.absorpt_correction_type    ? 
_exptl.absorpt_process_details    ? 
_exptl.entry_id                   5EHA 
_exptl.crystals_number            1 
_exptl.details                    ? 
_exptl.method                     'X-RAY DIFFRACTION' 
_exptl.method_details             ? 
# 
_exptl_crystal.colour                      ? 
_exptl_crystal.density_diffrn              ? 
_exptl_crystal.density_Matthews            2.90 
_exptl_crystal.density_method              ? 
_exptl_crystal.density_percent_sol         57.52 
_exptl_crystal.description                 'Rod like' 
_exptl_crystal.F_000                       ? 
_exptl_crystal.id                          1 
_exptl_crystal.preparation                 ? 
_exptl_crystal.size_max                    ? 
_exptl_crystal.size_mid                    ? 
_exptl_crystal.size_min                    ? 
_exptl_crystal.size_rad                    ? 
_exptl_crystal.colour_lustre               ? 
_exptl_crystal.colour_modifier             ? 
_exptl_crystal.colour_primary              ? 
_exptl_crystal.density_meas                ? 
_exptl_crystal.density_meas_esd            ? 
_exptl_crystal.density_meas_gt             ? 
_exptl_crystal.density_meas_lt             ? 
_exptl_crystal.density_meas_temp           ? 
_exptl_crystal.density_meas_temp_esd       ? 
_exptl_crystal.density_meas_temp_gt        ? 
_exptl_crystal.density_meas_temp_lt        ? 
_exptl_crystal.pdbx_crystal_image_url      ? 
_exptl_crystal.pdbx_crystal_image_format   ? 
_exptl_crystal.pdbx_mosaicity              ? 
_exptl_crystal.pdbx_mosaicity_esd          ? 
# 
_exptl_crystal_grow.apparatus       ? 
_exptl_crystal_grow.atmosphere      ? 
_exptl_crystal_grow.crystal_id      1 
_exptl_crystal_grow.details         ? 
_exptl_crystal_grow.method          'VAPOR DIFFUSION, SITTING DROP' 
_exptl_crystal_grow.method_ref      ? 
_exptl_crystal_grow.pH              ? 
_exptl_crystal_grow.pressure        ? 
_exptl_crystal_grow.pressure_esd    ? 
_exptl_crystal_grow.seeding         ? 
_exptl_crystal_grow.seeding_ref     ? 
_exptl_crystal_grow.temp            293 
_exptl_crystal_grow.temp_details    ? 
_exptl_crystal_grow.temp_esd        ? 
_exptl_crystal_grow.time            ? 
_exptl_crystal_grow.pdbx_details    '0.1 M bis-tris buffer and 2 M ammonium sulfate' 
_exptl_crystal_grow.pdbx_pH_range   5.5 
# 
_diffrn.ambient_environment    ? 
_diffrn.ambient_temp           100 
_diffrn.ambient_temp_details   ? 
_diffrn.ambient_temp_esd       ? 
_diffrn.crystal_id             1 
_diffrn.crystal_support        ? 
_diffrn.crystal_treatment      ? 
_diffrn.details                ? 
_diffrn.id                     1 
_diffrn.ambient_pressure       ? 
_diffrn.ambient_pressure_esd   ? 
_diffrn.ambient_pressure_gt    ? 
_diffrn.ambient_pressure_lt    ? 
_diffrn.ambient_temp_gt        ? 
_diffrn.ambient_temp_lt        ? 
# 
_diffrn_detector.details                      ? 
_diffrn_detector.detector                     PIXEL 
_diffrn_detector.diffrn_id                    1 
_diffrn_detector.type                         'DECTRIS PILATUS3 6M' 
_diffrn_detector.area_resol_mean              ? 
_diffrn_detector.dtime                        ? 
_diffrn_detector.pdbx_frames_total            ? 
_diffrn_detector.pdbx_collection_time_total   ? 
_diffrn_detector.pdbx_collection_date         2014-03-10 
# 
_diffrn_radiation.collimation                      ? 
_diffrn_radiation.diffrn_id                        1 
_diffrn_radiation.filter_edge                      ? 
_diffrn_radiation.inhomogeneity                    ? 
_diffrn_radiation.monochromator                    ? 
_diffrn_radiation.polarisn_norm                    ? 
_diffrn_radiation.polarisn_ratio                   ? 
_diffrn_radiation.probe                            ? 
_diffrn_radiation.type                             ? 
_diffrn_radiation.xray_symbol                      ? 
_diffrn_radiation.wavelength_id                    1 
_diffrn_radiation.pdbx_monochromatic_or_laue_m_l   M 
_diffrn_radiation.pdbx_wavelength_list             ? 
_diffrn_radiation.pdbx_wavelength                  ? 
_diffrn_radiation.pdbx_diffrn_protocol             'SINGLE WAVELENGTH' 
_diffrn_radiation.pdbx_analyzer                    ? 
_diffrn_radiation.pdbx_scattering_type             x-ray 
# 
_diffrn_radiation_wavelength.id           1 
_diffrn_radiation_wavelength.wavelength   0.976 
_diffrn_radiation_wavelength.wt           1.0 
# 
_diffrn_source.current                     ? 
_diffrn_source.details                     ? 
_diffrn_source.diffrn_id                   1 
_diffrn_source.power                       ? 
_diffrn_source.size                        ? 
_diffrn_source.source                      SYNCHROTRON 
_diffrn_source.target                      ? 
_diffrn_source.type                        'ESRF BEAMLINE ID29' 
_diffrn_source.voltage                     ? 
_diffrn_source.take-off_angle              ? 
_diffrn_source.pdbx_wavelength_list        0.976 
_diffrn_source.pdbx_wavelength             ? 
_diffrn_source.pdbx_synchrotron_beamline   ID29 
_diffrn_source.pdbx_synchrotron_site       ESRF 
# 
_reflns.B_iso_Wilson_estimate            ? 
_reflns.entry_id                         5EHA 
_reflns.data_reduction_details           ? 
_reflns.data_reduction_method            ? 
_reflns.d_resolution_high                1.35 
_reflns.d_resolution_low                 47.01 
_reflns.details                          ? 
_reflns.limit_h_max                      ? 
_reflns.limit_h_min                      ? 
_reflns.limit_k_max                      ? 
_reflns.limit_k_min                      ? 
_reflns.limit_l_max                      ? 
_reflns.limit_l_min                      ? 
_reflns.number_all                       ? 
_reflns.number_obs                       41973 
_reflns.observed_criterion               ? 
_reflns.observed_criterion_F_max         ? 
_reflns.observed_criterion_F_min         ? 
_reflns.observed_criterion_I_max         ? 
_reflns.observed_criterion_I_min         ? 
_reflns.observed_criterion_sigma_F       ? 
_reflns.observed_criterion_sigma_I       ? 
_reflns.percent_possible_obs             99.2 
_reflns.R_free_details                   ? 
_reflns.Rmerge_F_all                     ? 
_reflns.Rmerge_F_obs                     ? 
_reflns.Friedel_coverage                 ? 
_reflns.number_gt                        ? 
_reflns.threshold_expression             ? 
_reflns.pdbx_redundancy                  3.7 
_reflns.pdbx_Rmerge_I_obs                0.038 
_reflns.pdbx_Rmerge_I_all                ? 
_reflns.pdbx_Rsym_value                  ? 
_reflns.pdbx_netI_over_av_sigmaI         ? 
_reflns.pdbx_netI_over_sigmaI            2.7 
_reflns.pdbx_res_netI_over_av_sigmaI_2   ? 
_reflns.pdbx_res_netI_over_sigmaI_2      ? 
_reflns.pdbx_chi_squared                 ? 
_reflns.pdbx_scaling_rejects             ? 
_reflns.pdbx_d_res_high_opt              ? 
_reflns.pdbx_d_res_low_opt               ? 
_reflns.pdbx_d_res_opt_method            ? 
_reflns.phase_calculation_details        ? 
_reflns.pdbx_Rrim_I_all                  ? 
_reflns.pdbx_Rpim_I_all                  ? 
_reflns.pdbx_d_opt                       ? 
_reflns.pdbx_number_measured_all         ? 
_reflns.pdbx_diffrn_id                   1 
_reflns.pdbx_ordinal                     1 
_reflns.pdbx_CC_half                     ? 
_reflns.pdbx_R_split                     ? 
# 
_reflns_shell.d_res_high                  1.35 
_reflns_shell.d_res_low                   1.42 
_reflns_shell.meanI_over_sigI_all         ? 
_reflns_shell.meanI_over_sigI_obs         ? 
_reflns_shell.number_measured_all         ? 
_reflns_shell.number_measured_obs         ? 
_reflns_shell.number_possible             ? 
_reflns_shell.number_unique_all           ? 
_reflns_shell.number_unique_obs           ? 
_reflns_shell.percent_possible_all        98.8 
_reflns_shell.percent_possible_obs        ? 
_reflns_shell.Rmerge_F_all                ? 
_reflns_shell.Rmerge_F_obs                ? 
_reflns_shell.Rmerge_I_all                ? 
_reflns_shell.Rmerge_I_obs                ? 
_reflns_shell.meanI_over_sigI_gt          ? 
_reflns_shell.meanI_over_uI_all           ? 
_reflns_shell.meanI_over_uI_gt            ? 
_reflns_shell.number_measured_gt          ? 
_reflns_shell.number_unique_gt            ? 
_reflns_shell.percent_possible_gt         ? 
_reflns_shell.Rmerge_F_gt                 ? 
_reflns_shell.Rmerge_I_gt                 ? 
_reflns_shell.pdbx_redundancy             ? 
_reflns_shell.pdbx_Rsym_value             ? 
_reflns_shell.pdbx_chi_squared            ? 
_reflns_shell.pdbx_netI_over_sigmaI_all   ? 
_reflns_shell.pdbx_netI_over_sigmaI_obs   ? 
_reflns_shell.pdbx_Rrim_I_all             ? 
_reflns_shell.pdbx_Rpim_I_all             ? 
_reflns_shell.pdbx_rejects                ? 
_reflns_shell.pdbx_ordinal                1 
_reflns_shell.pdbx_diffrn_id              1 
_reflns_shell.pdbx_CC_half                ? 
_reflns_shell.pdbx_R_split                ? 
# 
_refine.pdbx_refine_id                           'X-RAY DIFFRACTION' 
_refine.entry_id                                 5EHA 
_refine.pdbx_diffrn_id                           1 
_refine.pdbx_TLS_residual_ADP_flag               ? 
_refine.ls_number_reflns_obs                     39852 
_refine.ls_number_reflns_all                     ? 
_refine.pdbx_ls_sigma_I                          ? 
_refine.pdbx_ls_sigma_F                          ? 
_refine.pdbx_data_cutoff_high_absF               ? 
_refine.pdbx_data_cutoff_low_absF                ? 
_refine.pdbx_data_cutoff_high_rms_absF           ? 
_refine.ls_d_res_low                             47.01 
_refine.ls_d_res_high                            1.35 
_refine.ls_percent_reflns_obs                    99.06 
_refine.ls_R_factor_obs                          0.16324 
_refine.ls_R_factor_all                          ? 
_refine.ls_R_factor_R_work                       0.16214 
_refine.ls_R_factor_R_free                       0.18315 
_refine.ls_R_factor_R_free_error                 ? 
_refine.ls_R_factor_R_free_error_details         ? 
_refine.ls_percent_reflns_R_free                 5.1 
_refine.ls_number_reflns_R_free                  2121 
_refine.ls_number_parameters                     ? 
_refine.ls_number_restraints                     ? 
_refine.occupancy_min                            ? 
_refine.occupancy_max                            ? 
_refine.correlation_coeff_Fo_to_Fc               0.973 
_refine.correlation_coeff_Fo_to_Fc_free          0.968 
_refine.B_iso_mean                               22.869 
_refine.aniso_B[1][1]                            1.02 
_refine.aniso_B[2][2]                            -1.23 
_refine.aniso_B[3][3]                            -0.35 
_refine.aniso_B[1][2]                            0.00 
_refine.aniso_B[1][3]                            0.97 
_refine.aniso_B[2][3]                            -0.00 
_refine.solvent_model_details                    MASK 
_refine.solvent_model_param_ksol                 ? 
_refine.solvent_model_param_bsol                 ? 
_refine.pdbx_solvent_vdw_probe_radii             1.20 
_refine.pdbx_solvent_ion_probe_radii             0.80 
_refine.pdbx_solvent_shrinkage_radii             0.80 
_refine.pdbx_ls_cross_valid_method               THROUGHOUT 
_refine.details                                  'HYDROGENS HAVE BEEN ADDED IN THE RIDING POSITIONS' 
_refine.pdbx_starting_model                      2Y9W 
_refine.pdbx_method_to_determine_struct          'MOLECULAR REPLACEMENT' 
_refine.pdbx_isotropic_thermal_model             ? 
_refine.pdbx_stereochemistry_target_values       'MAXIMUM LIKELIHOOD' 
_refine.pdbx_stereochem_target_val_spec_case     ? 
_refine.pdbx_R_Free_selection_details            RANDOM 
_refine.pdbx_overall_ESU_R                       0.046 
_refine.pdbx_overall_ESU_R_Free                  0.048 
_refine.overall_SU_ML                            0.033 
_refine.pdbx_overall_phase_error                 ? 
_refine.overall_SU_B                             0.814 
_refine.overall_SU_R_Cruickshank_DPI             ? 
_refine.pdbx_overall_SU_R_free_Cruickshank_DPI   ? 
_refine.pdbx_overall_SU_R_Blow_DPI               ? 
_refine.pdbx_overall_SU_R_free_Blow_DPI          ? 
# 
_refine_hist.pdbx_refine_id                   'X-RAY DIFFRACTION' 
_refine_hist.cycle_id                         LAST 
_refine_hist.pdbx_number_atoms_protein        1198 
_refine_hist.pdbx_number_atoms_nucleic_acid   0 
_refine_hist.pdbx_number_atoms_ligand         0 
_refine_hist.number_atoms_solvent             219 
_refine_hist.number_atoms_total               1417 
_refine_hist.d_res_high                       1.35 
_refine_hist.d_res_low                        47.01 
# 
loop_
_refine_ls_restr.type 
_refine_ls_restr.dev_ideal 
_refine_ls_restr.dev_ideal_target 
_refine_ls_restr.weight 
_refine_ls_restr.number 
_refine_ls_restr.pdbx_refine_id 
_refine_ls_restr.pdbx_restraint_function 
r_bond_refined_d             0.027  0.020  ? 1250 'X-RAY DIFFRACTION' ? 
r_bond_other_d               0.002  0.020  ? 1131 'X-RAY DIFFRACTION' ? 
r_angle_refined_deg          2.432  1.923  ? 1706 'X-RAY DIFFRACTION' ? 
r_angle_other_deg            1.152  3.000  ? 2602 'X-RAY DIFFRACTION' ? 
r_dihedral_angle_1_deg       7.027  5.000  ? 158  'X-RAY DIFFRACTION' ? 
r_dihedral_angle_2_deg       37.186 25.238 ? 63   'X-RAY DIFFRACTION' ? 
r_dihedral_angle_3_deg       11.925 15.000 ? 194  'X-RAY DIFFRACTION' ? 
r_dihedral_angle_4_deg       10.136 15.000 ? 6    'X-RAY DIFFRACTION' ? 
r_chiral_restr               0.147  0.200  ? 180  'X-RAY DIFFRACTION' ? 
r_gen_planes_refined         0.013  0.020  ? 1481 'X-RAY DIFFRACTION' ? 
r_gen_planes_other           0.002  0.020  ? 307  'X-RAY DIFFRACTION' ? 
r_nbd_refined                ?      ?      ? ?    'X-RAY DIFFRACTION' ? 
r_nbd_other                  ?      ?      ? ?    'X-RAY DIFFRACTION' ? 
r_nbtor_refined              ?      ?      ? ?    'X-RAY DIFFRACTION' ? 
r_nbtor_other                ?      ?      ? ?    'X-RAY DIFFRACTION' ? 
r_xyhbond_nbd_refined        ?      ?      ? ?    'X-RAY DIFFRACTION' ? 
r_xyhbond_nbd_other          ?      ?      ? ?    'X-RAY DIFFRACTION' ? 
r_metal_ion_refined          ?      ?      ? ?    'X-RAY DIFFRACTION' ? 
r_metal_ion_other            ?      ?      ? ?    'X-RAY DIFFRACTION' ? 
r_symmetry_vdw_refined       ?      ?      ? ?    'X-RAY DIFFRACTION' ? 
r_symmetry_vdw_other         ?      ?      ? ?    'X-RAY DIFFRACTION' ? 
r_symmetry_hbond_refined     ?      ?      ? ?    'X-RAY DIFFRACTION' ? 
r_symmetry_hbond_other       ?      ?      ? ?    'X-RAY DIFFRACTION' ? 
r_symmetry_metal_ion_refined ?      ?      ? ?    'X-RAY DIFFRACTION' ? 
r_symmetry_metal_ion_other   ?      ?      ? ?    'X-RAY DIFFRACTION' ? 
r_mcbond_it                  2.045  1.946  ? 623  'X-RAY DIFFRACTION' ? 
r_mcbond_other               2.006  1.943  ? 622  'X-RAY DIFFRACTION' ? 
r_mcangle_it                 2.946  2.912  ? 781  'X-RAY DIFFRACTION' ? 
r_mcangle_other              2.952  2.913  ? 782  'X-RAY DIFFRACTION' ? 
r_scbond_it                  3.391  2.273  ? 627  'X-RAY DIFFRACTION' ? 
r_scbond_other               3.391  2.271  ? 627  'X-RAY DIFFRACTION' ? 
r_scangle_it                 ?      ?      ? ?    'X-RAY DIFFRACTION' ? 
r_scangle_other              5.107  3.273  ? 924  'X-RAY DIFFRACTION' ? 
r_long_range_B_refined       6.995  18.333 ? 1571 'X-RAY DIFFRACTION' ? 
r_long_range_B_other         6.568  16.773 ? 1439 'X-RAY DIFFRACTION' ? 
r_rigid_bond_restr           ?      ?      ? ?    'X-RAY DIFFRACTION' ? 
r_sphericity_free            ?      ?      ? ?    'X-RAY DIFFRACTION' ? 
r_sphericity_bonded          ?      ?      ? ?    'X-RAY DIFFRACTION' ? 
# 
_refine_ls_shell.pdbx_refine_id                   'X-RAY DIFFRACTION' 
_refine_ls_shell.pdbx_total_number_of_bins_used   20 
_refine_ls_shell.d_res_high                       1.350 
_refine_ls_shell.d_res_low                        1.385 
_refine_ls_shell.number_reflns_R_work             2916 
_refine_ls_shell.R_factor_R_work                  0.256 
_refine_ls_shell.percent_reflns_obs               98.48 
_refine_ls_shell.R_factor_R_free                  0.273 
_refine_ls_shell.R_factor_R_free_error            ? 
_refine_ls_shell.percent_reflns_R_free            ? 
_refine_ls_shell.number_reflns_R_free             135 
_refine_ls_shell.number_reflns_all                ? 
_refine_ls_shell.R_factor_all                     ? 
_refine_ls_shell.R_factor_obs                     ? 
_refine_ls_shell.number_reflns_obs                ? 
# 
_struct.entry_id                     5EHA 
_struct.title                        'Crystal structure of recombinant MtaL at 1.35 Angstrom resolution' 
_struct.pdbx_model_details           ? 
_struct.pdbx_formula_weight          ? 
_struct.pdbx_formula_weight_method   ? 
_struct.pdbx_model_type_details      ? 
_struct.pdbx_CASP_flag               ? 
# 
_struct_keywords.entry_id        5EHA 
_struct_keywords.text            'lectin, tyrosinase, hydrolase' 
_struct_keywords.pdbx_keywords   HYDROLASE 
# 
loop_
_struct_asym.id 
_struct_asym.pdbx_blank_PDB_chainid_flag 
_struct_asym.pdbx_modified 
_struct_asym.entity_id 
_struct_asym.details 
A N N 1 ? 
B N N 2 ? 
# 
_struct_ref.id                         1 
_struct_ref.db_name                    UNP 
_struct_ref.db_code                    G1K3P4_AGABI 
_struct_ref.pdbx_db_accession          G1K3P4 
_struct_ref.pdbx_db_isoform            ? 
_struct_ref.entity_id                  1 
_struct_ref.pdbx_seq_one_letter_code   
;ARKIPLDLPGTRILNGANWANNSATENLATNSGTLIIFDQSTPGQDADRWLIHNYLDGYKIFNMGSNNWASVSRGNTVLG
VSEFDGQTCKWSIEYSGNGEEFWIRVPREGGGGAVWTIKPASSQGPTTVFLDLLKETDPNQRIKFAV
;
_struct_ref.pdbx_align_begin           4 
# 
_struct_ref_seq.align_id                      1 
_struct_ref_seq.ref_id                        1 
_struct_ref_seq.pdbx_PDB_id_code              5EHA 
_struct_ref_seq.pdbx_strand_id                A 
_struct_ref_seq.seq_align_beg                 1 
_struct_ref_seq.pdbx_seq_align_beg_ins_code   ? 
_struct_ref_seq.seq_align_end                 147 
_struct_ref_seq.pdbx_seq_align_end_ins_code   ? 
_struct_ref_seq.pdbx_db_accession             G1K3P4 
_struct_ref_seq.db_align_beg                  4 
_struct_ref_seq.pdbx_db_align_beg_ins_code    ? 
_struct_ref_seq.db_align_end                  150 
_struct_ref_seq.pdbx_db_align_end_ins_code    ? 
_struct_ref_seq.pdbx_auth_seq_align_beg       4 
_struct_ref_seq.pdbx_auth_seq_align_end       150 
# 
loop_
_struct_ref_seq_dif.align_id 
_struct_ref_seq_dif.pdbx_pdb_id_code 
_struct_ref_seq_dif.mon_id 
_struct_ref_seq_dif.pdbx_pdb_strand_id 
_struct_ref_seq_dif.seq_num 
_struct_ref_seq_dif.pdbx_pdb_ins_code 
_struct_ref_seq_dif.pdbx_seq_db_name 
_struct_ref_seq_dif.pdbx_seq_db_accession_code 
_struct_ref_seq_dif.db_mon_id 
_struct_ref_seq_dif.pdbx_seq_db_seq_num 
_struct_ref_seq_dif.details 
_struct_ref_seq_dif.pdbx_auth_seq_num 
_struct_ref_seq_dif.pdbx_ordinal 
1 5EHA GLU A 148 ? UNP G1K3P4 ? ? 'expression tag' 151 1 
1 5EHA ASN A 149 ? UNP G1K3P4 ? ? 'expression tag' 152 2 
1 5EHA LEU A 150 ? UNP G1K3P4 ? ? 'expression tag' 153 3 
1 5EHA TYR A 151 ? UNP G1K3P4 ? ? 'expression tag' 154 4 
1 5EHA PHE A 152 ? UNP G1K3P4 ? ? 'expression tag' 155 5 
1 5EHA GLN A 153 ? UNP G1K3P4 ? ? 'expression tag' 156 6 
# 
_pdbx_struct_assembly.id                   1 
_pdbx_struct_assembly.details              software_defined_assembly 
_pdbx_struct_assembly.method_details       PISA 
_pdbx_struct_assembly.oligomeric_details   monomeric 
_pdbx_struct_assembly.oligomeric_count     1 
# 
loop_
_pdbx_struct_assembly_prop.biol_id 
_pdbx_struct_assembly_prop.type 
_pdbx_struct_assembly_prop.value 
_pdbx_struct_assembly_prop.details 
1 'ABSA (A^2)' 0    ? 
1 MORE         0    ? 
1 'SSA (A^2)'  8550 ? 
# 
_pdbx_struct_assembly_gen.assembly_id       1 
_pdbx_struct_assembly_gen.oper_expression   1 
_pdbx_struct_assembly_gen.asym_id_list      A,B 
# 
_pdbx_struct_oper_list.id                   1 
_pdbx_struct_oper_list.type                 'identity operation' 
_pdbx_struct_oper_list.name                 1_555 
_pdbx_struct_oper_list.symmetry_operation   x,y,z 
_pdbx_struct_oper_list.matrix[1][1]         1.0000000000 
_pdbx_struct_oper_list.matrix[1][2]         0.0000000000 
_pdbx_struct_oper_list.matrix[1][3]         0.0000000000 
_pdbx_struct_oper_list.vector[1]            0.0000000000 
_pdbx_struct_oper_list.matrix[2][1]         0.0000000000 
_pdbx_struct_oper_list.matrix[2][2]         1.0000000000 
_pdbx_struct_oper_list.matrix[2][3]         0.0000000000 
_pdbx_struct_oper_list.vector[2]            0.0000000000 
_pdbx_struct_oper_list.matrix[3][1]         0.0000000000 
_pdbx_struct_oper_list.matrix[3][2]         0.0000000000 
_pdbx_struct_oper_list.matrix[3][3]         1.0000000000 
_pdbx_struct_oper_list.vector[3]            0.0000000000 
# 
_struct_conf.conf_type_id            HELX_P 
_struct_conf.id                      HELX_P1 
_struct_conf.pdbx_PDB_helix_id       AA1 
_struct_conf.beg_label_comp_id       ASP 
_struct_conf.beg_label_asym_id       A 
_struct_conf.beg_label_seq_id        138 
_struct_conf.pdbx_beg_PDB_ins_code   ? 
_struct_conf.end_label_comp_id       ARG 
_struct_conf.end_label_asym_id       A 
_struct_conf.end_label_seq_id        142 
_struct_conf.pdbx_end_PDB_ins_code   ? 
_struct_conf.beg_auth_comp_id        ASP 
_struct_conf.beg_auth_asym_id        A 
_struct_conf.beg_auth_seq_id         141 
_struct_conf.end_auth_comp_id        ARG 
_struct_conf.end_auth_asym_id        A 
_struct_conf.end_auth_seq_id         145 
_struct_conf.pdbx_PDB_helix_class    5 
_struct_conf.details                 ? 
_struct_conf.pdbx_PDB_helix_length   5 
# 
_struct_conf_type.id          HELX_P 
_struct_conf_type.criteria    ? 
_struct_conf_type.reference   ? 
# 
_struct_mon_prot_cis.pdbx_id                1 
_struct_mon_prot_cis.label_comp_id          GLY 
_struct_mon_prot_cis.label_seq_id           125 
_struct_mon_prot_cis.label_asym_id          A 
_struct_mon_prot_cis.label_alt_id           . 
_struct_mon_prot_cis.pdbx_PDB_ins_code      ? 
_struct_mon_prot_cis.auth_comp_id           GLY 
_struct_mon_prot_cis.auth_seq_id            128 
_struct_mon_prot_cis.auth_asym_id           A 
_struct_mon_prot_cis.pdbx_label_comp_id_2   PRO 
_struct_mon_prot_cis.pdbx_label_seq_id_2    126 
_struct_mon_prot_cis.pdbx_label_asym_id_2   A 
_struct_mon_prot_cis.pdbx_PDB_ins_code_2    ? 
_struct_mon_prot_cis.pdbx_auth_comp_id_2    PRO 
_struct_mon_prot_cis.pdbx_auth_seq_id_2     129 
_struct_mon_prot_cis.pdbx_auth_asym_id_2    A 
_struct_mon_prot_cis.pdbx_PDB_model_num     1 
_struct_mon_prot_cis.pdbx_omega_angle       -0.50 
# 
loop_
_struct_sheet.id 
_struct_sheet.type 
_struct_sheet.number_strands 
_struct_sheet.details 
AA1 ? 6 ? 
AA2 ? 3 ? 
AA3 ? 2 ? 
AA4 ? 2 ? 
# 
loop_
_struct_sheet_order.sheet_id 
_struct_sheet_order.range_id_1 
_struct_sheet_order.range_id_2 
_struct_sheet_order.offset 
_struct_sheet_order.sense 
AA1 1 2 ? anti-parallel 
AA1 2 3 ? anti-parallel 
AA1 3 4 ? anti-parallel 
AA1 4 5 ? anti-parallel 
AA1 5 6 ? anti-parallel 
AA2 1 2 ? anti-parallel 
AA2 2 3 ? anti-parallel 
AA3 1 2 ? anti-parallel 
AA4 1 2 ? anti-parallel 
# 
loop_
_struct_sheet_range.sheet_id 
_struct_sheet_range.id 
_struct_sheet_range.beg_label_comp_id 
_struct_sheet_range.beg_label_asym_id 
_struct_sheet_range.beg_label_seq_id 
_struct_sheet_range.pdbx_beg_PDB_ins_code 
_struct_sheet_range.end_label_comp_id 
_struct_sheet_range.end_label_asym_id 
_struct_sheet_range.end_label_seq_id 
_struct_sheet_range.pdbx_end_PDB_ins_code 
_struct_sheet_range.beg_auth_comp_id 
_struct_sheet_range.beg_auth_asym_id 
_struct_sheet_range.beg_auth_seq_id 
_struct_sheet_range.end_auth_comp_id 
_struct_sheet_range.end_auth_asym_id 
_struct_sheet_range.end_auth_seq_id 
AA1 1 ILE A 37  ? ASP A 39  ? ILE A 40  ASP A 42  
AA1 2 ASN A 18  ? ASN A 21  ? ASN A 21  ASN A 24  
AA1 3 ARG A 12  ? ASN A 15  ? ARG A 15  ASN A 18  
AA1 4 ILE A 143 ? ALA A 146 ? ILE A 146 ALA A 149 
AA1 5 GLU A 101 ? ARG A 105 ? GLU A 104 ARG A 108 
AA1 6 SER A 92  ? TYR A 95  ? SER A 95  TYR A 98  
AA2 1 THR A 34  ? LEU A 35  ? THR A 37  LEU A 38  
AA2 2 VAL A 78  ? VAL A 81  ? VAL A 81  VAL A 84  
AA2 3 TRP A 69  ? VAL A 72  ? TRP A 72  VAL A 75  
AA3 1 TRP A 50  ? TYR A 55  ? TRP A 53  TYR A 58  
AA3 2 GLY A 58  ? ASN A 63  ? GLY A 61  ASN A 66  
AA4 1 VAL A 115 ? PRO A 120 ? VAL A 118 PRO A 123 
AA4 2 THR A 127 ? ASP A 132 ? THR A 130 ASP A 135 
# 
loop_
_pdbx_struct_sheet_hbond.sheet_id 
_pdbx_struct_sheet_hbond.range_id_1 
_pdbx_struct_sheet_hbond.range_id_2 
_pdbx_struct_sheet_hbond.range_1_label_atom_id 
_pdbx_struct_sheet_hbond.range_1_label_comp_id 
_pdbx_struct_sheet_hbond.range_1_label_asym_id 
_pdbx_struct_sheet_hbond.range_1_label_seq_id 
_pdbx_struct_sheet_hbond.range_1_PDB_ins_code 
_pdbx_struct_sheet_hbond.range_1_auth_atom_id 
_pdbx_struct_sheet_hbond.range_1_auth_comp_id 
_pdbx_struct_sheet_hbond.range_1_auth_asym_id 
_pdbx_struct_sheet_hbond.range_1_auth_seq_id 
_pdbx_struct_sheet_hbond.range_2_label_atom_id 
_pdbx_struct_sheet_hbond.range_2_label_comp_id 
_pdbx_struct_sheet_hbond.range_2_label_asym_id 
_pdbx_struct_sheet_hbond.range_2_label_seq_id 
_pdbx_struct_sheet_hbond.range_2_PDB_ins_code 
_pdbx_struct_sheet_hbond.range_2_auth_atom_id 
_pdbx_struct_sheet_hbond.range_2_auth_comp_id 
_pdbx_struct_sheet_hbond.range_2_auth_asym_id 
_pdbx_struct_sheet_hbond.range_2_auth_seq_id 
AA1 1 2 O ILE A 37  ? O ILE A 40  N ASN A 21  ? N ASN A 24  
AA1 2 3 O ASN A 18  ? O ASN A 21  N ASN A 15  ? N ASN A 18  
AA1 3 4 N LEU A 14  ? N LEU A 17  O LYS A 144 ? O LYS A 147 
AA1 4 5 O ILE A 143 ? O ILE A 146 N PHE A 102 ? N PHE A 105 
AA1 5 6 O ARG A 105 ? O ARG A 108 N SER A 92  ? N SER A 95  
AA2 1 2 N THR A 34  ? N THR A 37  O GLY A 80  ? O GLY A 83  
AA2 2 3 O VAL A 81  ? O VAL A 84  N TRP A 69  ? N TRP A 72  
AA3 1 2 N LEU A 51  ? N LEU A 54  O PHE A 62  ? O PHE A 65  
AA4 1 2 N VAL A 115 ? N VAL A 118 O ASP A 132 ? O ASP A 135 
# 
loop_
_pdbx_validate_close_contact.id 
_pdbx_validate_close_contact.PDB_model_num 
_pdbx_validate_close_contact.auth_atom_id_1 
_pdbx_validate_close_contact.auth_asym_id_1 
_pdbx_validate_close_contact.auth_comp_id_1 
_pdbx_validate_close_contact.auth_seq_id_1 
_pdbx_validate_close_contact.PDB_ins_code_1 
_pdbx_validate_close_contact.label_alt_id_1 
_pdbx_validate_close_contact.auth_atom_id_2 
_pdbx_validate_close_contact.auth_asym_id_2 
_pdbx_validate_close_contact.auth_comp_id_2 
_pdbx_validate_close_contact.auth_seq_id_2 
_pdbx_validate_close_contact.PDB_ins_code_2 
_pdbx_validate_close_contact.label_alt_id_2 
_pdbx_validate_close_contact.dist 
1 1 O   A HOH 267 ? ? O A HOH 385 ? ? 1.95 
2 1 OD1 A ASP 42  ? ? O A SER 44  ? ? 2.16 
3 1 O   A VAL 150 ? ? O A HOH 201 ? ? 2.19 
4 1 O   A HOH 367 ? ? O A HOH 409 ? ? 2.19 
# 
_pdbx_validate_symm_contact.id                1 
_pdbx_validate_symm_contact.PDB_model_num     1 
_pdbx_validate_symm_contact.auth_atom_id_1    O 
_pdbx_validate_symm_contact.auth_asym_id_1    A 
_pdbx_validate_symm_contact.auth_comp_id_1    HOH 
_pdbx_validate_symm_contact.auth_seq_id_1     368 
_pdbx_validate_symm_contact.PDB_ins_code_1    ? 
_pdbx_validate_symm_contact.label_alt_id_1    ? 
_pdbx_validate_symm_contact.site_symmetry_1   1_555 
_pdbx_validate_symm_contact.auth_atom_id_2    O 
_pdbx_validate_symm_contact.auth_asym_id_2    A 
_pdbx_validate_symm_contact.auth_comp_id_2    HOH 
_pdbx_validate_symm_contact.auth_seq_id_2     368 
_pdbx_validate_symm_contact.PDB_ins_code_2    ? 
_pdbx_validate_symm_contact.label_alt_id_2    ? 
_pdbx_validate_symm_contact.site_symmetry_2   2_255 
_pdbx_validate_symm_contact.dist              1.61 
# 
loop_
_pdbx_validate_rmsd_bond.id 
_pdbx_validate_rmsd_bond.PDB_model_num 
_pdbx_validate_rmsd_bond.auth_atom_id_1 
_pdbx_validate_rmsd_bond.auth_asym_id_1 
_pdbx_validate_rmsd_bond.auth_comp_id_1 
_pdbx_validate_rmsd_bond.auth_seq_id_1 
_pdbx_validate_rmsd_bond.PDB_ins_code_1 
_pdbx_validate_rmsd_bond.label_alt_id_1 
_pdbx_validate_rmsd_bond.auth_atom_id_2 
_pdbx_validate_rmsd_bond.auth_asym_id_2 
_pdbx_validate_rmsd_bond.auth_comp_id_2 
_pdbx_validate_rmsd_bond.auth_seq_id_2 
_pdbx_validate_rmsd_bond.PDB_ins_code_2 
_pdbx_validate_rmsd_bond.label_alt_id_2 
_pdbx_validate_rmsd_bond.bond_value 
_pdbx_validate_rmsd_bond.bond_target_value 
_pdbx_validate_rmsd_bond.bond_deviation 
_pdbx_validate_rmsd_bond.bond_standard_deviation 
_pdbx_validate_rmsd_bond.linker_flag 
1 1 C  A ALA 4  ? ? N   A ARG 5  ? B 1.126 1.336 -0.210 0.023 Y 
2 1 C  A ARG 5  ? B N   A LYS 6  ? ? 1.123 1.336 -0.213 0.023 Y 
3 1 CD A GLU 97 ? ? OE1 A GLU 97 ? ? 1.324 1.252 0.072  0.011 N 
# 
loop_
_pdbx_validate_rmsd_angle.id 
_pdbx_validate_rmsd_angle.PDB_model_num 
_pdbx_validate_rmsd_angle.auth_atom_id_1 
_pdbx_validate_rmsd_angle.auth_asym_id_1 
_pdbx_validate_rmsd_angle.auth_comp_id_1 
_pdbx_validate_rmsd_angle.auth_seq_id_1 
_pdbx_validate_rmsd_angle.PDB_ins_code_1 
_pdbx_validate_rmsd_angle.label_alt_id_1 
_pdbx_validate_rmsd_angle.auth_atom_id_2 
_pdbx_validate_rmsd_angle.auth_asym_id_2 
_pdbx_validate_rmsd_angle.auth_comp_id_2 
_pdbx_validate_rmsd_angle.auth_seq_id_2 
_pdbx_validate_rmsd_angle.PDB_ins_code_2 
_pdbx_validate_rmsd_angle.label_alt_id_2 
_pdbx_validate_rmsd_angle.auth_atom_id_3 
_pdbx_validate_rmsd_angle.auth_asym_id_3 
_pdbx_validate_rmsd_angle.auth_comp_id_3 
_pdbx_validate_rmsd_angle.auth_seq_id_3 
_pdbx_validate_rmsd_angle.PDB_ins_code_3 
_pdbx_validate_rmsd_angle.label_alt_id_3 
_pdbx_validate_rmsd_angle.angle_value 
_pdbx_validate_rmsd_angle.angle_target_value 
_pdbx_validate_rmsd_angle.angle_deviation 
_pdbx_validate_rmsd_angle.angle_standard_deviation 
_pdbx_validate_rmsd_angle.linker_flag 
1 1 O  A ALA 4   ? ? C  A ALA 4   ? ? N   A ARG 5   ? A 107.22 122.70 -15.48 1.60 Y 
2 1 O  A ALA 4   ? ? C  A ALA 4   ? ? N   A ARG 5   ? B 109.75 122.70 -12.95 1.60 Y 
3 1 CB A ASP 42  ? ? CG A ASP 42  ? ? OD2 A ASP 42  ? ? 110.09 118.30 -8.21  0.90 N 
4 1 CB A ASP 60  ? ? CG A ASP 60  ? ? OD1 A ASP 60  ? ? 124.43 118.30 6.13   0.90 N 
5 1 CB A ASP 88  ? ? CG A ASP 88  ? ? OD2 A ASP 88  ? ? 111.88 118.30 -6.42  0.90 N 
6 1 C  A GLY 128 ? ? N  A PRO 129 ? ? CD  A PRO 129 ? ? 136.71 120.60 16.11  2.20 Y 
7 1 NE A ARG 145 ? ? CZ A ARG 145 ? ? NH2 A ARG 145 ? ? 115.84 120.30 -4.46  0.50 N 
# 
loop_
_pdbx_validate_torsion.id 
_pdbx_validate_torsion.PDB_model_num 
_pdbx_validate_torsion.auth_comp_id 
_pdbx_validate_torsion.auth_asym_id 
_pdbx_validate_torsion.auth_seq_id 
_pdbx_validate_torsion.PDB_ins_code 
_pdbx_validate_torsion.label_alt_id 
_pdbx_validate_torsion.phi 
_pdbx_validate_torsion.psi 
1 1 LEU A 59  ? ? 54.33   -127.78 
2 1 LEU A 153 ? ? -133.01 -73.64  
# 
loop_
_pdbx_validate_main_chain_plane.id 
_pdbx_validate_main_chain_plane.PDB_model_num 
_pdbx_validate_main_chain_plane.auth_comp_id 
_pdbx_validate_main_chain_plane.auth_asym_id 
_pdbx_validate_main_chain_plane.auth_seq_id 
_pdbx_validate_main_chain_plane.PDB_ins_code 
_pdbx_validate_main_chain_plane.label_alt_id 
_pdbx_validate_main_chain_plane.improper_torsion_angle 
1 1 ALA A 4 ? ? 14.49 
2 1 ALA A 4 ? ? 12.84 
# 
loop_
_pdbx_validate_polymer_linkage.id 
_pdbx_validate_polymer_linkage.PDB_model_num 
_pdbx_validate_polymer_linkage.auth_atom_id_1 
_pdbx_validate_polymer_linkage.auth_asym_id_1 
_pdbx_validate_polymer_linkage.auth_comp_id_1 
_pdbx_validate_polymer_linkage.auth_seq_id_1 
_pdbx_validate_polymer_linkage.PDB_ins_code_1 
_pdbx_validate_polymer_linkage.label_alt_id_1 
_pdbx_validate_polymer_linkage.auth_atom_id_2 
_pdbx_validate_polymer_linkage.auth_asym_id_2 
_pdbx_validate_polymer_linkage.auth_comp_id_2 
_pdbx_validate_polymer_linkage.auth_seq_id_2 
_pdbx_validate_polymer_linkage.PDB_ins_code_2 
_pdbx_validate_polymer_linkage.label_alt_id_2 
_pdbx_validate_polymer_linkage.dist 
1 1 C A ALA 4 ? ? N A ARG 5 ? B 1.13 
2 1 C A ARG 5 ? B N A LYS 6 ? ? 1.12 
# 
_pdbx_struct_special_symmetry.id              1 
_pdbx_struct_special_symmetry.PDB_model_num   1 
_pdbx_struct_special_symmetry.auth_asym_id    A 
_pdbx_struct_special_symmetry.auth_comp_id    HOH 
_pdbx_struct_special_symmetry.auth_seq_id     303 
_pdbx_struct_special_symmetry.PDB_ins_code    ? 
_pdbx_struct_special_symmetry.label_asym_id   B 
_pdbx_struct_special_symmetry.label_comp_id   HOH 
_pdbx_struct_special_symmetry.label_seq_id    . 
# 
loop_
_chem_comp_atom.comp_id 
_chem_comp_atom.atom_id 
_chem_comp_atom.type_symbol 
_chem_comp_atom.pdbx_aromatic_flag 
_chem_comp_atom.pdbx_stereo_config 
_chem_comp_atom.pdbx_ordinal 
ALA N    N N N 1   
ALA CA   C N S 2   
ALA C    C N N 3   
ALA O    O N N 4   
ALA CB   C N N 5   
ALA OXT  O N N 6   
ALA H    H N N 7   
ALA H2   H N N 8   
ALA HA   H N N 9   
ALA HB1  H N N 10  
ALA HB2  H N N 11  
ALA HB3  H N N 12  
ALA HXT  H N N 13  
ARG N    N N N 14  
ARG CA   C N S 15  
ARG C    C N N 16  
ARG O    O N N 17  
ARG CB   C N N 18  
ARG CG   C N N 19  
ARG CD   C N N 20  
ARG NE   N N N 21  
ARG CZ   C N N 22  
ARG NH1  N N N 23  
ARG NH2  N N N 24  
ARG OXT  O N N 25  
ARG H    H N N 26  
ARG H2   H N N 27  
ARG HA   H N N 28  
ARG HB2  H N N 29  
ARG HB3  H N N 30  
ARG HG2  H N N 31  
ARG HG3  H N N 32  
ARG HD2  H N N 33  
ARG HD3  H N N 34  
ARG HE   H N N 35  
ARG HH11 H N N 36  
ARG HH12 H N N 37  
ARG HH21 H N N 38  
ARG HH22 H N N 39  
ARG HXT  H N N 40  
ASN N    N N N 41  
ASN CA   C N S 42  
ASN C    C N N 43  
ASN O    O N N 44  
ASN CB   C N N 45  
ASN CG   C N N 46  
ASN OD1  O N N 47  
ASN ND2  N N N 48  
ASN OXT  O N N 49  
ASN H    H N N 50  
ASN H2   H N N 51  
ASN HA   H N N 52  
ASN HB2  H N N 53  
ASN HB3  H N N 54  
ASN HD21 H N N 55  
ASN HD22 H N N 56  
ASN HXT  H N N 57  
ASP N    N N N 58  
ASP CA   C N S 59  
ASP C    C N N 60  
ASP O    O N N 61  
ASP CB   C N N 62  
ASP CG   C N N 63  
ASP OD1  O N N 64  
ASP OD2  O N N 65  
ASP OXT  O N N 66  
ASP H    H N N 67  
ASP H2   H N N 68  
ASP HA   H N N 69  
ASP HB2  H N N 70  
ASP HB3  H N N 71  
ASP HD2  H N N 72  
ASP HXT  H N N 73  
CYS N    N N N 74  
CYS CA   C N R 75  
CYS C    C N N 76  
CYS O    O N N 77  
CYS CB   C N N 78  
CYS SG   S N N 79  
CYS OXT  O N N 80  
CYS H    H N N 81  
CYS H2   H N N 82  
CYS HA   H N N 83  
CYS HB2  H N N 84  
CYS HB3  H N N 85  
CYS HG   H N N 86  
CYS HXT  H N N 87  
GLN N    N N N 88  
GLN CA   C N S 89  
GLN C    C N N 90  
GLN O    O N N 91  
GLN CB   C N N 92  
GLN CG   C N N 93  
GLN CD   C N N 94  
GLN OE1  O N N 95  
GLN NE2  N N N 96  
GLN OXT  O N N 97  
GLN H    H N N 98  
GLN H2   H N N 99  
GLN HA   H N N 100 
GLN HB2  H N N 101 
GLN HB3  H N N 102 
GLN HG2  H N N 103 
GLN HG3  H N N 104 
GLN HE21 H N N 105 
GLN HE22 H N N 106 
GLN HXT  H N N 107 
GLU N    N N N 108 
GLU CA   C N S 109 
GLU C    C N N 110 
GLU O    O N N 111 
GLU CB   C N N 112 
GLU CG   C N N 113 
GLU CD   C N N 114 
GLU OE1  O N N 115 
GLU OE2  O N N 116 
GLU OXT  O N N 117 
GLU H    H N N 118 
GLU H2   H N N 119 
GLU HA   H N N 120 
GLU HB2  H N N 121 
GLU HB3  H N N 122 
GLU HG2  H N N 123 
GLU HG3  H N N 124 
GLU HE2  H N N 125 
GLU HXT  H N N 126 
GLY N    N N N 127 
GLY CA   C N N 128 
GLY C    C N N 129 
GLY O    O N N 130 
GLY OXT  O N N 131 
GLY H    H N N 132 
GLY H2   H N N 133 
GLY HA2  H N N 134 
GLY HA3  H N N 135 
GLY HXT  H N N 136 
HIS N    N N N 137 
HIS CA   C N S 138 
HIS C    C N N 139 
HIS O    O N N 140 
HIS CB   C N N 141 
HIS CG   C Y N 142 
HIS ND1  N Y N 143 
HIS CD2  C Y N 144 
HIS CE1  C Y N 145 
HIS NE2  N Y N 146 
HIS OXT  O N N 147 
HIS H    H N N 148 
HIS H2   H N N 149 
HIS HA   H N N 150 
HIS HB2  H N N 151 
HIS HB3  H N N 152 
HIS HD1  H N N 153 
HIS HD2  H N N 154 
HIS HE1  H N N 155 
HIS HE2  H N N 156 
HIS HXT  H N N 157 
HOH O    O N N 158 
HOH H1   H N N 159 
HOH H2   H N N 160 
ILE N    N N N 161 
ILE CA   C N S 162 
ILE C    C N N 163 
ILE O    O N N 164 
ILE CB   C N S 165 
ILE CG1  C N N 166 
ILE CG2  C N N 167 
ILE CD1  C N N 168 
ILE OXT  O N N 169 
ILE H    H N N 170 
ILE H2   H N N 171 
ILE HA   H N N 172 
ILE HB   H N N 173 
ILE HG12 H N N 174 
ILE HG13 H N N 175 
ILE HG21 H N N 176 
ILE HG22 H N N 177 
ILE HG23 H N N 178 
ILE HD11 H N N 179 
ILE HD12 H N N 180 
ILE HD13 H N N 181 
ILE HXT  H N N 182 
LEU N    N N N 183 
LEU CA   C N S 184 
LEU C    C N N 185 
LEU O    O N N 186 
LEU CB   C N N 187 
LEU CG   C N N 188 
LEU CD1  C N N 189 
LEU CD2  C N N 190 
LEU OXT  O N N 191 
LEU H    H N N 192 
LEU H2   H N N 193 
LEU HA   H N N 194 
LEU HB2  H N N 195 
LEU HB3  H N N 196 
LEU HG   H N N 197 
LEU HD11 H N N 198 
LEU HD12 H N N 199 
LEU HD13 H N N 200 
LEU HD21 H N N 201 
LEU HD22 H N N 202 
LEU HD23 H N N 203 
LEU HXT  H N N 204 
LYS N    N N N 205 
LYS CA   C N S 206 
LYS C    C N N 207 
LYS O    O N N 208 
LYS CB   C N N 209 
LYS CG   C N N 210 
LYS CD   C N N 211 
LYS CE   C N N 212 
LYS NZ   N N N 213 
LYS OXT  O N N 214 
LYS H    H N N 215 
LYS H2   H N N 216 
LYS HA   H N N 217 
LYS HB2  H N N 218 
LYS HB3  H N N 219 
LYS HG2  H N N 220 
LYS HG3  H N N 221 
LYS HD2  H N N 222 
LYS HD3  H N N 223 
LYS HE2  H N N 224 
LYS HE3  H N N 225 
LYS HZ1  H N N 226 
LYS HZ2  H N N 227 
LYS HZ3  H N N 228 
LYS HXT  H N N 229 
MET N    N N N 230 
MET CA   C N S 231 
MET C    C N N 232 
MET O    O N N 233 
MET CB   C N N 234 
MET CG   C N N 235 
MET SD   S N N 236 
MET CE   C N N 237 
MET OXT  O N N 238 
MET H    H N N 239 
MET H2   H N N 240 
MET HA   H N N 241 
MET HB2  H N N 242 
MET HB3  H N N 243 
MET HG2  H N N 244 
MET HG3  H N N 245 
MET HE1  H N N 246 
MET HE2  H N N 247 
MET HE3  H N N 248 
MET HXT  H N N 249 
PHE N    N N N 250 
PHE CA   C N S 251 
PHE C    C N N 252 
PHE O    O N N 253 
PHE CB   C N N 254 
PHE CG   C Y N 255 
PHE CD1  C Y N 256 
PHE CD2  C Y N 257 
PHE CE1  C Y N 258 
PHE CE2  C Y N 259 
PHE CZ   C Y N 260 
PHE OXT  O N N 261 
PHE H    H N N 262 
PHE H2   H N N 263 
PHE HA   H N N 264 
PHE HB2  H N N 265 
PHE HB3  H N N 266 
PHE HD1  H N N 267 
PHE HD2  H N N 268 
PHE HE1  H N N 269 
PHE HE2  H N N 270 
PHE HZ   H N N 271 
PHE HXT  H N N 272 
PRO N    N N N 273 
PRO CA   C N S 274 
PRO C    C N N 275 
PRO O    O N N 276 
PRO CB   C N N 277 
PRO CG   C N N 278 
PRO CD   C N N 279 
PRO OXT  O N N 280 
PRO H    H N N 281 
PRO HA   H N N 282 
PRO HB2  H N N 283 
PRO HB3  H N N 284 
PRO HG2  H N N 285 
PRO HG3  H N N 286 
PRO HD2  H N N 287 
PRO HD3  H N N 288 
PRO HXT  H N N 289 
SER N    N N N 290 
SER CA   C N S 291 
SER C    C N N 292 
SER O    O N N 293 
SER CB   C N N 294 
SER OG   O N N 295 
SER OXT  O N N 296 
SER H    H N N 297 
SER H2   H N N 298 
SER HA   H N N 299 
SER HB2  H N N 300 
SER HB3  H N N 301 
SER HG   H N N 302 
SER HXT  H N N 303 
THR N    N N N 304 
THR CA   C N S 305 
THR C    C N N 306 
THR O    O N N 307 
THR CB   C N R 308 
THR OG1  O N N 309 
THR CG2  C N N 310 
THR OXT  O N N 311 
THR H    H N N 312 
THR H2   H N N 313 
THR HA   H N N 314 
THR HB   H N N 315 
THR HG1  H N N 316 
THR HG21 H N N 317 
THR HG22 H N N 318 
THR HG23 H N N 319 
THR HXT  H N N 320 
TRP N    N N N 321 
TRP CA   C N S 322 
TRP C    C N N 323 
TRP O    O N N 324 
TRP CB   C N N 325 
TRP CG   C Y N 326 
TRP CD1  C Y N 327 
TRP CD2  C Y N 328 
TRP NE1  N Y N 329 
TRP CE2  C Y N 330 
TRP CE3  C Y N 331 
TRP CZ2  C Y N 332 
TRP CZ3  C Y N 333 
TRP CH2  C Y N 334 
TRP OXT  O N N 335 
TRP H    H N N 336 
TRP H2   H N N 337 
TRP HA   H N N 338 
TRP HB2  H N N 339 
TRP HB3  H N N 340 
TRP HD1  H N N 341 
TRP HE1  H N N 342 
TRP HE3  H N N 343 
TRP HZ2  H N N 344 
TRP HZ3  H N N 345 
TRP HH2  H N N 346 
TRP HXT  H N N 347 
TYR N    N N N 348 
TYR CA   C N S 349 
TYR C    C N N 350 
TYR O    O N N 351 
TYR CB   C N N 352 
TYR CG   C Y N 353 
TYR CD1  C Y N 354 
TYR CD2  C Y N 355 
TYR CE1  C Y N 356 
TYR CE2  C Y N 357 
TYR CZ   C Y N 358 
TYR OH   O N N 359 
TYR OXT  O N N 360 
TYR H    H N N 361 
TYR H2   H N N 362 
TYR HA   H N N 363 
TYR HB2  H N N 364 
TYR HB3  H N N 365 
TYR HD1  H N N 366 
TYR HD2  H N N 367 
TYR HE1  H N N 368 
TYR HE2  H N N 369 
TYR HH   H N N 370 
TYR HXT  H N N 371 
VAL N    N N N 372 
VAL CA   C N S 373 
VAL C    C N N 374 
VAL O    O N N 375 
VAL CB   C N N 376 
VAL CG1  C N N 377 
VAL CG2  C N N 378 
VAL OXT  O N N 379 
VAL H    H N N 380 
VAL H2   H N N 381 
VAL HA   H N N 382 
VAL HB   H N N 383 
VAL HG11 H N N 384 
VAL HG12 H N N 385 
VAL HG13 H N N 386 
VAL HG21 H N N 387 
VAL HG22 H N N 388 
VAL HG23 H N N 389 
VAL HXT  H N N 390 
# 
loop_
_chem_comp_bond.comp_id 
_chem_comp_bond.atom_id_1 
_chem_comp_bond.atom_id_2 
_chem_comp_bond.value_order 
_chem_comp_bond.pdbx_aromatic_flag 
_chem_comp_bond.pdbx_stereo_config 
_chem_comp_bond.pdbx_ordinal 
ALA N   CA   sing N N 1   
ALA N   H    sing N N 2   
ALA N   H2   sing N N 3   
ALA CA  C    sing N N 4   
ALA CA  CB   sing N N 5   
ALA CA  HA   sing N N 6   
ALA C   O    doub N N 7   
ALA C   OXT  sing N N 8   
ALA CB  HB1  sing N N 9   
ALA CB  HB2  sing N N 10  
ALA CB  HB3  sing N N 11  
ALA OXT HXT  sing N N 12  
ARG N   CA   sing N N 13  
ARG N   H    sing N N 14  
ARG N   H2   sing N N 15  
ARG CA  C    sing N N 16  
ARG CA  CB   sing N N 17  
ARG CA  HA   sing N N 18  
ARG C   O    doub N N 19  
ARG C   OXT  sing N N 20  
ARG CB  CG   sing N N 21  
ARG CB  HB2  sing N N 22  
ARG CB  HB3  sing N N 23  
ARG CG  CD   sing N N 24  
ARG CG  HG2  sing N N 25  
ARG CG  HG3  sing N N 26  
ARG CD  NE   sing N N 27  
ARG CD  HD2  sing N N 28  
ARG CD  HD3  sing N N 29  
ARG NE  CZ   sing N N 30  
ARG NE  HE   sing N N 31  
ARG CZ  NH1  sing N N 32  
ARG CZ  NH2  doub N N 33  
ARG NH1 HH11 sing N N 34  
ARG NH1 HH12 sing N N 35  
ARG NH2 HH21 sing N N 36  
ARG NH2 HH22 sing N N 37  
ARG OXT HXT  sing N N 38  
ASN N   CA   sing N N 39  
ASN N   H    sing N N 40  
ASN N   H2   sing N N 41  
ASN CA  C    sing N N 42  
ASN CA  CB   sing N N 43  
ASN CA  HA   sing N N 44  
ASN C   O    doub N N 45  
ASN C   OXT  sing N N 46  
ASN CB  CG   sing N N 47  
ASN CB  HB2  sing N N 48  
ASN CB  HB3  sing N N 49  
ASN CG  OD1  doub N N 50  
ASN CG  ND2  sing N N 51  
ASN ND2 HD21 sing N N 52  
ASN ND2 HD22 sing N N 53  
ASN OXT HXT  sing N N 54  
ASP N   CA   sing N N 55  
ASP N   H    sing N N 56  
ASP N   H2   sing N N 57  
ASP CA  C    sing N N 58  
ASP CA  CB   sing N N 59  
ASP CA  HA   sing N N 60  
ASP C   O    doub N N 61  
ASP C   OXT  sing N N 62  
ASP CB  CG   sing N N 63  
ASP CB  HB2  sing N N 64  
ASP CB  HB3  sing N N 65  
ASP CG  OD1  doub N N 66  
ASP CG  OD2  sing N N 67  
ASP OD2 HD2  sing N N 68  
ASP OXT HXT  sing N N 69  
CYS N   CA   sing N N 70  
CYS N   H    sing N N 71  
CYS N   H2   sing N N 72  
CYS CA  C    sing N N 73  
CYS CA  CB   sing N N 74  
CYS CA  HA   sing N N 75  
CYS C   O    doub N N 76  
CYS C   OXT  sing N N 77  
CYS CB  SG   sing N N 78  
CYS CB  HB2  sing N N 79  
CYS CB  HB3  sing N N 80  
CYS SG  HG   sing N N 81  
CYS OXT HXT  sing N N 82  
GLN N   CA   sing N N 83  
GLN N   H    sing N N 84  
GLN N   H2   sing N N 85  
GLN CA  C    sing N N 86  
GLN CA  CB   sing N N 87  
GLN CA  HA   sing N N 88  
GLN C   O    doub N N 89  
GLN C   OXT  sing N N 90  
GLN CB  CG   sing N N 91  
GLN CB  HB2  sing N N 92  
GLN CB  HB3  sing N N 93  
GLN CG  CD   sing N N 94  
GLN CG  HG2  sing N N 95  
GLN CG  HG3  sing N N 96  
GLN CD  OE1  doub N N 97  
GLN CD  NE2  sing N N 98  
GLN NE2 HE21 sing N N 99  
GLN NE2 HE22 sing N N 100 
GLN OXT HXT  sing N N 101 
GLU N   CA   sing N N 102 
GLU N   H    sing N N 103 
GLU N   H2   sing N N 104 
GLU CA  C    sing N N 105 
GLU CA  CB   sing N N 106 
GLU CA  HA   sing N N 107 
GLU C   O    doub N N 108 
GLU C   OXT  sing N N 109 
GLU CB  CG   sing N N 110 
GLU CB  HB2  sing N N 111 
GLU CB  HB3  sing N N 112 
GLU CG  CD   sing N N 113 
GLU CG  HG2  sing N N 114 
GLU CG  HG3  sing N N 115 
GLU CD  OE1  doub N N 116 
GLU CD  OE2  sing N N 117 
GLU OE2 HE2  sing N N 118 
GLU OXT HXT  sing N N 119 
GLY N   CA   sing N N 120 
GLY N   H    sing N N 121 
GLY N   H2   sing N N 122 
GLY CA  C    sing N N 123 
GLY CA  HA2  sing N N 124 
GLY CA  HA3  sing N N 125 
GLY C   O    doub N N 126 
GLY C   OXT  sing N N 127 
GLY OXT HXT  sing N N 128 
HIS N   CA   sing N N 129 
HIS N   H    sing N N 130 
HIS N   H2   sing N N 131 
HIS CA  C    sing N N 132 
HIS CA  CB   sing N N 133 
HIS CA  HA   sing N N 134 
HIS C   O    doub N N 135 
HIS C   OXT  sing N N 136 
HIS CB  CG   sing N N 137 
HIS CB  HB2  sing N N 138 
HIS CB  HB3  sing N N 139 
HIS CG  ND1  sing Y N 140 
HIS CG  CD2  doub Y N 141 
HIS ND1 CE1  doub Y N 142 
HIS ND1 HD1  sing N N 143 
HIS CD2 NE2  sing Y N 144 
HIS CD2 HD2  sing N N 145 
HIS CE1 NE2  sing Y N 146 
HIS CE1 HE1  sing N N 147 
HIS NE2 HE2  sing N N 148 
HIS OXT HXT  sing N N 149 
HOH O   H1   sing N N 150 
HOH O   H2   sing N N 151 
ILE N   CA   sing N N 152 
ILE N   H    sing N N 153 
ILE N   H2   sing N N 154 
ILE CA  C    sing N N 155 
ILE CA  CB   sing N N 156 
ILE CA  HA   sing N N 157 
ILE C   O    doub N N 158 
ILE C   OXT  sing N N 159 
ILE CB  CG1  sing N N 160 
ILE CB  CG2  sing N N 161 
ILE CB  HB   sing N N 162 
ILE CG1 CD1  sing N N 163 
ILE CG1 HG12 sing N N 164 
ILE CG1 HG13 sing N N 165 
ILE CG2 HG21 sing N N 166 
ILE CG2 HG22 sing N N 167 
ILE CG2 HG23 sing N N 168 
ILE CD1 HD11 sing N N 169 
ILE CD1 HD12 sing N N 170 
ILE CD1 HD13 sing N N 171 
ILE OXT HXT  sing N N 172 
LEU N   CA   sing N N 173 
LEU N   H    sing N N 174 
LEU N   H2   sing N N 175 
LEU CA  C    sing N N 176 
LEU CA  CB   sing N N 177 
LEU CA  HA   sing N N 178 
LEU C   O    doub N N 179 
LEU C   OXT  sing N N 180 
LEU CB  CG   sing N N 181 
LEU CB  HB2  sing N N 182 
LEU CB  HB3  sing N N 183 
LEU CG  CD1  sing N N 184 
LEU CG  CD2  sing N N 185 
LEU CG  HG   sing N N 186 
LEU CD1 HD11 sing N N 187 
LEU CD1 HD12 sing N N 188 
LEU CD1 HD13 sing N N 189 
LEU CD2 HD21 sing N N 190 
LEU CD2 HD22 sing N N 191 
LEU CD2 HD23 sing N N 192 
LEU OXT HXT  sing N N 193 
LYS N   CA   sing N N 194 
LYS N   H    sing N N 195 
LYS N   H2   sing N N 196 
LYS CA  C    sing N N 197 
LYS CA  CB   sing N N 198 
LYS CA  HA   sing N N 199 
LYS C   O    doub N N 200 
LYS C   OXT  sing N N 201 
LYS CB  CG   sing N N 202 
LYS CB  HB2  sing N N 203 
LYS CB  HB3  sing N N 204 
LYS CG  CD   sing N N 205 
LYS CG  HG2  sing N N 206 
LYS CG  HG3  sing N N 207 
LYS CD  CE   sing N N 208 
LYS CD  HD2  sing N N 209 
LYS CD  HD3  sing N N 210 
LYS CE  NZ   sing N N 211 
LYS CE  HE2  sing N N 212 
LYS CE  HE3  sing N N 213 
LYS NZ  HZ1  sing N N 214 
LYS NZ  HZ2  sing N N 215 
LYS NZ  HZ3  sing N N 216 
LYS OXT HXT  sing N N 217 
MET N   CA   sing N N 218 
MET N   H    sing N N 219 
MET N   H2   sing N N 220 
MET CA  C    sing N N 221 
MET CA  CB   sing N N 222 
MET CA  HA   sing N N 223 
MET C   O    doub N N 224 
MET C   OXT  sing N N 225 
MET CB  CG   sing N N 226 
MET CB  HB2  sing N N 227 
MET CB  HB3  sing N N 228 
MET CG  SD   sing N N 229 
MET CG  HG2  sing N N 230 
MET CG  HG3  sing N N 231 
MET SD  CE   sing N N 232 
MET CE  HE1  sing N N 233 
MET CE  HE2  sing N N 234 
MET CE  HE3  sing N N 235 
MET OXT HXT  sing N N 236 
PHE N   CA   sing N N 237 
PHE N   H    sing N N 238 
PHE N   H2   sing N N 239 
PHE CA  C    sing N N 240 
PHE CA  CB   sing N N 241 
PHE CA  HA   sing N N 242 
PHE C   O    doub N N 243 
PHE C   OXT  sing N N 244 
PHE CB  CG   sing N N 245 
PHE CB  HB2  sing N N 246 
PHE CB  HB3  sing N N 247 
PHE CG  CD1  doub Y N 248 
PHE CG  CD2  sing Y N 249 
PHE CD1 CE1  sing Y N 250 
PHE CD1 HD1  sing N N 251 
PHE CD2 CE2  doub Y N 252 
PHE CD2 HD2  sing N N 253 
PHE CE1 CZ   doub Y N 254 
PHE CE1 HE1  sing N N 255 
PHE CE2 CZ   sing Y N 256 
PHE CE2 HE2  sing N N 257 
PHE CZ  HZ   sing N N 258 
PHE OXT HXT  sing N N 259 
PRO N   CA   sing N N 260 
PRO N   CD   sing N N 261 
PRO N   H    sing N N 262 
PRO CA  C    sing N N 263 
PRO CA  CB   sing N N 264 
PRO CA  HA   sing N N 265 
PRO C   O    doub N N 266 
PRO C   OXT  sing N N 267 
PRO CB  CG   sing N N 268 
PRO CB  HB2  sing N N 269 
PRO CB  HB3  sing N N 270 
PRO CG  CD   sing N N 271 
PRO CG  HG2  sing N N 272 
PRO CG  HG3  sing N N 273 
PRO CD  HD2  sing N N 274 
PRO CD  HD3  sing N N 275 
PRO OXT HXT  sing N N 276 
SER N   CA   sing N N 277 
SER N   H    sing N N 278 
SER N   H2   sing N N 279 
SER CA  C    sing N N 280 
SER CA  CB   sing N N 281 
SER CA  HA   sing N N 282 
SER C   O    doub N N 283 
SER C   OXT  sing N N 284 
SER CB  OG   sing N N 285 
SER CB  HB2  sing N N 286 
SER CB  HB3  sing N N 287 
SER OG  HG   sing N N 288 
SER OXT HXT  sing N N 289 
THR N   CA   sing N N 290 
THR N   H    sing N N 291 
THR N   H2   sing N N 292 
THR CA  C    sing N N 293 
THR CA  CB   sing N N 294 
THR CA  HA   sing N N 295 
THR C   O    doub N N 296 
THR C   OXT  sing N N 297 
THR CB  OG1  sing N N 298 
THR CB  CG2  sing N N 299 
THR CB  HB   sing N N 300 
THR OG1 HG1  sing N N 301 
THR CG2 HG21 sing N N 302 
THR CG2 HG22 sing N N 303 
THR CG2 HG23 sing N N 304 
THR OXT HXT  sing N N 305 
TRP N   CA   sing N N 306 
TRP N   H    sing N N 307 
TRP N   H2   sing N N 308 
TRP CA  C    sing N N 309 
TRP CA  CB   sing N N 310 
TRP CA  HA   sing N N 311 
TRP C   O    doub N N 312 
TRP C   OXT  sing N N 313 
TRP CB  CG   sing N N 314 
TRP CB  HB2  sing N N 315 
TRP CB  HB3  sing N N 316 
TRP CG  CD1  doub Y N 317 
TRP CG  CD2  sing Y N 318 
TRP CD1 NE1  sing Y N 319 
TRP CD1 HD1  sing N N 320 
TRP CD2 CE2  doub Y N 321 
TRP CD2 CE3  sing Y N 322 
TRP NE1 CE2  sing Y N 323 
TRP NE1 HE1  sing N N 324 
TRP CE2 CZ2  sing Y N 325 
TRP CE3 CZ3  doub Y N 326 
TRP CE3 HE3  sing N N 327 
TRP CZ2 CH2  doub Y N 328 
TRP CZ2 HZ2  sing N N 329 
TRP CZ3 CH2  sing Y N 330 
TRP CZ3 HZ3  sing N N 331 
TRP CH2 HH2  sing N N 332 
TRP OXT HXT  sing N N 333 
TYR N   CA   sing N N 334 
TYR N   H    sing N N 335 
TYR N   H2   sing N N 336 
TYR CA  C    sing N N 337 
TYR CA  CB   sing N N 338 
TYR CA  HA   sing N N 339 
TYR C   O    doub N N 340 
TYR C   OXT  sing N N 341 
TYR CB  CG   sing N N 342 
TYR CB  HB2  sing N N 343 
TYR CB  HB3  sing N N 344 
TYR CG  CD1  doub Y N 345 
TYR CG  CD2  sing Y N 346 
TYR CD1 CE1  sing Y N 347 
TYR CD1 HD1  sing N N 348 
TYR CD2 CE2  doub Y N 349 
TYR CD2 HD2  sing N N 350 
TYR CE1 CZ   doub Y N 351 
TYR CE1 HE1  sing N N 352 
TYR CE2 CZ   sing Y N 353 
TYR CE2 HE2  sing N N 354 
TYR CZ  OH   sing N N 355 
TYR OH  HH   sing N N 356 
TYR OXT HXT  sing N N 357 
VAL N   CA   sing N N 358 
VAL N   H    sing N N 359 
VAL N   H2   sing N N 360 
VAL CA  C    sing N N 361 
VAL CA  CB   sing N N 362 
VAL CA  HA   sing N N 363 
VAL C   O    doub N N 364 
VAL C   OXT  sing N N 365 
VAL CB  CG1  sing N N 366 
VAL CB  CG2  sing N N 367 
VAL CB  HB   sing N N 368 
VAL CG1 HG11 sing N N 369 
VAL CG1 HG12 sing N N 370 
VAL CG1 HG13 sing N N 371 
VAL CG2 HG21 sing N N 372 
VAL CG2 HG22 sing N N 373 
VAL CG2 HG23 sing N N 374 
VAL OXT HXT  sing N N 375 
# 
_pdbx_initial_refinement_model.id               1 
_pdbx_initial_refinement_model.entity_id_list   ? 
_pdbx_initial_refinement_model.type             'experimental model' 
_pdbx_initial_refinement_model.source_name      PDB 
_pdbx_initial_refinement_model.accession_code   2Y9W 
_pdbx_initial_refinement_model.details          ? 
# 
_atom_sites.entry_id                    5EHA 
_atom_sites.fract_transf_matrix[1][1]   -0.01715204 
_atom_sites.fract_transf_matrix[1][2]   0.00504163 
_atom_sites.fract_transf_matrix[1][3]   0.00473212 
_atom_sites.fract_transf_matrix[2][1]   -0.00605094 
_atom_sites.fract_transf_matrix[2][2]   -0.00959608 
_atom_sites.fract_transf_matrix[2][3]   -0.01170851 
_atom_sites.fract_transf_matrix[3][1]   -0.00597723 
_atom_sites.fract_transf_matrix[3][2]   -0.01135566 
_atom_sites.fract_transf_matrix[3][3]   0.01239591 
_atom_sites.fract_transf_vector[1]      -1.649113 
_atom_sites.fract_transf_vector[2]      -1.162510 
_atom_sites.fract_transf_vector[3]      0.255471 
# 
loop_
_atom_type.symbol 
C 
N 
O 
S 
# 
loop_
_atom_site.group_PDB 
_atom_site.id 
_atom_site.type_symbol 
_atom_site.label_atom_id 
_atom_site.label_alt_id 
_atom_site.label_comp_id 
_atom_site.label_asym_id 
_atom_site.label_entity_id 
_atom_site.label_seq_id 
_atom_site.pdbx_PDB_ins_code 
_atom_site.Cartn_x 
_atom_site.Cartn_y 
_atom_site.Cartn_z 
_atom_site.occupancy 
_atom_site.B_iso_or_equiv 
_atom_site.pdbx_formal_charge 
_atom_site.auth_seq_id 
_atom_site.auth_comp_id 
_atom_site.auth_asym_id 
_atom_site.auth_atom_id 
_atom_site.pdbx_PDB_model_num 
ATOM   1    N N   . ALA A 1 1   ? -10.953 -6.726  -12.546 1.00 53.91 ? 4   ALA A N   1 
ATOM   2    C CA  . ALA A 1 1   ? -9.855  -6.453  -13.457 1.00 54.94 ? 4   ALA A CA  1 
ATOM   3    C C   . ALA A 1 1   ? -9.629  -4.917  -13.573 1.00 57.73 ? 4   ALA A C   1 
ATOM   4    O O   . ALA A 1 1   ? -8.487  -4.464  -13.615 1.00 53.20 ? 4   ALA A O   1 
ATOM   5    C CB  . ALA A 1 1   ? -10.178 -6.982  -14.815 1.00 61.60 ? 4   ALA A CB  1 
ATOM   6    N N   A ARG A 1 2   ? -10.426 -4.004  -14.066 0.50 43.27 ? 5   ARG A N   1 
ATOM   7    N N   B ARG A 1 2   ? -10.358 -4.148  -13.957 0.50 43.27 ? 5   ARG A N   1 
ATOM   8    C CA  A ARG A 1 2   ? -10.412 -2.652  -13.593 0.50 39.46 ? 5   ARG A CA  1 
ATOM   9    C CA  B ARG A 1 2   ? -10.288 -2.836  -13.429 0.50 39.46 ? 5   ARG A CA  1 
ATOM   10   C C   A ARG A 1 2   ? -11.139 -2.650  -12.234 0.50 33.71 ? 5   ARG A C   1 
ATOM   11   C C   B ARG A 1 2   ? -11.168 -2.833  -12.192 0.50 33.71 ? 5   ARG A C   1 
ATOM   12   O O   A ARG A 1 2   ? -11.413 -1.645  -11.670 0.50 36.29 ? 5   ARG A O   1 
ATOM   13   O O   B ARG A 1 2   ? -11.418 -1.820  -11.614 0.50 36.29 ? 5   ARG A O   1 
ATOM   14   C CB  A ARG A 1 2   ? -11.061 -1.757  -14.652 0.50 20.00 ? 5   ARG A CB  1 
ATOM   15   C CB  B ARG A 1 2   ? -10.685 -1.849  -14.493 0.50 20.00 ? 5   ARG A CB  1 
ATOM   16   C CG  A ARG A 1 2   ? -10.356 -1.890  -16.001 0.50 20.00 ? 5   ARG A CG  1 
ATOM   17   C CG  B ARG A 1 2   ? -12.145 -1.606  -14.627 0.50 20.00 ? 5   ARG A CG  1 
ATOM   18   C CD  A ARG A 1 2   ? -11.121 -1.352  -17.209 0.50 20.00 ? 5   ARG A CD  1 
ATOM   19   C CD  B ARG A 1 2   ? -12.334 -0.222  -15.196 0.50 20.00 ? 5   ARG A CD  1 
ATOM   20   N NE  A ARG A 1 2   ? -10.537 -1.707  -18.529 0.50 20.00 ? 5   ARG A NE  1 
ATOM   21   N NE  B ARG A 1 2   ? -12.348 0.755   -14.126 0.50 20.00 ? 5   ARG A NE  1 
ATOM   22   C CZ  A ARG A 1 2   ? -10.617 -0.970  -19.645 0.50 20.00 ? 5   ARG A CZ  1 
ATOM   23   C CZ  B ARG A 1 2   ? -12.681 2.011   -14.295 0.50 20.00 ? 5   ARG A CZ  1 
ATOM   24   N NH1 A ARG A 1 2   ? -11.255 0.198   -19.664 0.50 20.00 ? 5   ARG A NH1 1 
ATOM   25   N NH1 B ARG A 1 2   ? -13.011 2.423   -15.506 0.50 20.00 ? 5   ARG A NH1 1 
ATOM   26   N NH2 A ARG A 1 2   ? -10.049 -1.409  -20.765 0.50 20.00 ? 5   ARG A NH2 1 
ATOM   27   N NH2 B ARG A 1 2   ? -12.671 2.854   -13.269 0.50 20.00 ? 5   ARG A NH2 1 
ATOM   28   N N   . LYS A 1 3   ? -11.375 -3.821  -11.699 1.00 36.24 ? 6   LYS A N   1 
ATOM   29   C CA  . LYS A 1 3   ? -12.008 -4.089  -10.406 1.00 33.74 ? 6   LYS A CA  1 
ATOM   30   C C   . LYS A 1 3   ? -11.042 -4.201  -9.220  1.00 29.77 ? 6   LYS A C   1 
ATOM   31   O O   . LYS A 1 3   ? -10.123 -4.963  -9.258  1.00 30.56 ? 6   LYS A O   1 
ATOM   32   C CB  . LYS A 1 3   ? -12.868 -5.337  -10.463 1.00 42.03 ? 6   LYS A CB  1 
ATOM   33   C CG  . LYS A 1 3   ? -14.341 -5.032  -10.568 1.00 54.62 ? 6   LYS A CG  1 
ATOM   34   C CD  . LYS A 1 3   ? -15.106 -6.186  -11.155 1.00 64.87 ? 6   LYS A CD  1 
ATOM   35   C CE  . LYS A 1 3   ? -16.030 -5.748  -12.273 1.00 71.96 ? 6   LYS A CE  1 
ATOM   36   N NZ  . LYS A 1 3   ? -17.038 -4.781  -11.790 1.00 72.85 ? 6   LYS A NZ  1 
ATOM   37   N N   . ILE A 1 4   ? -11.310 -3.445  -8.172  1.00 25.24 ? 7   ILE A N   1 
ATOM   38   C CA  . ILE A 1 4   ? -10.493 -3.523  -6.961  1.00 23.01 ? 7   ILE A CA  1 
ATOM   39   C C   . ILE A 1 4   ? -10.909 -4.779  -6.175  1.00 20.57 ? 7   ILE A C   1 
ATOM   40   O O   . ILE A 1 4   ? -12.049 -4.951  -5.947  1.00 22.46 ? 7   ILE A O   1 
ATOM   41   C CB  . ILE A 1 4   ? -10.664 -2.254  -6.112  1.00 22.86 ? 7   ILE A CB  1 
ATOM   42   C CG1 . ILE A 1 4   ? -10.333 -1.000  -6.911  1.00 23.89 ? 7   ILE A CG1 1 
ATOM   43   C CG2 . ILE A 1 4   ? -9.827  -2.346  -4.859  1.00 22.72 ? 7   ILE A CG2 1 
ATOM   44   C CD1 . ILE A 1 4   ? -10.807 0.258   -6.259  1.00 26.51 ? 7   ILE A CD1 1 
ATOM   45   N N   . PRO A 1 5   ? -9.987  -5.639  -5.799  1.00 20.58 ? 8   PRO A N   1 
ATOM   46   C CA  . PRO A 1 5   ? -10.381 -6.905  -5.078  1.00 22.00 ? 8   PRO A CA  1 
ATOM   47   C C   . PRO A 1 5   ? -10.624 -6.644  -3.607  1.00 22.17 ? 8   PRO A C   1 
ATOM   48   O O   . PRO A 1 5   ? -9.746  -6.396  -2.846  1.00 23.96 ? 8   PRO A O   1 
ATOM   49   C CB  . PRO A 1 5   ? -9.223  -7.789  -5.307  1.00 22.48 ? 8   PRO A CB  1 
ATOM   50   C CG  . PRO A 1 5   ? -8.106  -6.871  -5.470  1.00 24.33 ? 8   PRO A CG  1 
ATOM   51   C CD  . PRO A 1 5   ? -8.575  -5.669  -6.191  1.00 23.58 ? 8   PRO A CD  1 
ATOM   52   N N   . LEU A 1 6   ? -11.866 -6.543  -3.235  1.00 21.44 ? 9   LEU A N   1 
ATOM   53   C CA  . LEU A 1 6   ? -12.302 -6.249  -1.859  1.00 19.09 ? 9   LEU A CA  1 
ATOM   54   C C   . LEU A 1 6   ? -12.546 -7.499  -1.113  1.00 17.83 ? 9   LEU A C   1 
ATOM   55   O O   . LEU A 1 6   ? -13.101 -8.489  -1.689  1.00 20.15 ? 9   LEU A O   1 
ATOM   56   C CB  . LEU A 1 6   ? -13.606 -5.427  -1.866  1.00 20.51 ? 9   LEU A CB  1 
ATOM   57   C CG  . LEU A 1 6   ? -13.385 -4.120  -2.634  1.00 21.96 ? 9   LEU A CG  1 
ATOM   58   C CD1 . LEU A 1 6   ? -14.730 -3.398  -2.596  1.00 25.66 ? 9   LEU A CD1 1 
ATOM   59   C CD2 . LEU A 1 6   ? -12.334 -3.224  -2.019  1.00 23.31 ? 9   LEU A CD2 1 
ATOM   60   N N   . ASP A 1 7   ? -12.273 -7.590  0.187   1.00 17.51 ? 10  ASP A N   1 
ATOM   61   C CA  . ASP A 1 7   ? -12.544 -8.650  1.039   1.00 17.72 ? 10  ASP A CA  1 
ATOM   62   C C   . ASP A 1 7   ? -11.970 -9.938  0.534   1.00 17.65 ? 10  ASP A C   1 
ATOM   63   O O   . ASP A 1 7   ? -12.503 -11.046 0.816   1.00 19.60 ? 10  ASP A O   1 
ATOM   64   C CB  . ASP A 1 7   ? -14.064 -8.785  1.283   1.00 20.72 ? 10  ASP A CB  1 
ATOM   65   C CG  . ASP A 1 7   ? -14.537 -7.832  2.341   1.00 27.50 ? 10  ASP A CG  1 
ATOM   66   O OD1 . ASP A 1 7   ? -13.699 -7.122  2.931   1.00 24.86 ? 10  ASP A OD1 1 
ATOM   67   O OD2 . ASP A 1 7   ? -15.759 -7.870  2.743   1.00 30.48 ? 10  ASP A OD2 1 
ATOM   68   N N   . LEU A 1 8   ? -10.714 -9.849  0.060   1.00 16.90 ? 11  LEU A N   1 
ATOM   69   C CA  . LEU A 1 8   ? -9.965  -11.011 -0.419  1.00 18.51 ? 11  LEU A CA  1 
ATOM   70   C C   . LEU A 1 8   ? -8.598  -10.904 0.290   1.00 17.21 ? 11  LEU A C   1 
ATOM   71   O O   . LEU A 1 8   ? -7.674  -10.233 -0.193  1.00 18.47 ? 11  LEU A O   1 
ATOM   72   C CB  . LEU A 1 8   ? -9.850  -10.973 -1.960  1.00 19.51 ? 11  LEU A CB  1 
ATOM   73   C CG  . LEU A 1 8   ? -11.168 -11.266 -2.649  1.00 18.99 ? 11  LEU A CG  1 
ATOM   74   C CD1 . LEU A 1 8   ? -11.059 -10.914 -4.152  1.00 23.19 ? 11  LEU A CD1 1 
ATOM   75   C CD2 . LEU A 1 8   ? -11.653 -12.687 -2.434  1.00 22.31 ? 11  LEU A CD2 1 
ATOM   76   N N   . PRO A 1 9   ? -8.459  -11.520 1.441   1.00 17.07 ? 12  PRO A N   1 
ATOM   77   C CA  . PRO A 1 9   ? -7.282  -11.280 2.274   1.00 16.79 ? 12  PRO A CA  1 
ATOM   78   C C   . PRO A 1 9   ? -5.988  -11.885 1.792   1.00 18.55 ? 12  PRO A C   1 
ATOM   79   O O   . PRO A 1 9   ? -5.009  -11.675 2.411   1.00 20.19 ? 12  PRO A O   1 
ATOM   80   C CB  . PRO A 1 9   ? -7.657  -11.870 3.625   1.00 20.56 ? 12  PRO A CB  1 
ATOM   81   C CG  . PRO A 1 9   ? -9.131  -12.064 3.610   1.00 22.83 ? 12  PRO A CG  1 
ATOM   82   C CD  . PRO A 1 9   ? -9.508  -12.232 2.175   1.00 19.00 ? 12  PRO A CD  1 
ATOM   83   N N   . GLY A 1 10  ? -6.035  -12.612 0.710   1.00 17.36 ? 13  GLY A N   1 
ATOM   84   C CA  . GLY A 1 10  ? -4.802  -13.132 0.142   1.00 16.99 ? 13  GLY A CA  1 
ATOM   85   C C   . GLY A 1 10  ? -4.165  -12.312 -0.952  1.00 17.02 ? 13  GLY A C   1 
ATOM   86   O O   . GLY A 1 10  ? -3.313  -12.783 -1.595  1.00 19.97 ? 13  GLY A O   1 
ATOM   87   N N   . THR A 1 11  ? -4.575  -11.070 -1.098  1.00 16.37 ? 14  THR A N   1 
ATOM   88   C CA  . THR A 1 11  ? -4.200  -10.205 -2.201  1.00 16.55 ? 14  THR A CA  1 
ATOM   89   C C   . THR A 1 11  ? -2.817  -9.642  -2.028  1.00 17.01 ? 14  THR A C   1 
ATOM   90   O O   . THR A 1 11  ? -2.465  -9.209  -0.970  1.00 17.38 ? 14  THR A O   1 
ATOM   91   C CB  . THR A 1 11  ? -5.226  -9.069  -2.350  1.00 19.36 ? 14  THR A CB  1 
ATOM   92   O OG1 . THR A 1 11  ? -6.496  -9.631  -2.588  1.00 20.55 ? 14  THR A OG1 1 
ATOM   93   C CG2 . THR A 1 11  ? -4.892  -8.132  -3.487  1.00 19.03 ? 14  THR A CG2 1 
ATOM   94   N N   . ARG A 1 12  ? -2.057  -9.694  -3.101  1.00 16.51 ? 15  ARG A N   1 
ATOM   95   C CA  . ARG A 1 12  ? -0.786  -9.052  -3.156  1.00 16.33 ? 15  ARG A CA  1 
ATOM   96   C C   . ARG A 1 12  ? -0.943  -7.680  -3.826  1.00 16.96 ? 15  ARG A C   1 
ATOM   97   O O   . ARG A 1 12  ? -1.726  -7.502  -4.680  1.00 17.32 ? 15  ARG A O   1 
ATOM   98   C CB  . ARG A 1 12  ? 0.218   -9.902  -3.936  1.00 18.48 ? 15  ARG A CB  1 
ATOM   99   C CG  . ARG A 1 12  ? 0.748   -11.083 -3.176  1.00 19.48 ? 15  ARG A CG  1 
ATOM   100  C CD  . ARG A 1 12  ? 1.884   -11.700 -3.974  1.00 28.00 ? 15  ARG A CD  1 
ATOM   101  N NE  . ARG A 1 12  ? 2.596   -12.582 -3.113  1.00 33.59 ? 15  ARG A NE  1 
ATOM   102  C CZ  . ARG A 1 12  ? 3.653   -13.271 -3.485  1.00 44.52 ? 15  ARG A CZ  1 
ATOM   103  N NH1 . ARG A 1 12  ? 4.135   -13.153 -4.716  1.00 40.29 ? 15  ARG A NH1 1 
ATOM   104  N NH2 . ARG A 1 12  ? 4.235   -14.053 -2.599  1.00 45.82 ? 15  ARG A NH2 1 
ATOM   105  N N   . ILE A 1 13  ? -0.176  -6.735  -3.351  1.00 16.25 ? 16  ILE A N   1 
ATOM   106  C CA  . ILE A 1 13  ? -0.113  -5.382  -3.921  1.00 15.94 ? 16  ILE A CA  1 
ATOM   107  C C   . ILE A 1 13  ? 1.209   -5.242  -4.649  1.00 16.75 ? 16  ILE A C   1 
ATOM   108  O O   . ILE A 1 13  ? 2.284   -5.362  -4.034  1.00 17.32 ? 16  ILE A O   1 
ATOM   109  C CB  . ILE A 1 13  ? -0.272  -4.331  -2.814  1.00 16.03 ? 16  ILE A CB  1 
ATOM   110  C CG1 . ILE A 1 13  ? -1.566  -4.441  -2.128  1.00 16.86 ? 16  ILE A CG1 1 
ATOM   111  C CG2 . ILE A 1 13  ? -0.086  -2.960  -3.416  1.00 17.50 ? 16  ILE A CG2 1 
ATOM   112  C CD1 . ILE A 1 13  ? -1.784  -3.474  -0.999  1.00 19.45 ? 16  ILE A CD1 1 
ATOM   113  N N   . LEU A 1 14  ? 1.157   -5.005  -5.957  1.00 16.28 ? 17  LEU A N   1 
ATOM   114  C CA  . LEU A 1 14  ? 2.330   -5.033  -6.820  1.00 16.32 ? 17  LEU A CA  1 
ATOM   115  C C   . LEU A 1 14  ? 2.671   -3.646  -7.381  1.00 18.04 ? 17  LEU A C   1 
ATOM   116  O O   . LEU A 1 14  ? 1.759   -2.829  -7.670  1.00 17.97 ? 17  LEU A O   1 
ATOM   117  C CB  . LEU A 1 14  ? 2.075   -5.938  -8.003  1.00 18.84 ? 17  LEU A CB  1 
ATOM   118  C CG  . LEU A 1 14  ? 2.068   -7.421  -7.743  1.00 24.40 ? 17  LEU A CG  1 
ATOM   119  C CD1 . LEU A 1 14  ? 1.038   -7.964  -6.868  1.00 30.83 ? 17  LEU A CD1 1 
ATOM   120  C CD2 . LEU A 1 14  ? 1.880   -8.122  -9.125  1.00 26.44 ? 17  LEU A CD2 1 
ATOM   121  N N   . ASN A 1 15  ? 3.920   -3.453  -7.605  1.00 17.44 ? 18  ASN A N   1 
ATOM   122  C CA  . ASN A 1 15  ? 4.414   -2.354  -8.475  1.00 18.32 ? 18  ASN A CA  1 
ATOM   123  C C   . ASN A 1 15  ? 5.411   -3.005  -9.355  1.00 18.63 ? 18  ASN A C   1 
ATOM   124  O O   . ASN A 1 15  ? 6.453   -3.470  -8.940  1.00 19.68 ? 18  ASN A O   1 
ATOM   125  C CB  . ASN A 1 15  ? 5.108   -1.232  -7.728  1.00 17.25 ? 18  ASN A CB  1 
ATOM   126  C CG  . ASN A 1 15  ? 5.717   -0.249  -8.653  1.00 17.43 ? 18  ASN A CG  1 
ATOM   127  O OD1 . ASN A 1 15  ? 6.953   -0.154  -8.708  1.00 19.53 ? 18  ASN A OD1 1 
ATOM   128  N ND2 . ASN A 1 15  ? 4.911   0.429   -9.431  1.00 17.34 ? 18  ASN A ND2 1 
ATOM   129  N N   . GLY A 1 16  ? 5.001   -3.090  -10.624 1.00 21.19 ? 19  GLY A N   1 
ATOM   130  C CA  . GLY A 1 16  ? 5.865   -3.838  -11.504 1.00 25.66 ? 19  GLY A CA  1 
ATOM   131  C C   . GLY A 1 16  ? 5.760   -5.334  -11.172 1.00 22.24 ? 19  GLY A C   1 
ATOM   132  O O   . GLY A 1 16  ? 4.730   -5.943  -11.008 1.00 24.13 ? 19  GLY A O   1 
ATOM   133  N N   . ALA A 1 17  ? 6.948   -5.835  -10.990 1.00 23.45 ? 20  ALA A N   1 
ATOM   134  C CA  . ALA A 1 17  ? 7.231   -7.175  -10.556 1.00 27.90 ? 20  ALA A CA  1 
ATOM   135  C C   . ALA A 1 17  ? 7.349   -7.350  -9.042  1.00 25.76 ? 20  ALA A C   1 
ATOM   136  O O   . ALA A 1 17  ? 7.271   -8.504  -8.578  1.00 27.35 ? 20  ALA A O   1 
ATOM   137  C CB  . ALA A 1 17  ? 8.575   -7.613  -11.187 1.00 34.66 ? 20  ALA A CB  1 
ATOM   138  N N   . ASN A 1 18  ? 7.561   -6.247  -8.308  1.00 21.96 ? 21  ASN A N   1 
ATOM   139  C CA  . ASN A 1 18  ? 7.755   -6.285  -6.806  1.00 19.30 ? 21  ASN A CA  1 
ATOM   140  C C   . ASN A 1 18  ? 6.401   -6.257  -6.165  1.00 17.59 ? 21  ASN A C   1 
ATOM   141  O O   . ASN A 1 18  ? 5.463   -5.731  -6.690  1.00 20.41 ? 21  ASN A O   1 
ATOM   142  C CB  . ASN A 1 18  ? 8.573   -5.109  -6.349  1.00 20.00 ? 21  ASN A CB  1 
ATOM   143  C CG  . ASN A 1 18  ? 10.023  -5.180  -6.860  1.00 23.96 ? 21  ASN A CG  1 
ATOM   144  O OD1 . ASN A 1 18  ? 10.635  -6.205  -6.710  1.00 25.17 ? 21  ASN A OD1 1 
ATOM   145  N ND2 . ASN A 1 18  ? 10.551  -4.068  -7.381  1.00 28.19 ? 21  ASN A ND2 1 
ATOM   146  N N   . TRP A 1 19  ? 6.334   -6.819  -4.971  1.00 18.33 ? 22  TRP A N   1 
ATOM   147  C CA  . TRP A 1 19  ? 5.131   -6.786  -4.161  1.00 17.15 ? 22  TRP A CA  1 
ATOM   148  C C   . TRP A 1 19  ? 5.456   -6.262  -2.771  1.00 17.37 ? 22  TRP A C   1 
ATOM   149  O O   . TRP A 1 19  ? 6.551   -6.299  -2.313  1.00 18.16 ? 22  TRP A O   1 
ATOM   150  C CB  . TRP A 1 19  ? 4.445   -8.171  -4.095  1.00 22.04 ? 22  TRP A CB  1 
ATOM   151  C CG  . TRP A 1 19  ? 5.223   -9.217  -3.424  1.00 25.14 ? 22  TRP A CG  1 
ATOM   152  C CD1 . TRP A 1 19  ? 5.353   -9.410  -2.099  1.00 27.39 ? 22  TRP A CD1 1 
ATOM   153  C CD2 . TRP A 1 19  ? 6.033   -10.217 -4.055  1.00 29.64 ? 22  TRP A CD2 1 
ATOM   154  N NE1 . TRP A 1 19  ? 6.211   -10.455 -1.841  1.00 32.43 ? 22  TRP A NE1 1 
ATOM   155  C CE2 . TRP A 1 19  ? 6.622   -10.975 -3.036  1.00 32.70 ? 22  TRP A CE2 1 
ATOM   156  C CE3 . TRP A 1 19  ? 6.313   -10.532 -5.382  1.00 31.20 ? 22  TRP A CE3 1 
ATOM   157  C CZ2 . TRP A 1 19  ? 7.468   -12.038 -3.297  1.00 33.82 ? 22  TRP A CZ2 1 
ATOM   158  C CZ3 . TRP A 1 19  ? 7.142   -11.615 -5.643  1.00 32.11 ? 22  TRP A CZ3 1 
ATOM   159  C CH2 . TRP A 1 19  ? 7.696   -12.352 -4.603  1.00 32.82 ? 22  TRP A CH2 1 
ATOM   160  N N   . ALA A 1 20  ? 4.416   -5.757  -2.142  1.00 16.65 ? 23  ALA A N   1 
ATOM   161  C CA  . ALA A 1 20  ? 4.497   -5.074  -0.877  1.00 16.32 ? 23  ALA A CA  1 
ATOM   162  C C   . ALA A 1 20  ? 4.471   -6.010  0.325   1.00 15.55 ? 23  ALA A C   1 
ATOM   163  O O   . ALA A 1 20  ? 3.652   -6.861  0.439   1.00 16.28 ? 23  ALA A O   1 
ATOM   164  C CB  . ALA A 1 20  ? 3.344   -4.102  -0.762  1.00 16.34 ? 23  ALA A CB  1 
ATOM   165  N N   . ASN A 1 21  ? 5.398   -5.738  1.227   1.00 16.25 ? 24  ASN A N   1 
ATOM   166  C CA  . ASN A 1 21  ? 5.504   -6.390  2.515   1.00 16.22 ? 24  ASN A CA  1 
ATOM   167  C C   . ASN A 1 21  ? 5.411   -5.387  3.669   1.00 14.61 ? 24  ASN A C   1 
ATOM   168  O O   . ASN A 1 21  ? 5.767   -4.286  3.528   1.00 16.17 ? 24  ASN A O   1 
ATOM   169  C CB  . ASN A 1 21  ? 6.825   -7.152  2.590   1.00 17.44 ? 24  ASN A CB  1 
ATOM   170  C CG  . ASN A 1 21  ? 7.016   -8.073  1.406   1.00 21.27 ? 24  ASN A CG  1 
ATOM   171  O OD1 . ASN A 1 21  ? 6.442   -9.056  1.344   1.00 21.64 ? 24  ASN A OD1 1 
ATOM   172  N ND2 . ASN A 1 21  ? 7.769   -7.648  0.438   1.00 25.94 ? 24  ASN A ND2 1 
ATOM   173  N N   . ASN A 1 22  ? 4.939   -5.857  4.810   1.00 15.61 ? 25  ASN A N   1 
ATOM   174  C CA  . ASN A 1 22  ? 4.955   -5.083  6.030   1.00 15.05 ? 25  ASN A CA  1 
ATOM   175  C C   . ASN A 1 22  ? 5.098   -6.015  7.245   1.00 14.88 ? 25  ASN A C   1 
ATOM   176  O O   . ASN A 1 22  ? 4.498   -7.045  7.285   1.00 16.67 ? 25  ASN A O   1 
ATOM   177  C CB  . ASN A 1 22  ? 3.659   -4.255  6.162   1.00 14.59 ? 25  ASN A CB  1 
ATOM   178  C CG  . ASN A 1 22  ? 3.677   -3.317  7.345   1.00 14.48 ? 25  ASN A CG  1 
ATOM   179  O OD1 . ASN A 1 22  ? 2.932   -3.460  8.221   1.00 14.93 ? 25  ASN A OD1 1 
ATOM   180  N ND2 . ASN A 1 22  ? 4.519   -2.365  7.325   1.00 14.87 ? 25  ASN A ND2 1 
ATOM   181  N N   . SER A 1 23  ? 5.861   -5.575  8.226   1.00 15.87 ? 26  SER A N   1 
ATOM   182  C CA  . SER A 1 23  ? 6.149   -6.310  9.445   1.00 15.88 ? 26  SER A CA  1 
ATOM   183  C C   . SER A 1 23  ? 5.772   -5.475  10.648  1.00 16.25 ? 26  SER A C   1 
ATOM   184  O O   . SER A 1 23  ? 5.889   -4.319  10.622  1.00 18.91 ? 26  SER A O   1 
ATOM   185  C CB  . SER A 1 23  ? 7.640   -6.615  9.483   1.00 17.79 ? 26  SER A CB  1 
ATOM   186  O OG  . SER A 1 23  ? 7.932   -7.508  8.471   1.00 22.57 ? 26  SER A OG  1 
ATOM   187  N N   . ALA A 1 24  ? 5.300   -6.111  11.691  1.00 15.95 ? 27  ALA A N   1 
ATOM   188  C CA  . ALA A 1 24  ? 5.005   -5.448  12.943  1.00 17.06 ? 27  ALA A CA  1 
ATOM   189  C C   . ALA A 1 24  ? 6.312   -5.015  13.640  1.00 16.09 ? 27  ALA A C   1 
ATOM   190  O O   . ALA A 1 24  ? 7.325   -5.676  13.503  1.00 17.80 ? 27  ALA A O   1 
ATOM   191  C CB  . ALA A 1 24  ? 4.187   -6.303  13.865  1.00 18.98 ? 27  ALA A CB  1 
ATOM   192  N N   . THR A 1 25  ? 6.272   -3.857  14.293  1.00 16.96 ? 28  THR A N   1 
ATOM   193  C CA  . THR A 1 25  ? 7.446   -3.335  14.978  1.00 18.46 ? 28  THR A CA  1 
ATOM   194  C C   . THR A 1 25  ? 7.923   -4.291  16.038  1.00 18.52 ? 28  THR A C   1 
ATOM   195  O O   . THR A 1 25  ? 7.135   -4.907  16.736  1.00 19.50 ? 28  THR A O   1 
ATOM   196  C CB  . THR A 1 25  ? 7.215   -1.904  15.526  1.00 18.24 ? 28  THR A CB  1 
ATOM   197  O OG1 . THR A 1 25  ? 8.545   -1.448  15.864  1.00 20.32 ? 28  THR A OG1 1 
ATOM   198  C CG2 . THR A 1 25  ? 6.310   -1.908  16.639  1.00 20.26 ? 28  THR A CG2 1 
ATOM   199  N N   . GLU A 1 26  ? 9.247   -4.380  16.181  1.00 18.36 ? 29  GLU A N   1 
ATOM   200  C CA  A GLU A 1 26  ? 9.922   -5.027  17.274  0.50 19.98 ? 29  GLU A CA  1 
ATOM   201  C CA  B GLU A 1 26  ? 9.852   -5.006  17.343  0.50 20.48 ? 29  GLU A CA  1 
ATOM   202  C C   . GLU A 1 26  ? 10.486  -3.978  18.255  1.00 21.02 ? 29  GLU A C   1 
ATOM   203  O O   . GLU A 1 26  ? 11.156  -4.335  19.261  1.00 22.72 ? 29  GLU A O   1 
ATOM   204  C CB  A GLU A 1 26  ? 11.013  -5.937  16.655  0.50 23.45 ? 29  GLU A CB  1 
ATOM   205  C CB  B GLU A 1 26  ? 10.912  -5.989  16.887  0.50 24.90 ? 29  GLU A CB  1 
ATOM   206  C CG  A GLU A 1 26  ? 10.321  -7.071  15.837  0.50 27.38 ? 29  GLU A CG  1 
ATOM   207  C CG  B GLU A 1 26  ? 10.307  -7.173  16.124  0.50 29.44 ? 29  GLU A CG  1 
ATOM   208  C CD  A GLU A 1 26  ? 11.221  -7.923  14.960  0.50 32.37 ? 29  GLU A CD  1 
ATOM   209  C CD  B GLU A 1 26  ? 9.533   -8.129  16.999  0.50 30.96 ? 29  GLU A CD  1 
ATOM   210  O OE1 A GLU A 1 26  ? 12.420  -7.631  14.846  0.50 37.87 ? 29  GLU A OE1 1 
ATOM   211  O OE1 B GLU A 1 26  ? 9.241   -7.878  18.198  0.50 39.19 ? 29  GLU A OE1 1 
ATOM   212  O OE2 A GLU A 1 26  ? 10.672  -8.840  14.304  0.50 34.98 ? 29  GLU A OE2 1 
ATOM   213  O OE2 B GLU A 1 26  ? 9.160   -9.186  16.451  0.50 39.41 ? 29  GLU A OE2 1 
ATOM   214  N N   . ASN A 1 27  ? 10.229  -2.720  18.033  1.00 18.27 ? 30  ASN A N   1 
ATOM   215  C CA  . ASN A 1 27  ? 10.696  -1.652  18.964  1.00 18.59 ? 30  ASN A CA  1 
ATOM   216  C C   . ASN A 1 27  ? 9.947   -1.687  20.216  1.00 20.31 ? 30  ASN A C   1 
ATOM   217  O O   . ASN A 1 27  ? 8.718   -1.970  20.275  1.00 22.35 ? 30  ASN A O   1 
ATOM   218  C CB  . ASN A 1 27  ? 10.516  -0.315  18.284  1.00 18.19 ? 30  ASN A CB  1 
ATOM   219  C CG  . ASN A 1 27  ? 11.498  -0.126  17.155  1.00 18.69 ? 30  ASN A CG  1 
ATOM   220  O OD1 . ASN A 1 27  ? 12.561  -0.687  17.081  1.00 18.61 ? 30  ASN A OD1 1 
ATOM   221  N ND2 . ASN A 1 27  ? 11.059  0.635   16.175  1.00 21.95 ? 30  ASN A ND2 1 
ATOM   222  N N   . LEU A 1 28  ? 10.606  -1.278  21.332  1.00 19.42 ? 31  LEU A N   1 
ATOM   223  C CA  . LEU A 1 28  ? 9.920   -1.116  22.600  1.00 19.54 ? 31  LEU A CA  1 
ATOM   224  C C   . LEU A 1 28  ? 9.224   0.152   22.875  1.00 21.39 ? 31  LEU A C   1 
ATOM   225  O O   . LEU A 1 28  ? 8.091   0.228   23.418  1.00 24.05 ? 31  LEU A O   1 
ATOM   226  C CB  . LEU A 1 28  ? 10.977  -1.334  23.722  1.00 22.60 ? 31  LEU A CB  1 
ATOM   227  C CG  . LEU A 1 28  ? 10.530  -1.185  25.180  1.00 23.14 ? 31  LEU A CG  1 
ATOM   228  C CD1 . LEU A 1 28  ? 9.504   -2.282  25.516  1.00 26.94 ? 31  LEU A CD1 1 
ATOM   229  C CD2 . LEU A 1 28  ? 11.692  -1.257  26.162  1.00 23.13 ? 31  LEU A CD2 1 
ATOM   230  N N   . ALA A 1 29  ? 9.829   1.287   22.516  1.00 19.79 ? 32  ALA A N   1 
ATOM   231  C CA  . ALA A 1 29  ? 9.213   2.581   22.722  1.00 21.65 ? 32  ALA A CA  1 
ATOM   232  C C   . ALA A 1 29  ? 8.054   2.747   21.683  1.00 23.56 ? 32  ALA A C   1 
ATOM   233  O O   . ALA A 1 29  ? 8.051   2.033   20.663  1.00 23.70 ? 32  ALA A O   1 
ATOM   234  C CB  . ALA A 1 29  ? 10.252  3.695   22.608  1.00 23.59 ? 32  ALA A CB  1 
ATOM   235  N N   . THR A 1 30  ? 7.224   3.747   21.899  1.00 25.76 ? 33  THR A N   1 
ATOM   236  C CA  . THR A 1 30  ? 6.139   4.042   20.988  1.00 28.38 ? 33  THR A CA  1 
ATOM   237  C C   . THR A 1 30  ? 6.642   4.177   19.534  1.00 28.34 ? 33  THR A C   1 
ATOM   238  O O   . THR A 1 30  ? 7.661   4.809   19.274  1.00 27.20 ? 33  THR A O   1 
ATOM   239  C CB  . THR A 1 30  ? 5.511   5.363   21.400  1.00 31.07 ? 33  THR A CB  1 
ATOM   240  O OG1 . THR A 1 30  ? 5.023   5.187   22.727  1.00 33.30 ? 33  THR A OG1 1 
ATOM   241  C CG2 . THR A 1 30  ? 4.362   5.742   20.439  1.00 32.67 ? 33  THR A CG2 1 
ATOM   242  N N   . ASN A 1 31  ? 5.934   3.539   18.615  1.00 25.62 ? 34  ASN A N   1 
ATOM   243  C CA  . ASN A 1 31  ? 6.304   3.491   17.235  1.00 25.70 ? 34  ASN A CA  1 
ATOM   244  C C   . ASN A 1 31  ? 5.297   4.113   16.363  1.00 24.71 ? 34  ASN A C   1 
ATOM   245  O O   . ASN A 1 31  ? 4.156   3.912   16.530  1.00 28.78 ? 34  ASN A O   1 
ATOM   246  C CB  . ASN A 1 31  ? 6.569   2.070   16.776  1.00 23.61 ? 34  ASN A CB  1 
ATOM   247  C CG  . ASN A 1 31  ? 7.546   1.998   15.621  1.00 26.25 ? 34  ASN A CG  1 
ATOM   248  O OD1 . ASN A 1 31  ? 8.678   2.346   15.816  1.00 29.69 ? 34  ASN A OD1 1 
ATOM   249  N ND2 . ASN A 1 31  ? 7.115   1.611   14.461  1.00 27.83 ? 34  ASN A ND2 1 
ATOM   250  N N   . SER A 1 32  ? 5.761   4.887   15.390  1.00 23.29 ? 35  SER A N   1 
ATOM   251  C CA  . SER A 1 32  ? 4.827   5.711   14.581  1.00 23.51 ? 35  SER A CA  1 
ATOM   252  C C   . SER A 1 32  ? 4.444   5.027   13.237  1.00 26.12 ? 35  SER A C   1 
ATOM   253  O O   . SER A 1 32  ? 3.515   5.517   12.582  1.00 32.44 ? 35  SER A O   1 
ATOM   254  C CB  . SER A 1 32  ? 5.407   7.057   14.359  1.00 27.58 ? 35  SER A CB  1 
ATOM   255  O OG  . SER A 1 32  ? 5.480   7.731   15.625  1.00 32.73 ? 35  SER A OG  1 
ATOM   256  N N   . GLY A 1 33  ? 5.103   3.895   12.867  1.00 20.91 ? 36  GLY A N   1 
ATOM   257  C CA  . GLY A 1 33  ? 4.699   3.042   11.756  1.00 20.75 ? 36  GLY A CA  1 
ATOM   258  C C   . GLY A 1 33  ? 5.924   2.392   11.128  1.00 19.77 ? 36  GLY A C   1 
ATOM   259  O O   . GLY A 1 33  ? 7.100   2.817   11.301  1.00 20.77 ? 36  GLY A O   1 
ATOM   260  N N   . THR A 1 34  ? 5.642   1.277   10.476  1.00 16.87 ? 37  THR A N   1 
ATOM   261  C CA  . THR A 1 34  ? 6.675   0.482   9.896   1.00 15.49 ? 37  THR A CA  1 
ATOM   262  C C   . THR A 1 34  ? 6.684   0.637   8.364   1.00 15.89 ? 37  THR A C   1 
ATOM   263  O O   . THR A 1 34  ? 5.656   0.870   7.700   1.00 16.42 ? 37  THR A O   1 
ATOM   264  C CB  . THR A 1 34  ? 6.560   -0.941  10.303  1.00 17.07 ? 37  THR A CB  1 
ATOM   265  O OG1 . THR A 1 34  ? 5.332   -1.531  9.900   1.00 18.56 ? 37  THR A OG1 1 
ATOM   266  C CG2 . THR A 1 34  ? 6.733   -1.100  11.831  1.00 19.64 ? 37  THR A CG2 1 
ATOM   267  N N   . LEU A 1 35  ? 7.882   0.459   7.717   1.00 15.57 ? 38  LEU A N   1 
ATOM   268  C CA  . LEU A 1 35  ? 8.039   0.660   6.328   1.00 14.89 ? 38  LEU A CA  1 
ATOM   269  C C   . LEU A 1 35  ? 7.209   -0.396  5.574   1.00 15.33 ? 38  LEU A C   1 
ATOM   270  O O   . LEU A 1 35  ? 6.999   -1.532  6.012   1.00 16.03 ? 38  LEU A O   1 
ATOM   271  C CB  . LEU A 1 35  ? 9.545   0.416   5.986   1.00 17.29 ? 38  LEU A CB  1 
ATOM   272  C CG  . LEU A 1 35  ? 10.412  1.532   6.508   1.00 17.70 ? 38  LEU A CG  1 
ATOM   273  C CD1 . LEU A 1 35  ? 11.855  1.088   6.324   1.00 20.69 ? 38  LEU A CD1 1 
ATOM   274  C CD2 . LEU A 1 35  ? 10.272  2.802   5.803   1.00 18.58 ? 38  LEU A CD2 1 
ATOM   275  N N   . ILE A 1 36  ? 6.749   0.000   4.385   1.00 16.04 ? 39  ILE A N   1 
ATOM   276  C CA  . ILE A 1 36  ? 6.110   -0.900  3.433   1.00 15.34 ? 39  ILE A CA  1 
ATOM   277  C C   . ILE A 1 36  ? 7.166   -1.175  2.367   1.00 16.14 ? 39  ILE A C   1 
ATOM   278  O O   . ILE A 1 36  ? 7.576   -0.239  1.642   1.00 17.24 ? 39  ILE A O   1 
ATOM   279  C CB  . ILE A 1 36  ? 4.788   -0.393  2.945   1.00 15.91 ? 39  ILE A CB  1 
ATOM   280  C CG1 . ILE A 1 36  ? 3.846   -0.290  4.128   1.00 17.15 ? 39  ILE A CG1 1 
ATOM   281  C CG2 . ILE A 1 36  ? 4.213   -1.310  1.860   1.00 16.42 ? 39  ILE A CG2 1 
ATOM   282  C CD1 . ILE A 1 36  ? 2.575   0.394   3.696   1.00 20.15 ? 39  ILE A CD1 1 
ATOM   283  N N   . ILE A 1 37  ? 7.648   -2.410  2.294   1.00 15.80 ? 40  ILE A N   1 
ATOM   284  C CA  . ILE A 1 37  ? 8.889   -2.756  1.539   1.00 17.27 ? 40  ILE A CA  1 
ATOM   285  C C   . ILE A 1 37  ? 8.436   -3.520  0.343   1.00 16.49 ? 40  ILE A C   1 
ATOM   286  O O   . ILE A 1 37  ? 7.723   -4.569  0.413   1.00 17.51 ? 40  ILE A O   1 
ATOM   287  C CB  . ILE A 1 37  ? 9.838   -3.524  2.426   1.00 17.71 ? 40  ILE A CB  1 
ATOM   288  C CG1 . ILE A 1 37  ? 10.366  -2.629  3.497   1.00 20.50 ? 40  ILE A CG1 1 
ATOM   289  C CG2 . ILE A 1 37  ? 10.983  -4.054  1.573   1.00 20.37 ? 40  ILE A CG2 1 
ATOM   290  C CD1 . ILE A 1 37  ? 11.147  -3.343  4.627   1.00 24.03 ? 40  ILE A CD1 1 
ATOM   291  N N   . PHE A 1 38  ? 8.827   -3.033  -0.851  1.00 18.09 ? 41  PHE A N   1 
ATOM   292  C CA  . PHE A 1 38  ? 8.539   -3.739  -2.091  1.00 17.26 ? 41  PHE A CA  1 
ATOM   293  C C   . PHE A 1 38  ? 9.716   -4.551  -2.559  1.00 19.20 ? 41  PHE A C   1 
ATOM   294  O O   . PHE A 1 38  ? 10.827  -3.984  -2.663  1.00 23.32 ? 41  PHE A O   1 
ATOM   295  C CB  . PHE A 1 38  ? 8.177   -2.717  -3.183  1.00 17.31 ? 41  PHE A CB  1 
ATOM   296  C CG  . PHE A 1 38  ? 6.696   -2.338  -3.177  1.00 16.83 ? 41  PHE A CG  1 
ATOM   297  C CD1 . PHE A 1 38  ? 6.174   -1.514  -2.185  1.00 16.82 ? 41  PHE A CD1 1 
ATOM   298  C CD2 . PHE A 1 38  ? 5.836   -2.785  -4.147  1.00 17.38 ? 41  PHE A CD2 1 
ATOM   299  C CE1 . PHE A 1 38  ? 4.828   -1.208  -2.143  1.00 16.06 ? 41  PHE A CE1 1 
ATOM   300  C CE2 . PHE A 1 38  ? 4.513   -2.464  -4.154  1.00 17.16 ? 41  PHE A CE2 1 
ATOM   301  C CZ  . PHE A 1 38  ? 4.010   -1.662  -3.185  1.00 16.72 ? 41  PHE A CZ  1 
ATOM   302  N N   . ASP A 1 39  ? 9.479   -5.806  -2.782  1.00 18.96 ? 42  ASP A N   1 
ATOM   303  C CA  . ASP A 1 39  ? 10.590  -6.731  -3.207  1.00 21.97 ? 42  ASP A CA  1 
ATOM   304  C C   . ASP A 1 39  ? 9.939   -7.952  -3.693  1.00 20.90 ? 42  ASP A C   1 
ATOM   305  O O   . ASP A 1 39  ? 8.768   -8.132  -3.863  1.00 21.01 ? 42  ASP A O   1 
ATOM   306  C CB  . ASP A 1 39  ? 11.558  -6.903  -2.097  1.00 26.44 ? 42  ASP A CB  1 
ATOM   307  C CG  . ASP A 1 39  ? 11.083  -7.692  -0.971  1.00 29.68 ? 42  ASP A CG  1 
ATOM   308  O OD1 . ASP A 1 39  ? 10.151  -8.505  -1.068  1.00 31.86 ? 42  ASP A OD1 1 
ATOM   309  O OD2 . ASP A 1 39  ? 11.870  -7.579  -0.004  1.00 35.78 ? 42  ASP A OD2 1 
ATOM   310  N N   . GLN A 1 40  ? 10.810  -8.933  -4.070  1.00 26.38 ? 43  GLN A N   1 
ATOM   311  C CA  . GLN A 1 40  ? 10.295  -10.215 -4.567  1.00 27.44 ? 43  GLN A CA  1 
ATOM   312  C C   . GLN A 1 40  ? 10.646  -11.342 -3.536  1.00 31.94 ? 43  GLN A C   1 
ATOM   313  O O   . GLN A 1 40  ? 10.995  -12.498 -3.880  1.00 37.13 ? 43  GLN A O   1 
ATOM   314  C CB  . GLN A 1 40  ? 10.776  -10.540 -6.020  1.00 29.33 ? 43  GLN A CB  1 
ATOM   315  C CG  . GLN A 1 40  ? 10.162  -9.589  -7.067  1.00 30.10 ? 43  GLN A CG  1 
ATOM   316  C CD  . GLN A 1 40  ? 10.882  -9.628  -8.407  1.00 39.94 ? 43  GLN A CD  1 
ATOM   317  O OE1 . GLN A 1 40  ? 11.169  -10.678 -8.901  1.00 40.40 ? 43  GLN A OE1 1 
ATOM   318  N NE2 . GLN A 1 40  ? 11.238  -8.452  -8.951  1.00 40.46 ? 43  GLN A NE2 1 
ATOM   319  N N   . SER A 1 41  ? 10.616  -10.988 -2.293  1.00 27.26 ? 44  SER A N   1 
ATOM   320  C CA  . SER A 1 41  ? 10.800  -11.889 -1.120  1.00 29.46 ? 44  SER A CA  1 
ATOM   321  C C   . SER A 1 41  ? 9.948   -11.392 0.033   1.00 32.55 ? 44  SER A C   1 
ATOM   322  O O   . SER A 1 41  ? 9.717   -10.237 0.151   1.00 33.69 ? 44  SER A O   1 
ATOM   323  C CB  . SER A 1 41  ? 12.213  -11.977 -0.627  1.00 34.53 ? 44  SER A CB  1 
ATOM   324  O OG  . SER A 1 41  ? 12.586  -10.887 0.111   1.00 45.33 ? 44  SER A OG  1 
ATOM   325  N N   . THR A 1 42  ? 9.479   -12.305 0.862   1.00 32.22 ? 45  THR A N   1 
ATOM   326  C CA  . THR A 1 42  ? 8.501   -12.011 1.868   1.00 30.24 ? 45  THR A CA  1 
ATOM   327  C C   . THR A 1 42  ? 9.163   -12.302 3.220   1.00 34.41 ? 45  THR A C   1 
ATOM   328  O O   . THR A 1 42  ? 9.722   -13.418 3.422   1.00 33.83 ? 45  THR A O   1 
ATOM   329  C CB  . THR A 1 42  ? 7.302   -12.887 1.770   1.00 28.45 ? 45  THR A CB  1 
ATOM   330  O OG1 . THR A 1 42  ? 6.730   -12.747 0.466   1.00 29.96 ? 45  THR A OG1 1 
ATOM   331  C CG2 . THR A 1 42  ? 6.208   -12.369 2.766   1.00 29.81 ? 45  THR A CG2 1 
ATOM   332  N N   . PRO A 1 43  ? 9.082   -11.374 4.157   1.00 30.66 ? 46  PRO A N   1 
ATOM   333  C CA  . PRO A 1 43  ? 9.877   -11.520 5.391   1.00 30.24 ? 46  PRO A CA  1 
ATOM   334  C C   . PRO A 1 43  ? 9.297   -12.443 6.496   1.00 35.88 ? 46  PRO A C   1 
ATOM   335  O O   . PRO A 1 43  ? 10.027  -12.884 7.358   1.00 35.81 ? 46  PRO A O   1 
ATOM   336  C CB  . PRO A 1 43  ? 10.035  -10.085 5.885   1.00 28.82 ? 46  PRO A CB  1 
ATOM   337  C CG  . PRO A 1 43  ? 8.748   -9.399  5.380   1.00 27.80 ? 46  PRO A CG  1 
ATOM   338  C CD  . PRO A 1 43  ? 8.566   -9.990  4.013   1.00 30.30 ? 46  PRO A CD  1 
ATOM   339  N N   . GLY A 1 44  ? 8.015   -12.748 6.429   1.00 31.53 ? 47  GLY A N   1 
ATOM   340  C CA  . GLY A 1 44  ? 7.274   -13.413 7.501   1.00 29.38 ? 47  GLY A CA  1 
ATOM   341  C C   . GLY A 1 44  ? 5.926   -13.896 6.928   1.00 31.36 ? 47  GLY A C   1 
ATOM   342  O O   . GLY A 1 44  ? 5.457   -13.428 5.914   1.00 28.64 ? 47  GLY A O   1 
ATOM   343  N N   . GLN A 1 45  ? 5.310   -14.800 7.666   1.00 32.30 ? 48  GLN A N   1 
ATOM   344  C CA  . GLN A 1 45  ? 4.098   -15.388 7.301   1.00 33.46 ? 48  GLN A CA  1 
ATOM   345  C C   . GLN A 1 45  ? 3.032   -14.256 7.131   1.00 23.49 ? 48  GLN A C   1 
ATOM   346  O O   . GLN A 1 45  ? 2.702   -13.415 8.034   1.00 25.59 ? 48  GLN A O   1 
ATOM   347  C CB  . GLN A 1 45  ? 3.563   -16.294 8.347   1.00 40.41 ? 48  GLN A CB  1 
ATOM   348  C CG  . GLN A 1 45  ? 2.335   -17.090 7.856   1.00 42.65 ? 48  GLN A CG  1 
ATOM   349  C CD  . GLN A 1 45  ? 2.656   -18.345 7.052   1.00 55.85 ? 48  GLN A CD  1 
ATOM   350  O OE1 . GLN A 1 45  ? 3.637   -19.046 7.308   1.00 53.39 ? 48  GLN A OE1 1 
ATOM   351  N NE2 . GLN A 1 45  ? 1.792   -18.649 6.079   1.00 63.53 ? 48  GLN A NE2 1 
ATOM   352  N N   . ASP A 1 46  ? 2.431   -14.355 5.960   1.00 21.77 ? 49  ASP A N   1 
ATOM   353  C CA  . ASP A 1 46  ? 1.381   -13.434 5.494   1.00 21.17 ? 49  ASP A CA  1 
ATOM   354  C C   . ASP A 1 46  ? 1.816   -11.963 5.394   1.00 18.63 ? 49  ASP A C   1 
ATOM   355  O O   . ASP A 1 46  ? 0.979   -11.121 5.166   1.00 17.73 ? 49  ASP A O   1 
ATOM   356  C CB  . ASP A 1 46  ? 0.145   -13.524 6.396   1.00 22.77 ? 49  ASP A CB  1 
ATOM   357  C CG  . ASP A 1 46  ? -0.368  -14.962 6.515   1.00 29.80 ? 49  ASP A CG  1 
ATOM   358  O OD1 . ASP A 1 46  ? -0.250  -15.731 5.508   1.00 37.39 ? 49  ASP A OD1 1 
ATOM   359  O OD2 . ASP A 1 46  ? -0.826  -15.373 7.559   1.00 27.58 ? 49  ASP A OD2 1 
ATOM   360  N N   . ALA A 1 47  ? 3.107   -11.676 5.447   1.00 17.85 ? 50  ALA A N   1 
ATOM   361  C CA  . ALA A 1 47  ? 3.525   -10.295 5.403   1.00 17.88 ? 50  ALA A CA  1 
ATOM   362  C C   . ALA A 1 47  ? 3.276   -9.617  4.113   1.00 16.42 ? 50  ALA A C   1 
ATOM   363  O O   . ALA A 1 47  ? 3.340   -8.372  4.014   1.00 17.59 ? 50  ALA A O   1 
ATOM   364  C CB  . ALA A 1 47  ? 5.018   -10.187 5.724   1.00 19.96 ? 50  ALA A CB  1 
ATOM   365  N N   . ASP A 1 48  ? 3.084   -10.403 3.044   1.00 16.06 ? 51  ASP A N   1 
ATOM   366  C CA  . ASP A 1 48  ? 2.797   -9.928  1.734   1.00 16.27 ? 51  ASP A CA  1 
ATOM   367  C C   . ASP A 1 48  ? 1.346   -9.956  1.360   1.00 15.95 ? 51  ASP A C   1 
ATOM   368  O O   . ASP A 1 48  ? 0.971   -9.791  0.202   1.00 16.66 ? 51  ASP A O   1 
ATOM   369  C CB  . ASP A 1 48  ? 3.586   -10.802 0.710   1.00 18.26 ? 51  ASP A CB  1 
ATOM   370  C CG  . ASP A 1 48  ? 3.153   -12.217 0.740   1.00 20.55 ? 51  ASP A CG  1 
ATOM   371  O OD1 . ASP A 1 48  ? 2.796   -12.785 1.756   1.00 19.79 ? 51  ASP A OD1 1 
ATOM   372  O OD2 . ASP A 1 48  ? 3.257   -12.858 -0.341  1.00 29.26 ? 51  ASP A OD2 1 
ATOM   373  N N   . ARG A 1 49  ? 0.475   -10.228 2.313   1.00 14.65 ? 52  ARG A N   1 
ATOM   374  C CA  . ARG A 1 49  ? -0.933  -10.405 2.012   1.00 16.24 ? 52  ARG A CA  1 
ATOM   375  C C   . ARG A 1 49  ? -1.790  -9.320  2.631   1.00 15.86 ? 52  ARG A C   1 
ATOM   376  O O   . ARG A 1 49  ? -1.643  -9.008  3.780   1.00 16.77 ? 52  ARG A O   1 
ATOM   377  C CB  . ARG A 1 49  ? -1.454  -11.764 2.469   1.00 17.55 ? 52  ARG A CB  1 
ATOM   378  C CG  . ARG A 1 49  ? -0.741  -12.972 1.886   1.00 19.01 ? 52  ARG A CG  1 
ATOM   379  C CD  . ARG A 1 49  ? -0.530  -12.868 0.384   1.00 25.84 ? 52  ARG A CD  1 
ATOM   380  N NE  . ARG A 1 49  ? 0.113   -14.100 -0.036  1.00 28.22 ? 52  ARG A NE  1 
ATOM   381  C CZ  . ARG A 1 49  ? -0.526  -15.173 -0.442  1.00 28.93 ? 52  ARG A CZ  1 
ATOM   382  N NH1 . ARG A 1 49  ? -1.836  -15.189 -0.543  1.00 23.60 ? 52  ARG A NH1 1 
ATOM   383  N NH2 . ARG A 1 49  ? 0.166   -16.248 -0.693  1.00 32.35 ? 52  ARG A NH2 1 
ATOM   384  N N   . TRP A 1 50  ? -2.670  -8.775  1.807   1.00 15.36 ? 53  TRP A N   1 
ATOM   385  C CA  . TRP A 1 50  ? -3.424  -7.588  2.133   1.00 14.41 ? 53  TRP A CA  1 
ATOM   386  C C   . TRP A 1 50  ? -4.905  -7.734  1.895   1.00 17.91 ? 53  TRP A C   1 
ATOM   387  O O   . TRP A 1 50  ? -5.330  -8.387  1.010   1.00 18.27 ? 53  TRP A O   1 
ATOM   388  C CB  . TRP A 1 50  ? -2.931  -6.421  1.299   1.00 14.08 ? 53  TRP A CB  1 
ATOM   389  C CG  . TRP A 1 50  ? -1.446  -6.094  1.400   1.00 14.42 ? 53  TRP A CG  1 
ATOM   390  C CD1 . TRP A 1 50  ? -0.438  -6.696  0.746   1.00 15.74 ? 53  TRP A CD1 1 
ATOM   391  C CD2 . TRP A 1 50  ? -0.856  -5.113  2.226   1.00 14.07 ? 53  TRP A CD2 1 
ATOM   392  N NE1 . TRP A 1 50  ? 0.745   -6.149  1.096   1.00 15.50 ? 53  TRP A NE1 1 
ATOM   393  C CE2 . TRP A 1 50  ? 0.509   -5.153  1.996   1.00 14.43 ? 53  TRP A CE2 1 
ATOM   394  C CE3 . TRP A 1 50  ? -1.350  -4.163  3.115   1.00 15.62 ? 53  TRP A CE3 1 
ATOM   395  C CZ2 . TRP A 1 50  ? 1.382   -4.303  2.638   1.00 15.49 ? 53  TRP A CZ2 1 
ATOM   396  C CZ3 . TRP A 1 50  ? -0.468  -3.330  3.744   1.00 14.53 ? 53  TRP A CZ3 1 
ATOM   397  C CH2 . TRP A 1 50  ? 0.869   -3.407  3.497   1.00 14.90 ? 53  TRP A CH2 1 
ATOM   398  N N   . LEU A 1 51  ? -5.662  -7.064  2.722   1.00 14.84 ? 54  LEU A N   1 
ATOM   399  C CA  . LEU A 1 51  ? -7.101  -7.033  2.692   1.00 14.74 ? 54  LEU A CA  1 
ATOM   400  C C   . LEU A 1 51  ? -7.523  -5.593  2.433   1.00 15.98 ? 54  LEU A C   1 
ATOM   401  O O   . LEU A 1 51  ? -7.138  -4.714  3.134   1.00 16.36 ? 54  LEU A O   1 
ATOM   402  C CB  . LEU A 1 51  ? -7.610  -7.507  4.036   1.00 17.53 ? 54  LEU A CB  1 
ATOM   403  C CG  . LEU A 1 51  ? -9.076  -7.279  4.372   1.00 22.93 ? 54  LEU A CG  1 
ATOM   404  C CD1 . LEU A 1 51  ? -10.000 -7.970  3.412   1.00 24.78 ? 54  LEU A CD1 1 
ATOM   405  C CD2 . LEU A 1 51  ? -9.339  -7.736  5.792   1.00 29.08 ? 54  LEU A CD2 1 
ATOM   406  N N   . ILE A 1 52  ? -8.330  -5.399  1.400   1.00 15.58 ? 55  ILE A N   1 
ATOM   407  C CA  . ILE A 1 52  ? -8.796  -4.078  1.008   1.00 15.80 ? 55  ILE A CA  1 
ATOM   408  C C   . ILE A 1 52  ? -10.303 -4.081  1.240   1.00 16.25 ? 55  ILE A C   1 
ATOM   409  O O   . ILE A 1 52  ? -10.929 -5.011  0.876   1.00 18.22 ? 55  ILE A O   1 
ATOM   410  C CB  . ILE A 1 52  ? -8.511  -3.782  -0.469  1.00 16.99 ? 55  ILE A CB  1 
ATOM   411  C CG1 . ILE A 1 52  ? -7.041  -4.016  -0.780  1.00 19.41 ? 55  ILE A CG1 1 
ATOM   412  C CG2 . ILE A 1 52  ? -8.899  -2.365  -0.821  1.00 17.52 ? 55  ILE A CG2 1 
ATOM   413  C CD1 . ILE A 1 52  ? -6.702  -3.807  -2.216  1.00 26.27 ? 55  ILE A CD1 1 
ATOM   414  N N   . HIS A 1 53  ? -10.839 -3.039  1.855   1.00 15.69 ? 56  HIS A N   1 
ATOM   415  C CA  . HIS A 1 53  ? -12.274 -2.973  2.220   1.00 15.61 ? 56  HIS A CA  1 
ATOM   416  C C   . HIS A 1 53  ? -12.661 -1.527  2.063   1.00 17.63 ? 56  HIS A C   1 
ATOM   417  O O   . HIS A 1 53  ? -11.934 -0.604  2.250   1.00 16.31 ? 56  HIS A O   1 
ATOM   418  C CB  . HIS A 1 53  ? -12.470 -3.460  3.667   1.00 16.47 ? 56  HIS A CB  1 
ATOM   419  C CG  . HIS A 1 53  ? -13.904 -3.647  4.104   1.00 17.73 ? 56  HIS A CG  1 
ATOM   420  N ND1 . HIS A 1 53  ? -14.539 -4.841  3.938   1.00 21.43 ? 56  HIS A ND1 1 
ATOM   421  C CD2 . HIS A 1 53  ? -14.757 -2.849  4.777   1.00 19.11 ? 56  HIS A CD2 1 
ATOM   422  C CE1 . HIS A 1 53  ? -15.748 -4.780  4.486   1.00 22.37 ? 56  HIS A CE1 1 
ATOM   423  N NE2 . HIS A 1 53  ? -15.904 -3.577  4.959   1.00 19.72 ? 56  HIS A NE2 1 
ATOM   424  N N   . ASN A 1 54  ? -13.961 -1.298  1.774   1.00 17.75 ? 57  ASN A N   1 
ATOM   425  C CA  . ASN A 1 54  ? -14.455 0.083   1.741   1.00 19.40 ? 57  ASN A CA  1 
ATOM   426  C C   . ASN A 1 54  ? -14.318 0.778   3.098   1.00 18.29 ? 57  ASN A C   1 
ATOM   427  O O   . ASN A 1 54  ? -14.506 0.148   4.133   1.00 19.66 ? 57  ASN A O   1 
ATOM   428  C CB  . ASN A 1 54  ? -15.936 0.091   1.354   1.00 23.22 ? 57  ASN A CB  1 
ATOM   429  C CG  . ASN A 1 54  ? -16.178 -0.364  -0.080  1.00 28.32 ? 57  ASN A CG  1 
ATOM   430  O OD1 . ASN A 1 54  ? -16.597 -1.503  -0.302  1.00 37.71 ? 57  ASN A OD1 1 
ATOM   431  N ND2 . ASN A 1 54  ? -15.979 0.526   -1.045  1.00 31.73 ? 57  ASN A ND2 1 
ATOM   432  N N   . TYR A 1 55  ? -14.119 2.062   3.066   1.00 17.35 ? 58  TYR A N   1 
ATOM   433  C CA  . TYR A 1 55  ? -14.118 2.851   4.270   1.00 18.98 ? 58  TYR A CA  1 
ATOM   434  C C   . TYR A 1 55  ? -14.610 4.230   3.898   1.00 21.19 ? 58  TYR A C   1 
ATOM   435  O O   . TYR A 1 55  ? -13.998 4.946   3.145   1.00 19.15 ? 58  TYR A O   1 
ATOM   436  C CB  . TYR A 1 55  ? -12.728 3.006   4.919   1.00 17.27 ? 58  TYR A CB  1 
ATOM   437  C CG  . TYR A 1 55  ? -12.799 3.943   6.136   1.00 18.61 ? 58  TYR A CG  1 
ATOM   438  C CD1 . TYR A 1 55  ? -13.525 3.565   7.260   1.00 20.37 ? 58  TYR A CD1 1 
ATOM   439  C CD2 . TYR A 1 55  ? -12.205 5.152   6.114   1.00 18.04 ? 58  TYR A CD2 1 
ATOM   440  C CE1 . TYR A 1 55  ? -13.610 4.406   8.370   1.00 22.80 ? 58  TYR A CE1 1 
ATOM   441  C CE2 . TYR A 1 55  ? -12.284 6.012   7.205   1.00 19.68 ? 58  TYR A CE2 1 
ATOM   442  C CZ  . TYR A 1 55  ? -13.040 5.647   8.272   1.00 19.24 ? 58  TYR A CZ  1 
ATOM   443  O OH  . TYR A 1 55  ? -13.108 6.545   9.374   1.00 22.53 ? 58  TYR A OH  1 
ATOM   444  N N   . LEU A 1 56  ? -15.840 4.587   4.298   1.00 21.30 ? 59  LEU A N   1 
ATOM   445  C CA  . LEU A 1 56  ? -16.475 5.833   3.871   1.00 24.09 ? 59  LEU A CA  1 
ATOM   446  C C   . LEU A 1 56  ? -16.493 5.937   2.362   1.00 20.50 ? 59  LEU A C   1 
ATOM   447  O O   . LEU A 1 56  ? -16.860 4.993   1.712   1.00 22.10 ? 59  LEU A O   1 
ATOM   448  C CB  . LEU A 1 56  ? -15.919 6.974   4.681   1.00 22.98 ? 59  LEU A CB  1 
ATOM   449  C CG  . LEU A 1 56  ? -15.888 6.924   6.210   1.00 24.16 ? 59  LEU A CG  1 
ATOM   450  C CD1 . LEU A 1 56  ? -15.277 8.136   6.868   1.00 27.80 ? 59  LEU A CD1 1 
ATOM   451  C CD2 . LEU A 1 56  ? -17.352 6.783   6.667   1.00 29.09 ? 59  LEU A CD2 1 
ATOM   452  N N   . ASP A 1 57  ? -16.010 7.037   1.829   1.00 21.51 ? 60  ASP A N   1 
ATOM   453  C CA  . ASP A 1 57  ? -15.869 7.248   0.409   1.00 23.13 ? 60  ASP A CA  1 
ATOM   454  C C   . ASP A 1 57  ? -14.568 6.732   -0.228  1.00 23.95 ? 60  ASP A C   1 
ATOM   455  O O   . ASP A 1 57  ? -14.305 6.990   -1.363  1.00 27.74 ? 60  ASP A O   1 
ATOM   456  C CB  . ASP A 1 57  ? -16.059 8.742   0.065   1.00 26.69 ? 60  ASP A CB  1 
ATOM   457  C CG  . ASP A 1 57  ? -15.142 9.675   0.832   1.00 31.01 ? 60  ASP A CG  1 
ATOM   458  O OD1 . ASP A 1 57  ? -14.545 9.370   1.864   1.00 25.22 ? 60  ASP A OD1 1 
ATOM   459  O OD2 . ASP A 1 57  ? -15.029 10.802  0.372   1.00 37.46 ? 60  ASP A OD2 1 
ATOM   460  N N   . GLY A 1 58  ? -13.789 5.987   0.529   1.00 20.52 ? 61  GLY A N   1 
ATOM   461  C CA  . GLY A 1 58  ? -12.559 5.428   0.033   1.00 18.53 ? 61  GLY A CA  1 
ATOM   462  C C   . GLY A 1 58  ? -12.357 4.003   0.467   1.00 16.43 ? 61  GLY A C   1 
ATOM   463  O O   . GLY A 1 58  ? -13.286 3.258   0.529   1.00 18.27 ? 61  GLY A O   1 
ATOM   464  N N   . TYR A 1 59  ? -11.109 3.654   0.758   1.00 15.64 ? 62  TYR A N   1 
ATOM   465  C CA  . TYR A 1 59  ? -10.751 2.295   1.102   1.00 15.51 ? 62  TYR A CA  1 
ATOM   466  C C   . TYR A 1 59  ? -9.744  2.255   2.239   1.00 15.69 ? 62  TYR A C   1 
ATOM   467  O O   . TYR A 1 59  ? -8.984  3.139   2.401   1.00 17.03 ? 62  TYR A O   1 
ATOM   468  C CB  . TYR A 1 59  ? -10.111 1.611   -0.129  1.00 16.21 ? 62  TYR A CB  1 
ATOM   469  C CG  . TYR A 1 59  ? -11.024 1.606   -1.338  1.00 16.43 ? 62  TYR A CG  1 
ATOM   470  C CD1 . TYR A 1 59  ? -11.042 2.664   -2.199  1.00 16.97 ? 62  TYR A CD1 1 
ATOM   471  C CD2 . TYR A 1 59  ? -11.858 0.565   -1.583  1.00 18.28 ? 62  TYR A CD2 1 
ATOM   472  C CE1 . TYR A 1 59  ? -11.895 2.687   -3.271  1.00 18.32 ? 62  TYR A CE1 1 
ATOM   473  C CE2 . TYR A 1 59  ? -12.714 0.583   -2.652  1.00 20.15 ? 62  TYR A CE2 1 
ATOM   474  C CZ  . TYR A 1 59  ? -12.700 1.652   -3.494  1.00 19.73 ? 62  TYR A CZ  1 
ATOM   475  O OH  . TYR A 1 59  ? -13.529 1.689   -4.556  1.00 26.37 ? 62  TYR A OH  1 
ATOM   476  N N   . LYS A 1 60  ? -9.776  1.164   2.985   1.00 14.71 ? 63  LYS A N   1 
ATOM   477  C CA  . LYS A 1 60  ? -8.744  0.848   3.968   1.00 15.37 ? 63  LYS A CA  1 
ATOM   478  C C   . LYS A 1 60  ? -7.976  -0.407  3.522   1.00 14.43 ? 63  LYS A C   1 
ATOM   479  O O   . LYS A 1 60  ? -8.523  -1.263  2.944   1.00 15.52 ? 63  LYS A O   1 
ATOM   480  C CB  . LYS A 1 60  ? -9.338  0.695   5.377   1.00 16.46 ? 63  LYS A CB  1 
ATOM   481  C CG  . LYS A 1 60  ? -10.437 -0.341  5.564   1.00 16.04 ? 63  LYS A CG  1 
ATOM   482  C CD  . LYS A 1 60  ? -11.140 -0.212  6.916   1.00 16.94 ? 63  LYS A CD  1 
ATOM   483  C CE  . LYS A 1 60  ? -12.169 -1.318  7.076   1.00 19.54 ? 63  LYS A CE  1 
ATOM   484  N NZ  . LYS A 1 60  ? -13.000 -1.193  8.291   1.00 20.23 ? 63  LYS A NZ  1 
ATOM   485  N N   . ILE A 1 61  ? -6.690  -0.434  3.832   1.00 14.17 ? 64  ILE A N   1 
ATOM   486  C CA  . ILE A 1 61  ? -5.702  -1.382  3.296   1.00 13.85 ? 64  ILE A CA  1 
ATOM   487  C C   . ILE A 1 61  ? -4.943  -1.975  4.464   1.00 13.18 ? 64  ILE A C   1 
ATOM   488  O O   . ILE A 1 61  ? -4.243  -1.250  5.158   1.00 14.16 ? 64  ILE A O   1 
ATOM   489  C CB  . ILE A 1 61  ? -4.823  -0.708  2.279   1.00 14.64 ? 64  ILE A CB  1 
ATOM   490  C CG1 . ILE A 1 61  ? -5.570  -0.179  1.092   1.00 16.09 ? 64  ILE A CG1 1 
ATOM   491  C CG2 . ILE A 1 61  ? -3.732  -1.660  1.839   1.00 16.35 ? 64  ILE A CG2 1 
ATOM   492  C CD1 . ILE A 1 61  ? -4.757  0.684   0.161   1.00 17.58 ? 64  ILE A CD1 1 
ATOM   493  N N   . PHE A 1 62  ? -5.155  -3.253  4.707   1.00 13.08 ? 65  PHE A N   1 
ATOM   494  C CA  . PHE A 1 62  ? -4.779  -3.936  5.948   1.00 13.73 ? 65  PHE A CA  1 
ATOM   495  C C   . PHE A 1 62  ? -3.823  -5.090  5.664   1.00 13.57 ? 65  PHE A C   1 
ATOM   496  O O   . PHE A 1 62  ? -4.145  -5.875  4.765   1.00 14.37 ? 65  PHE A O   1 
ATOM   497  C CB  . PHE A 1 62  ? -6.060  -4.389  6.651   1.00 14.47 ? 65  PHE A CB  1 
ATOM   498  C CG  . PHE A 1 62  ? -5.871  -5.150  7.924   1.00 17.07 ? 65  PHE A CG  1 
ATOM   499  C CD1 . PHE A 1 62  ? -5.476  -4.571  9.063   1.00 17.58 ? 65  PHE A CD1 1 
ATOM   500  C CD2 . PHE A 1 62  ? -5.955  -6.548  7.902   1.00 25.07 ? 65  PHE A CD2 1 
ATOM   501  C CE1 . PHE A 1 62  ? -5.359  -5.343  10.221  1.00 23.08 ? 65  PHE A CE1 1 
ATOM   502  C CE2 . PHE A 1 62  ? -5.611  -7.394  8.991   1.00 24.54 ? 65  PHE A CE2 1 
ATOM   503  C CZ  . PHE A 1 62  ? -5.335  -6.746  10.189  1.00 27.10 ? 65  PHE A CZ  1 
ATOM   504  N N   . ASN A 1 63  ? -2.770  -5.233  6.461   1.00 14.54 ? 66  ASN A N   1 
ATOM   505  C CA  . ASN A 1 63  ? -1.840  -6.324  6.232   1.00 14.63 ? 66  ASN A CA  1 
ATOM   506  C C   . ASN A 1 63  ? -2.162  -7.479  7.124   1.00 14.88 ? 66  ASN A C   1 
ATOM   507  O O   . ASN A 1 63  ? -2.241  -7.365  8.350   1.00 15.56 ? 66  ASN A O   1 
ATOM   508  C CB  . ASN A 1 63  ? -0.433  -5.856  6.419   1.00 15.28 ? 66  ASN A CB  1 
ATOM   509  C CG  . ASN A 1 63  ? 0.619   -6.889  6.040   1.00 15.24 ? 66  ASN A CG  1 
ATOM   510  O OD1 . ASN A 1 63  ? 0.829   -7.839  6.755   1.00 15.32 ? 66  ASN A OD1 1 
ATOM   511  N ND2 . ASN A 1 63  ? 1.201   -6.706  4.939   1.00 15.93 ? 66  ASN A ND2 1 
ATOM   512  N N   . MET A 1 64  ? -2.315  -8.697  6.554   1.00 14.15 ? 67  MET A N   1 
ATOM   513  C CA  . MET A 1 64  ? -2.666  -9.878  7.268   1.00 14.77 ? 67  MET A CA  1 
ATOM   514  C C   . MET A 1 64  ? -1.586  -10.460 8.152   1.00 15.65 ? 67  MET A C   1 
ATOM   515  O O   . MET A 1 64  ? -1.940  -11.287 9.044   1.00 18.14 ? 67  MET A O   1 
ATOM   516  C CB  . MET A 1 64  ? -3.239  -10.923 6.308   1.00 16.09 ? 67  MET A CB  1 
ATOM   517  C CG  . MET A 1 64  ? -4.489  -10.526 5.630   1.00 16.34 ? 67  MET A CG  1 
ATOM   518  S SD  . MET A 1 64  ? -5.887  -10.163 6.712   1.00 19.10 ? 67  MET A SD  1 
ATOM   519  C CE  . MET A 1 64  ? -6.079  -11.574 7.740   1.00 22.95 ? 67  MET A CE  1 
ATOM   520  N N   . GLY A 1 65  ? -0.357  -10.144 7.859   1.00 14.89 ? 68  GLY A N   1 
ATOM   521  C CA  . GLY A 1 65  ? 0.719   -10.579 8.709   1.00 15.98 ? 68  GLY A CA  1 
ATOM   522  C C   . GLY A 1 65  ? 1.130   -9.646  9.784   1.00 15.33 ? 68  GLY A C   1 
ATOM   523  O O   . GLY A 1 65  ? 1.399   -10.097 10.913  1.00 17.27 ? 68  GLY A O   1 
ATOM   524  N N   . SER A 1 66  ? 1.135   -8.349  9.551   1.00 14.22 ? 69  SER A N   1 
ATOM   525  C CA  . SER A 1 66  ? 1.579   -7.399  10.550  1.00 13.96 ? 69  SER A CA  1 
ATOM   526  C C   . SER A 1 66  ? 0.469   -6.837  11.416  1.00 14.58 ? 69  SER A C   1 
ATOM   527  O O   . SER A 1 66  ? 0.742   -6.166  12.398  1.00 14.77 ? 69  SER A O   1 
ATOM   528  C CB  . SER A 1 66  ? 2.280   -6.234  9.885   1.00 14.86 ? 69  SER A CB  1 
ATOM   529  O OG  . SER A 1 66  ? 1.370   -5.505  9.087   1.00 14.48 ? 69  SER A OG  1 
ATOM   530  N N   . ASN A 1 67  ? -0.775  -7.005  10.991  1.00 13.55 ? 70  ASN A N   1 
ATOM   531  C CA  . ASN A 1 67  ? -1.946  -6.449  11.707  1.00 14.08 ? 70  ASN A CA  1 
ATOM   532  C C   . ASN A 1 67  ? -1.913  -4.952  11.661  1.00 14.91 ? 70  ASN A C   1 
ATOM   533  O O   . ASN A 1 67  ? -2.516  -4.305  12.525  1.00 15.28 ? 70  ASN A O   1 
ATOM   534  C CB  . ASN A 1 67  ? -2.052  -7.012  13.120  1.00 14.44 ? 70  ASN A CB  1 
ATOM   535  C CG  . ASN A 1 67  ? -2.022  -8.490  13.153  1.00 15.47 ? 70  ASN A CG  1 
ATOM   536  O OD1 . ASN A 1 67  ? -2.795  -9.153  12.475  1.00 17.11 ? 70  ASN A OD1 1 
ATOM   537  N ND2 . ASN A 1 67  ? -1.043  -9.018  13.826  1.00 17.09 ? 70  ASN A ND2 1 
ATOM   538  N N   . ASN A 1 68  ? -1.317  -4.354  10.649  1.00 14.20 ? 71  ASN A N   1 
ATOM   539  C CA  . ASN A 1 68  ? -1.191  -2.925  10.451  1.00 14.02 ? 71  ASN A CA  1 
ATOM   540  C C   . ASN A 1 68  ? -2.022  -2.436  9.253   1.00 14.09 ? 71  ASN A C   1 
ATOM   541  O O   . ASN A 1 68  ? -2.212  -3.181  8.299   1.00 14.69 ? 71  ASN A O   1 
ATOM   542  C CB  . ASN A 1 68  ? 0.257   -2.480  10.274  1.00 14.09 ? 71  ASN A CB  1 
ATOM   543  C CG  . ASN A 1 68  ? 1.107   -2.671  11.495  1.00 14.71 ? 71  ASN A CG  1 
ATOM   544  O OD1 . ASN A 1 68  ? 0.620   -2.745  12.589  1.00 16.49 ? 71  ASN A OD1 1 
ATOM   545  N ND2 . ASN A 1 68  ? 2.396   -2.767  11.277  1.00 16.11 ? 71  ASN A ND2 1 
ATOM   546  N N   . TRP A 1 69  ? -2.423  -1.187  9.312   1.00 13.23 ? 72  TRP A N   1 
ATOM   547  C CA  . TRP A 1 69  ? -2.976  -0.498  8.186   1.00 12.52 ? 72  TRP A CA  1 
ATOM   548  C C   . TRP A 1 69  ? -2.032  0.366   7.473   1.00 13.61 ? 72  TRP A C   1 
ATOM   549  O O   . TRP A 1 69  ? -1.223  1.103   8.125   1.00 13.62 ? 72  TRP A O   1 
ATOM   550  C CB  . TRP A 1 69  ? -4.134  0.416   8.628   1.00 14.29 ? 72  TRP A CB  1 
ATOM   551  C CG  . TRP A 1 69  ? -5.414  -0.361  9.082   1.00 14.97 ? 72  TRP A CG  1 
ATOM   552  C CD1 . TRP A 1 69  ? -6.471  -0.790  8.249   1.00 14.81 ? 72  TRP A CD1 1 
ATOM   553  C CD2 . TRP A 1 69  ? -5.641  -0.914  10.347  1.00 15.69 ? 72  TRP A CD2 1 
ATOM   554  N NE1 . TRP A 1 69  ? -7.333  -1.522  9.013   1.00 17.39 ? 72  TRP A NE1 1 
ATOM   555  C CE2 . TRP A 1 69  ? -6.879  -1.586  10.298  1.00 16.01 ? 72  TRP A CE2 1 
ATOM   556  C CE3 . TRP A 1 69  ? -4.943  -0.882  11.527  1.00 14.40 ? 72  TRP A CE3 1 
ATOM   557  C CZ2 . TRP A 1 69  ? -7.403  -2.273  11.394  1.00 16.47 ? 72  TRP A CZ2 1 
ATOM   558  C CZ3 . TRP A 1 69  ? -5.488  -1.589  12.665  1.00 16.71 ? 72  TRP A CZ3 1 
ATOM   559  C CH2 . TRP A 1 69  ? -6.737  -2.255  12.547  1.00 17.60 ? 72  TRP A CH2 1 
ATOM   560  N N   . ALA A 1 70  ? -2.016  0.399   6.139   1.00 13.26 ? 73  ALA A N   1 
ATOM   561  C CA  . ALA A 1 70  ? -1.291  1.368   5.400   1.00 14.05 ? 73  ALA A CA  1 
ATOM   562  C C   . ALA A 1 70  ? -1.825  2.727   5.645   1.00 13.50 ? 73  ALA A C   1 
ATOM   563  O O   . ALA A 1 70  ? -3.055  2.935   5.605   1.00 14.50 ? 73  ALA A O   1 
ATOM   564  C CB  . ALA A 1 70  ? -1.288  1.052   3.930   1.00 15.24 ? 73  ALA A CB  1 
ATOM   565  N N   A SER A 1 71  ? -0.970  3.696   5.956   0.50 13.34 ? 74  SER A N   1 
ATOM   566  N N   B SER A 1 71  ? -0.991  3.712   5.950   0.50 13.25 ? 74  SER A N   1 
ATOM   567  C CA  A SER A 1 71  ? -1.346  4.974   6.548   0.50 14.17 ? 74  SER A CA  1 
ATOM   568  C CA  B SER A 1 71  ? -1.409  4.989   6.474   0.50 14.59 ? 74  SER A CA  1 
ATOM   569  C C   A SER A 1 71  ? -0.484  6.115   6.012   0.50 14.49 ? 74  SER A C   1 
ATOM   570  C C   B SER A 1 71  ? -0.513  6.116   5.989   0.50 14.47 ? 74  SER A C   1 
ATOM   571  O O   A SER A 1 71  ? 0.719   5.922   5.689   0.50 15.77 ? 74  SER A O   1 
ATOM   572  O O   B SER A 1 71  ? 0.686   5.930   5.711   0.50 15.91 ? 74  SER A O   1 
ATOM   573  C CB  A SER A 1 71  ? -1.310  4.836   8.065   0.50 15.78 ? 74  SER A CB  1 
ATOM   574  C CB  B SER A 1 71  ? -1.465  4.965   7.966   0.50 15.67 ? 74  SER A CB  1 
ATOM   575  O OG  A SER A 1 71  ? -1.636  5.990   8.789   0.50 15.31 ? 74  SER A OG  1 
ATOM   576  O OG  B SER A 1 71  ? -0.147  5.047   8.447   0.50 16.37 ? 74  SER A OG  1 
ATOM   577  N N   . VAL A 1 72  ? -1.101  7.291   5.933   1.00 14.28 ? 75  VAL A N   1 
ATOM   578  C CA  . VAL A 1 72  ? -0.356  8.512   5.569   1.00 15.24 ? 75  VAL A CA  1 
ATOM   579  C C   . VAL A 1 72  ? 0.507   8.961   6.739   1.00 16.06 ? 75  VAL A C   1 
ATOM   580  O O   . VAL A 1 72  ? -0.061  9.255   7.816   1.00 18.63 ? 75  VAL A O   1 
ATOM   581  C CB  . VAL A 1 72  ? -1.356  9.629   5.234   1.00 16.56 ? 75  VAL A CB  1 
ATOM   582  C CG1 . VAL A 1 72  ? -0.586  10.951  4.911   1.00 17.01 ? 75  VAL A CG1 1 
ATOM   583  C CG2 . VAL A 1 72  ? -2.243  9.235   4.089   1.00 15.97 ? 75  VAL A CG2 1 
ATOM   584  N N   . SER A 1 73  ? 1.816   8.956   6.635   1.00 15.76 ? 76  SER A N   1 
ATOM   585  C CA  . SER A 1 73  ? 2.650   9.419   7.693   1.00 17.37 ? 76  SER A CA  1 
ATOM   586  C C   . SER A 1 73  ? 2.751   10.935  7.657   1.00 20.17 ? 76  SER A C   1 
ATOM   587  O O   . SER A 1 73  ? 2.373   11.572  6.711   1.00 22.77 ? 76  SER A O   1 
ATOM   588  C CB  . SER A 1 73  ? 4.030   8.850   7.539   1.00 18.18 ? 76  SER A CB  1 
ATOM   589  O OG  . SER A 1 73  ? 4.822   9.582   6.618   1.00 20.63 ? 76  SER A OG  1 
ATOM   590  N N   . ARG A 1 74  ? 3.323   11.484  8.702   1.00 24.34 ? 77  ARG A N   1 
ATOM   591  C CA  . ARG A 1 74  ? 3.492   12.903  8.738   1.00 26.24 ? 77  ARG A CA  1 
ATOM   592  C C   . ARG A 1 74  ? 4.706   13.357  7.917   1.00 24.86 ? 77  ARG A C   1 
ATOM   593  O O   . ARG A 1 74  ? 4.898   14.510  7.718   1.00 28.96 ? 77  ARG A O   1 
ATOM   594  C CB  . ARG A 1 74  ? 3.538   13.369  10.186  1.00 34.38 ? 77  ARG A CB  1 
ATOM   595  C CG  . ARG A 1 74  ? 2.125   13.453  10.789  1.00 41.50 ? 77  ARG A CG  1 
ATOM   596  C CD  . ARG A 1 74  ? 1.884   14.692  11.630  1.00 55.08 ? 77  ARG A CD  1 
ATOM   597  N NE  . ARG A 1 74  ? 0.874   14.499  12.665  1.00 67.50 ? 77  ARG A NE  1 
ATOM   598  C CZ  . ARG A 1 74  ? 0.293   15.493  13.336  1.00 78.84 ? 77  ARG A CZ  1 
ATOM   599  N NH1 . ARG A 1 74  ? 0.640   16.743  13.078  1.00 84.37 ? 77  ARG A NH1 1 
ATOM   600  N NH2 . ARG A 1 74  ? -0.624  15.241  14.273  1.00 77.06 ? 77  ARG A NH2 1 
ATOM   601  N N   . GLY A 1 75  ? 5.473   12.416  7.406   1.00 21.01 ? 78  GLY A N   1 
ATOM   602  C CA  . GLY A 1 75  ? 6.643   12.693  6.574   1.00 20.51 ? 78  GLY A CA  1 
ATOM   603  C C   . GLY A 1 75  ? 6.553   12.343  5.081   1.00 20.46 ? 78  GLY A C   1 
ATOM   604  O O   . GLY A 1 75  ? 7.502   12.064  4.462   1.00 19.64 ? 78  GLY A O   1 
ATOM   605  N N   . ASN A 1 76  ? 5.354   12.388  4.533   1.00 20.68 ? 79  ASN A N   1 
ATOM   606  C CA  . ASN A 1 76  ? 5.146   12.123  3.113   1.00 18.78 ? 79  ASN A CA  1 
ATOM   607  C C   . ASN A 1 76  ? 5.582   10.712  2.713   1.00 17.12 ? 79  ASN A C   1 
ATOM   608  O O   . ASN A 1 76  ? 6.141   10.497  1.685   1.00 17.70 ? 79  ASN A O   1 
ATOM   609  C CB  . ASN A 1 76  ? 5.811   13.175  2.203   1.00 22.61 ? 79  ASN A CB  1 
ATOM   610  C CG  . ASN A 1 76  ? 5.462   14.603  2.588   1.00 27.20 ? 79  ASN A CG  1 
ATOM   611  O OD1 . ASN A 1 76  ? 6.265   15.329  3.134   1.00 36.53 ? 79  ASN A OD1 1 
ATOM   612  N ND2 . ASN A 1 76  ? 4.290   14.978  2.318   1.00 27.74 ? 79  ASN A ND2 1 
ATOM   613  N N   . THR A 1 77  ? 5.286   9.764   3.585   1.00 15.20 ? 80  THR A N   1 
ATOM   614  C CA  . THR A 1 77  ? 5.539   8.367   3.282   1.00 16.80 ? 80  THR A CA  1 
ATOM   615  C C   . THR A 1 77  ? 4.317   7.560   3.678   1.00 16.49 ? 80  THR A C   1 
ATOM   616  O O   . THR A 1 77  ? 3.464   8.049   4.316   1.00 15.48 ? 80  THR A O   1 
ATOM   617  C CB  . THR A 1 77  ? 6.789   7.826   3.991   1.00 16.83 ? 80  THR A CB  1 
ATOM   618  O OG1 . THR A 1 77  ? 6.612   8.008   5.380   1.00 18.79 ? 80  THR A OG1 1 
ATOM   619  C CG2 . THR A 1 77  ? 8.046   8.498   3.508   1.00 18.92 ? 80  THR A CG2 1 
ATOM   620  N N   . VAL A 1 78  ? 4.260   6.329   3.221   1.00 15.31 ? 81  VAL A N   1 
ATOM   621  C CA  . VAL A 1 78  ? 3.213   5.408   3.617   1.00 15.02 ? 81  VAL A CA  1 
ATOM   622  C C   . VAL A 1 78  ? 3.802   4.355   4.549   1.00 17.12 ? 81  VAL A C   1 
ATOM   623  O O   . VAL A 1 78  ? 4.724   3.677   4.196   1.00 16.86 ? 81  VAL A O   1 
ATOM   624  C CB  . VAL A 1 78  ? 2.569   4.725   2.404   1.00 15.31 ? 81  VAL A CB  1 
ATOM   625  C CG1 . VAL A 1 78  ? 1.405   3.891   2.860   1.00 14.46 ? 81  VAL A CG1 1 
ATOM   626  C CG2 . VAL A 1 78  ? 2.085   5.776   1.428   1.00 15.92 ? 81  VAL A CG2 1 
ATOM   627  N N   . LEU A 1 79  ? 3.259   4.306   5.743   1.00 15.37 ? 82  LEU A N   1 
ATOM   628  C CA  . LEU A 1 79  ? 3.732   3.370   6.783   1.00 16.22 ? 82  LEU A CA  1 
ATOM   629  C C   . LEU A 1 79  ? 2.602   2.502   7.311   1.00 16.36 ? 82  LEU A C   1 
ATOM   630  O O   . LEU A 1 79  ? 1.453   2.947   7.260   1.00 16.44 ? 82  LEU A O   1 
ATOM   631  C CB  . LEU A 1 79  ? 4.378   4.104   7.961   1.00 16.70 ? 82  LEU A CB  1 
ATOM   632  C CG  . LEU A 1 79  ? 5.564   5.000   7.533   1.00 17.62 ? 82  LEU A CG  1 
ATOM   633  C CD1 . LEU A 1 79  ? 6.052   5.841   8.718   1.00 21.99 ? 82  LEU A CD1 1 
ATOM   634  C CD2 . LEU A 1 79  ? 6.751   4.281   6.930   1.00 18.52 ? 82  LEU A CD2 1 
ATOM   635  N N   . GLY A 1 80  ? 2.913   1.349   7.847   1.00 15.36 ? 83  GLY A N   1 
ATOM   636  C CA  . GLY A 1 80  ? 1.936   0.486   8.457   1.00 16.61 ? 83  GLY A CA  1 
ATOM   637  C C   . GLY A 1 80  ? 1.800   0.893   9.926   1.00 15.80 ? 83  GLY A C   1 
ATOM   638  O O   . GLY A 1 80  ? 2.805   0.870   10.659  1.00 18.40 ? 83  GLY A O   1 
ATOM   639  N N   . VAL A 1 81  ? 0.594   1.224   10.360  1.00 13.94 ? 84  VAL A N   1 
ATOM   640  C CA  . VAL A 1 81  ? 0.300   1.631   11.749  1.00 15.07 ? 84  VAL A CA  1 
ATOM   641  C C   . VAL A 1 81  ? -0.583  0.584   12.408  1.00 13.66 ? 84  VAL A C   1 
ATOM   642  O O   . VAL A 1 81  ? -1.385  -0.108  11.781  1.00 14.11 ? 84  VAL A O   1 
ATOM   643  C CB  . VAL A 1 81  ? -0.356  2.992   11.875  1.00 14.89 ? 84  VAL A CB  1 
ATOM   644  C CG1 . VAL A 1 81  ? 0.628   4.080   11.409  1.00 17.49 ? 84  VAL A CG1 1 
ATOM   645  C CG2 . VAL A 1 81  ? -1.677  3.119   11.202  1.00 14.67 ? 84  VAL A CG2 1 
ATOM   646  N N   . SER A 1 82  ? -0.405  0.458   13.720  1.00 14.47 ? 85  SER A N   1 
ATOM   647  C CA  . SER A 1 82  ? -0.972  -0.670  14.479  1.00 14.27 ? 85  SER A CA  1 
ATOM   648  C C   . SER A 1 82  ? -2.398  -0.396  14.964  1.00 15.00 ? 85  SER A C   1 
ATOM   649  O O   . SER A 1 82  ? -3.013  -1.350  15.461  1.00 16.26 ? 85  SER A O   1 
ATOM   650  C CB  . SER A 1 82  ? -0.108  -1.029  15.633  1.00 15.74 ? 85  SER A CB  1 
ATOM   651  O OG  . SER A 1 82  ? 0.006   0.051   16.541  1.00 17.88 ? 85  SER A OG  1 
ATOM   652  N N   A GLU A 1 83  ? -2.907  0.798   14.820  0.50 14.45 ? 86  GLU A N   1 
ATOM   653  N N   B GLU A 1 83  ? -2.909  0.804   14.832  0.50 14.25 ? 86  GLU A N   1 
ATOM   654  C CA  A GLU A 1 83  ? -4.278  1.114   15.195  0.50 15.14 ? 86  GLU A CA  1 
ATOM   655  C CA  B GLU A 1 83  ? -4.273  1.158   15.245  0.50 14.75 ? 86  GLU A CA  1 
ATOM   656  C C   A GLU A 1 83  ? -4.902  1.887   14.084  0.50 15.40 ? 86  GLU A C   1 
ATOM   657  C C   B GLU A 1 83  ? -4.900  1.886   14.096  0.50 15.20 ? 86  GLU A C   1 
ATOM   658  O O   A GLU A 1 83  ? -4.291  2.819   13.519  0.50 16.61 ? 86  GLU A O   1 
ATOM   659  O O   B GLU A 1 83  ? -4.287  2.816   13.523  0.50 16.59 ? 86  GLU A O   1 
ATOM   660  C CB  A GLU A 1 83  ? -4.281  1.905   16.486  0.50 18.11 ? 86  GLU A CB  1 
ATOM   661  C CB  B GLU A 1 83  ? -4.238  2.079   16.479  0.50 16.92 ? 86  GLU A CB  1 
ATOM   662  C CG  A GLU A 1 83  ? -3.805  1.079   17.686  0.50 19.18 ? 86  GLU A CG  1 
ATOM   663  C CG  B GLU A 1 83  ? -5.597  2.395   17.061  0.50 17.13 ? 86  GLU A CG  1 
ATOM   664  C CD  A GLU A 1 83  ? -3.894  1.878   18.945  0.50 23.91 ? 86  GLU A CD  1 
ATOM   665  C CD  B GLU A 1 83  ? -5.496  3.188   18.355  0.50 21.50 ? 86  GLU A CD  1 
ATOM   666  O OE1 A GLU A 1 83  ? -3.052  2.793   19.074  0.50 25.96 ? 86  GLU A OE1 1 
ATOM   667  O OE1 B GLU A 1 83  ? -4.792  4.237   18.362  0.50 25.47 ? 86  GLU A OE1 1 
ATOM   668  O OE2 A GLU A 1 83  ? -4.788  1.588   19.754  0.50 26.98 ? 86  GLU A OE2 1 
ATOM   669  O OE2 B GLU A 1 83  ? -6.155  2.814   19.343  0.50 23.42 ? 86  GLU A OE2 1 
ATOM   670  N N   . PHE A 1 84  ? -6.138  1.596   13.778  1.00 14.60 ? 87  PHE A N   1 
ATOM   671  C CA  . PHE A 1 84  ? -6.862  2.274   12.679  1.00 14.95 ? 87  PHE A CA  1 
ATOM   672  C C   . PHE A 1 84  ? -7.070  3.714   13.029  1.00 16.64 ? 87  PHE A C   1 
ATOM   673  O O   . PHE A 1 84  ? -7.499  4.023   14.170  1.00 18.17 ? 87  PHE A O   1 
ATOM   674  C CB  . PHE A 1 84  ? -8.140  1.598   12.340  1.00 15.84 ? 87  PHE A CB  1 
ATOM   675  C CG  . PHE A 1 84  ? -8.823  2.231   11.179  1.00 15.38 ? 87  PHE A CG  1 
ATOM   676  C CD1 . PHE A 1 84  ? -8.470  1.899   9.919   1.00 14.86 ? 87  PHE A CD1 1 
ATOM   677  C CD2 . PHE A 1 84  ? -9.840  3.144   11.364  1.00 16.49 ? 87  PHE A CD2 1 
ATOM   678  C CE1 . PHE A 1 84  ? -9.108  2.519   8.830   1.00 16.30 ? 87  PHE A CE1 1 
ATOM   679  C CE2 . PHE A 1 84  ? -10.446 3.735   10.296  1.00 16.74 ? 87  PHE A CE2 1 
ATOM   680  C CZ  . PHE A 1 84  ? -10.097 3.462   9.035   1.00 16.34 ? 87  PHE A CZ  1 
ATOM   681  N N   . ASP A 1 85  ? -6.833  4.633   12.108  1.00 15.51 ? 88  ASP A N   1 
ATOM   682  C CA  . ASP A 1 85  ? -7.143  6.089   12.286  1.00 18.32 ? 88  ASP A CA  1 
ATOM   683  C C   . ASP A 1 85  ? -7.767  6.508   11.006  1.00 17.19 ? 88  ASP A C   1 
ATOM   684  O O   . ASP A 1 85  ? -7.145  6.548   9.953   1.00 16.25 ? 88  ASP A O   1 
ATOM   685  C CB  . ASP A 1 85  ? -5.844  6.863   12.540  1.00 20.12 ? 88  ASP A CB  1 
ATOM   686  C CG  . ASP A 1 85  ? -6.034  8.383   12.730  1.00 22.54 ? 88  ASP A CG  1 
ATOM   687  O OD1 . ASP A 1 85  ? -7.087  8.884   12.416  1.00 22.06 ? 88  ASP A OD1 1 
ATOM   688  O OD2 . ASP A 1 85  ? -5.055  8.906   13.308  1.00 26.72 ? 88  ASP A OD2 1 
ATOM   689  N N   . GLY A 1 86  ? -9.052  6.891   11.015  1.00 18.48 ? 89  GLY A N   1 
ATOM   690  C CA  . GLY A 1 86  ? -9.768  7.311   9.835   1.00 18.49 ? 89  GLY A CA  1 
ATOM   691  C C   . GLY A 1 86  ? -9.247  8.558   9.144   1.00 17.14 ? 89  GLY A C   1 
ATOM   692  O O   . GLY A 1 86  ? -9.513  8.766   7.981   1.00 19.81 ? 89  GLY A O   1 
ATOM   693  N N   . GLN A 1 87  ? -8.429  9.294   9.849   1.00 18.02 ? 90  GLN A N   1 
ATOM   694  C CA  . GLN A 1 87  ? -7.817  10.502  9.281   1.00 19.30 ? 90  GLN A CA  1 
ATOM   695  C C   . GLN A 1 87  ? -6.532  10.243  8.543   1.00 18.95 ? 90  GLN A C   1 
ATOM   696  O O   . GLN A 1 87  ? -6.074  11.088  7.726   1.00 19.94 ? 90  GLN A O   1 
ATOM   697  C CB  . GLN A 1 87  ? -7.500  11.554  10.334  1.00 21.58 ? 90  GLN A CB  1 
ATOM   698  C CG  . GLN A 1 87  ? -8.789  12.051  11.025  1.00 26.75 ? 90  GLN A CG  1 
ATOM   699  C CD  . GLN A 1 87  ? -9.743  12.638  10.045  1.00 33.47 ? 90  GLN A CD  1 
ATOM   700  O OE1 . GLN A 1 87  ? -9.361  13.570  9.313   1.00 43.26 ? 90  GLN A OE1 1 
ATOM   701  N NE2 . GLN A 1 87  ? -10.956 12.101  9.949   1.00 40.60 ? 90  GLN A NE2 1 
ATOM   702  N N   . THR A 1 88  ? -5.997  9.033   8.683   1.00 16.28 ? 91  THR A N   1 
ATOM   703  C CA  . THR A 1 88  ? -4.759  8.672   8.019   1.00 15.02 ? 91  THR A CA  1 
ATOM   704  C C   . THR A 1 88  ? -4.808  7.343   7.239   1.00 16.34 ? 91  THR A C   1 
ATOM   705  O O   . THR A 1 88  ? -3.914  7.065   6.497   1.00 16.05 ? 91  THR A O   1 
ATOM   706  C CB  . THR A 1 88  ? -3.577  8.568   8.990   1.00 15.17 ? 91  THR A CB  1 
ATOM   707  O OG1 . THR A 1 88  ? -3.756  7.428   9.834   1.00 16.29 ? 91  THR A OG1 1 
ATOM   708  C CG2 . THR A 1 88  ? -3.434  9.837   9.829   1.00 19.69 ? 91  THR A CG2 1 
ATOM   709  N N   . CYS A 1 89  ? -5.845  6.551   7.452   1.00 15.08 ? 92  CYS A N   1 
ATOM   710  C CA  . CYS A 1 89  ? -5.891  5.205   6.888   1.00 14.40 ? 92  CYS A CA  1 
ATOM   711  C C   . CYS A 1 89  ? -6.893  5.040   5.762   1.00 14.16 ? 92  CYS A C   1 
ATOM   712  O O   . CYS A 1 89  ? -7.093  3.983   5.324   1.00 14.96 ? 92  CYS A O   1 
ATOM   713  C CB  . CYS A 1 89  ? -6.176  4.177   7.967   1.00 14.23 ? 92  CYS A CB  1 
ATOM   714  S SG  . CYS A 1 89  ? -4.906  4.026   9.257   1.00 15.19 ? 92  CYS A SG  1 
ATOM   715  N N   . LYS A 1 90  ? -7.494  6.119   5.329   1.00 15.00 ? 93  LYS A N   1 
ATOM   716  C CA  . LYS A 1 90  ? -8.409  6.087   4.198   1.00 14.45 ? 93  LYS A CA  1 
ATOM   717  C C   . LYS A 1 90  ? -7.642  6.472   2.910   1.00 15.59 ? 93  LYS A C   1 
ATOM   718  O O   . LYS A 1 90  ? -6.843  7.390   2.912   1.00 16.53 ? 93  LYS A O   1 
ATOM   719  C CB  . LYS A 1 90  ? -9.594  7.071   4.400   1.00 16.91 ? 93  LYS A CB  1 
ATOM   720  C CG  . LYS A 1 90  ? -10.605 7.067   3.281   1.00 16.13 ? 93  LYS A CG  1 
ATOM   721  C CD  . LYS A 1 90  ? -11.841 7.943   3.570   1.00 17.14 ? 93  LYS A CD  1 
ATOM   722  C CE  . LYS A 1 90  ? -11.392 9.359   3.303   1.00 20.46 ? 93  LYS A CE  1 
ATOM   723  N NZ  . LYS A 1 90  ? -12.538 10.289  3.784   1.00 24.04 ? 93  LYS A NZ  1 
ATOM   724  N N   . TRP A 1 91  ? -7.886  5.707   1.866   1.00 15.45 ? 94  TRP A N   1 
ATOM   725  C CA  . TRP A 1 91  ? -7.207  5.942   0.567   1.00 14.50 ? 94  TRP A CA  1 
ATOM   726  C C   . TRP A 1 91  ? -8.276  6.051   -0.545  1.00 15.40 ? 94  TRP A C   1 
ATOM   727  O O   . TRP A 1 91  ? -9.305  5.344   -0.523  1.00 16.35 ? 94  TRP A O   1 
ATOM   728  C CB  . TRP A 1 91  ? -6.329  4.689   0.234   1.00 14.58 ? 94  TRP A CB  1 
ATOM   729  C CG  . TRP A 1 91  ? -5.246  4.540   1.237   1.00 13.55 ? 94  TRP A CG  1 
ATOM   730  C CD1 . TRP A 1 91  ? -5.237  3.687   2.271   1.00 14.09 ? 94  TRP A CD1 1 
ATOM   731  C CD2 . TRP A 1 91  ? -4.054  5.301   1.330   1.00 12.82 ? 94  TRP A CD2 1 
ATOM   732  N NE1 . TRP A 1 91  ? -4.082  3.882   3.019   1.00 14.48 ? 94  TRP A NE1 1 
ATOM   733  C CE2 . TRP A 1 91  ? -3.334  4.851   2.451   1.00 13.94 ? 94  TRP A CE2 1 
ATOM   734  C CE3 . TRP A 1 91  ? -3.541  6.347   0.574   1.00 14.60 ? 94  TRP A CE3 1 
ATOM   735  C CZ2 . TRP A 1 91  ? -2.086  5.395   2.809   1.00 14.82 ? 94  TRP A CZ2 1 
ATOM   736  C CZ3 . TRP A 1 91  ? -2.353  6.913   0.933   1.00 15.23 ? 94  TRP A CZ3 1 
ATOM   737  C CH2 . TRP A 1 91  ? -1.618  6.424   2.051   1.00 15.02 ? 94  TRP A CH2 1 
ATOM   738  N N   . SER A 1 92  ? -7.984  6.868   -1.520  1.00 15.94 ? 95  SER A N   1 
ATOM   739  C CA  . SER A 1 92  ? -8.694  6.794   -2.793  1.00 17.29 ? 95  SER A CA  1 
ATOM   740  C C   . SER A 1 92  ? -7.963  5.832   -3.670  1.00 16.95 ? 95  SER A C   1 
ATOM   741  O O   . SER A 1 92  ? -6.692  5.803   -3.692  1.00 19.75 ? 95  SER A O   1 
ATOM   742  C CB  . SER A 1 92  ? -8.751  8.130   -3.453  1.00 19.10 ? 95  SER A CB  1 
ATOM   743  O OG  . SER A 1 92  ? -9.293  9.149   -2.644  1.00 24.28 ? 95  SER A OG  1 
ATOM   744  N N   . ILE A 1 93  ? -8.621  4.952   -4.353  1.00 16.33 ? 96  ILE A N   1 
ATOM   745  C CA  . ILE A 1 93  ? -7.999  4.000   -5.286  1.00 17.09 ? 96  ILE A CA  1 
ATOM   746  C C   . ILE A 1 93  ? -8.581  4.267   -6.671  1.00 18.80 ? 96  ILE A C   1 
ATOM   747  O O   . ILE A 1 93  ? -9.846  4.068   -6.836  1.00 20.40 ? 96  ILE A O   1 
ATOM   748  C CB  . ILE A 1 93  ? -8.170  2.556   -4.858  1.00 17.57 ? 96  ILE A CB  1 
ATOM   749  C CG1 . ILE A 1 93  ? -7.579  2.298   -3.431  1.00 17.33 ? 96  ILE A CG1 1 
ATOM   750  C CG2 . ILE A 1 93  ? -7.563  1.619   -5.908  1.00 17.62 ? 96  ILE A CG2 1 
ATOM   751  C CD1 . ILE A 1 93  ? -7.801  0.928   -2.935  1.00 17.95 ? 96  ILE A CD1 1 
ATOM   752  N N   . GLU A 1 94  ? -7.804  4.788   -7.567  1.00 16.17 ? 97  GLU A N   1 
ATOM   753  C CA  . GLU A 1 94  ? -8.284  5.353   -8.822  1.00 17.20 ? 97  GLU A CA  1 
ATOM   754  C C   . GLU A 1 94  ? -7.681  4.583   -9.952  1.00 16.01 ? 97  GLU A C   1 
ATOM   755  O O   . GLU A 1 94  ? -6.477  4.373   -10.064 1.00 16.32 ? 97  GLU A O   1 
ATOM   756  C CB  . GLU A 1 94  ? -7.896  6.805   -8.915  1.00 16.89 ? 97  GLU A CB  1 
ATOM   757  C CG  . GLU A 1 94  ? -8.204  7.496   -10.183 1.00 23.54 ? 97  GLU A CG  1 
ATOM   758  C CD  . GLU A 1 94  ? -7.848  9.010   -10.184 1.00 28.46 ? 97  GLU A CD  1 
ATOM   759  O OE1 . GLU A 1 94  ? -7.634  9.558   -8.998  1.00 25.32 ? 97  GLU A OE1 1 
ATOM   760  O OE2 . GLU A 1 94  ? -7.896  9.578   -11.347 1.00 24.76 ? 97  GLU A OE2 1 
ATOM   761  N N   . TYR A 1 95  ? -8.516  4.143   -10.913 1.00 16.56 ? 98  TYR A N   1 
ATOM   762  C CA  . TYR A 1 95  ? -7.972  3.412   -12.072 1.00 17.59 ? 98  TYR A CA  1 
ATOM   763  C C   . TYR A 1 95  ? -7.216  4.335   -12.961 1.00 16.99 ? 98  TYR A C   1 
ATOM   764  O O   . TYR A 1 95  ? -7.549  5.514   -13.230 1.00 19.69 ? 98  TYR A O   1 
ATOM   765  C CB  . TYR A 1 95  ? -9.163  2.827   -12.890 1.00 19.64 ? 98  TYR A CB  1 
ATOM   766  C CG  . TYR A 1 95  ? -8.745  2.047   -14.085 1.00 18.96 ? 98  TYR A CG  1 
ATOM   767  C CD1 . TYR A 1 95  ? -7.865  0.961   -13.996 1.00 19.36 ? 98  TYR A CD1 1 
ATOM   768  C CD2 . TYR A 1 95  ? -9.242  2.363   -15.385 1.00 21.07 ? 98  TYR A CD2 1 
ATOM   769  C CE1 . TYR A 1 95  ? -7.446  0.263   -15.092 1.00 20.87 ? 98  TYR A CE1 1 
ATOM   770  C CE2 . TYR A 1 95  ? -8.816  1.630   -16.474 1.00 22.24 ? 98  TYR A CE2 1 
ATOM   771  C CZ  . TYR A 1 95  ? -7.959  0.611   -16.309 1.00 22.69 ? 98  TYR A CZ  1 
ATOM   772  O OH  . TYR A 1 95  ? -7.633  -0.134  -17.431 1.00 23.43 ? 98  TYR A OH  1 
ATOM   773  N N   . SER A 1 96  ? -6.015  3.879   -13.390 1.00 17.56 ? 99  SER A N   1 
ATOM   774  C CA  . SER A 1 96  ? -5.099  4.653   -14.124 1.00 18.85 ? 99  SER A CA  1 
ATOM   775  C C   . SER A 1 96  ? -5.569  4.900   -15.599 1.00 20.31 ? 99  SER A C   1 
ATOM   776  O O   . SER A 1 96  ? -4.953  5.760   -16.264 1.00 23.32 ? 99  SER A O   1 
ATOM   777  C CB  . SER A 1 96  ? -3.726  3.999   -14.253 1.00 19.20 ? 99  SER A CB  1 
ATOM   778  O OG  . SER A 1 96  ? -3.768  2.816   -15.016 1.00 18.94 ? 99  SER A OG  1 
ATOM   779  N N   . GLY A 1 97  ? -6.470  4.100   -16.059 1.00 19.51 ? 100 GLY A N   1 
ATOM   780  C CA  . GLY A 1 97  ? -6.814  4.115   -17.527 1.00 21.15 ? 100 GLY A CA  1 
ATOM   781  C C   . GLY A 1 97  ? -6.066  3.071   -18.271 1.00 25.15 ? 100 GLY A C   1 
ATOM   782  O O   . GLY A 1 97  ? -6.447  2.869   -19.438 1.00 27.69 ? 100 GLY A O   1 
ATOM   783  N N   . ASN A 1 98  ? -5.090  2.372   -17.729 1.00 21.26 ? 101 ASN A N   1 
ATOM   784  C CA  . ASN A 1 98  ? -4.341  1.337   -18.422 1.00 23.69 ? 101 ASN A CA  1 
ATOM   785  C C   . ASN A 1 98  ? -4.377  0.017   -17.750 1.00 22.67 ? 101 ASN A C   1 
ATOM   786  O O   . ASN A 1 98  ? -4.137  -0.082  -16.516 1.00 19.48 ? 101 ASN A O   1 
ATOM   787  C CB  . ASN A 1 98  ? -2.865  1.706   -18.514 1.00 23.11 ? 101 ASN A CB  1 
ATOM   788  C CG  . ASN A 1 98  ? -2.616  3.051   -19.128 1.00 28.31 ? 101 ASN A CG  1 
ATOM   789  O OD1 . ASN A 1 98  ? -1.869  3.819   -18.598 1.00 30.34 ? 101 ASN A OD1 1 
ATOM   790  N ND2 . ASN A 1 98  ? -3.179  3.334   -20.291 1.00 28.51 ? 101 ASN A ND2 1 
ATOM   791  N N   . GLY A 1 99  ? -4.594  -1.075  -18.467 1.00 20.58 ? 102 GLY A N   1 
ATOM   792  C CA  . GLY A 1 99  ? -4.370  -2.390  -17.954 1.00 19.67 ? 102 GLY A CA  1 
ATOM   793  C C   . GLY A 1 99  ? -5.117  -2.635  -16.674 1.00 19.03 ? 102 GLY A C   1 
ATOM   794  O O   . GLY A 1 99  ? -6.328  -2.346  -16.600 1.00 18.98 ? 102 GLY A O   1 
ATOM   795  N N   . GLU A 1 100 ? -4.425  -3.079  -15.660 1.00 18.95 ? 103 GLU A N   1 
ATOM   796  C CA  . GLU A 1 100 ? -5.060  -3.356  -14.357 1.00 18.59 ? 103 GLU A CA  1 
ATOM   797  C C   . GLU A 1 100 ? -4.329  -2.465  -13.324 1.00 18.69 ? 103 GLU A C   1 
ATOM   798  O O   . GLU A 1 100 ? -4.257  -2.856  -12.116 1.00 17.65 ? 103 GLU A O   1 
ATOM   799  C CB  . GLU A 1 100 ? -5.016  -4.806  -13.990 1.00 21.16 ? 103 GLU A CB  1 
ATOM   800  C CG  . GLU A 1 100 ? -5.561  -5.644  -15.197 1.00 23.92 ? 103 GLU A CG  1 
ATOM   801  C CD  . GLU A 1 100 ? -4.507  -5.893  -16.276 1.00 27.23 ? 103 GLU A CD  1 
ATOM   802  O OE1 . GLU A 1 100 ? -3.383  -6.175  -15.975 1.00 29.18 ? 103 GLU A OE1 1 
ATOM   803  O OE2 . GLU A 1 100 ? -4.896  -5.796  -17.500 1.00 33.86 ? 103 GLU A OE2 1 
ATOM   804  N N   . GLU A 1 101 ? -3.820  -1.300  -13.734 1.00 16.51 ? 104 GLU A N   1 
ATOM   805  C CA  . GLU A 1 101 ? -3.044  -0.441  -12.809 1.00 16.65 ? 104 GLU A CA  1 
ATOM   806  C C   . GLU A 1 101 ? -3.935  0.650   -12.268 1.00 17.82 ? 104 GLU A C   1 
ATOM   807  O O   . GLU A 1 101 ? -4.761  1.291   -12.951 1.00 16.85 ? 104 GLU A O   1 
ATOM   808  C CB  . GLU A 1 101 ? -1.821  0.137   -13.530 1.00 16.62 ? 104 GLU A CB  1 
ATOM   809  C CG  . GLU A 1 101 ? -0.694  -0.858  -13.748 1.00 16.75 ? 104 GLU A CG  1 
ATOM   810  C CD  . GLU A 1 101 ? 0.455   -0.408  -14.589 1.00 17.29 ? 104 GLU A CD  1 
ATOM   811  O OE1 . GLU A 1 101 ? 0.240   0.496   -15.418 1.00 18.00 ? 104 GLU A OE1 1 
ATOM   812  O OE2 . GLU A 1 101 ? 1.562   -1.008  -14.399 1.00 19.10 ? 104 GLU A OE2 1 
ATOM   813  N N   . PHE A 1 102 ? -3.676  0.993   -10.983 1.00 15.71 ? 105 PHE A N   1 
ATOM   814  C CA  . PHE A 1 102 ? -4.344  1.969   -10.208 1.00 15.32 ? 105 PHE A CA  1 
ATOM   815  C C   . PHE A 1 102 ? -3.348  2.936   -9.553  1.00 14.99 ? 105 PHE A C   1 
ATOM   816  O O   . PHE A 1 102 ? -2.145  2.621   -9.415  1.00 16.06 ? 105 PHE A O   1 
ATOM   817  C CB  . PHE A 1 102 ? -5.134  1.304   -9.050  1.00 15.96 ? 105 PHE A CB  1 
ATOM   818  C CG  . PHE A 1 102 ? -6.245  0.428   -9.555  1.00 17.53 ? 105 PHE A CG  1 
ATOM   819  C CD1 . PHE A 1 102 ? -5.982  -0.850  -9.970  1.00 18.19 ? 105 PHE A CD1 1 
ATOM   820  C CD2 . PHE A 1 102 ? -7.557  0.910   -9.590  1.00 17.10 ? 105 PHE A CD2 1 
ATOM   821  C CE1 . PHE A 1 102 ? -7.030  -1.680  -10.485 1.00 19.30 ? 105 PHE A CE1 1 
ATOM   822  C CE2 . PHE A 1 102 ? -8.570  0.069   -10.055 1.00 20.70 ? 105 PHE A CE2 1 
ATOM   823  C CZ  . PHE A 1 102 ? -8.286  -1.162  -10.517 1.00 18.36 ? 105 PHE A CZ  1 
ATOM   824  N N   . TRP A 1 103 ? -3.849  4.089   -9.131  1.00 14.11 ? 106 TRP A N   1 
ATOM   825  C CA  . TRP A 1 103 ? -3.161  4.958   -8.229  1.00 14.87 ? 106 TRP A CA  1 
ATOM   826  C C   . TRP A 1 103 ? -3.800  4.890   -6.865  1.00 16.86 ? 106 TRP A C   1 
ATOM   827  O O   . TRP A 1 103 ? -5.038  4.935   -6.737  1.00 16.88 ? 106 TRP A O   1 
ATOM   828  C CB  . TRP A 1 103 ? -3.204  6.406   -8.748  1.00 16.33 ? 106 TRP A CB  1 
ATOM   829  C CG  . TRP A 1 103 ? -2.571  6.582   -10.108 1.00 14.93 ? 106 TRP A CG  1 
ATOM   830  C CD1 . TRP A 1 103 ? -1.298  6.222   -10.424 1.00 15.51 ? 106 TRP A CD1 1 
ATOM   831  C CD2 . TRP A 1 103 ? -3.179  7.099   -11.292 1.00 16.08 ? 106 TRP A CD2 1 
ATOM   832  N NE1 . TRP A 1 103 ? -1.086  6.481   -11.789 1.00 17.80 ? 106 TRP A NE1 1 
ATOM   833  C CE2 . TRP A 1 103 ? -2.210  7.040   -12.289 1.00 16.80 ? 106 TRP A CE2 1 
ATOM   834  C CE3 . TRP A 1 103 ? -4.415  7.665   -11.540 1.00 18.16 ? 106 TRP A CE3 1 
ATOM   835  C CZ2 . TRP A 1 103 ? -2.473  7.525   -13.599 1.00 18.37 ? 106 TRP A CZ2 1 
ATOM   836  C CZ3 . TRP A 1 103 ? -4.654  8.198   -12.847 1.00 20.81 ? 106 TRP A CZ3 1 
ATOM   837  C CH2 . TRP A 1 103 ? -3.699  8.060   -13.811 1.00 18.50 ? 106 TRP A CH2 1 
ATOM   838  N N   . ILE A 1 104 ? -2.985  4.812   -5.821  1.00 15.77 ? 107 ILE A N   1 
ATOM   839  C CA  . ILE A 1 104 ? -3.487  4.822   -4.448  1.00 14.81 ? 107 ILE A CA  1 
ATOM   840  C C   . ILE A 1 104 ? -3.149  6.194   -3.907  1.00 14.24 ? 107 ILE A C   1 
ATOM   841  O O   . ILE A 1 104 ? -1.985  6.527   -3.840  1.00 15.47 ? 107 ILE A O   1 
ATOM   842  C CB  . ILE A 1 104 ? -2.963  3.656   -3.605  1.00 14.89 ? 107 ILE A CB  1 
ATOM   843  C CG1 . ILE A 1 104 ? -3.216  2.311   -4.244  1.00 15.38 ? 107 ILE A CG1 1 
ATOM   844  C CG2 . ILE A 1 104 ? -3.610  3.695   -2.214  1.00 16.64 ? 107 ILE A CG2 1 
ATOM   845  C CD1 . ILE A 1 104 ? -2.768  1.148   -3.396  1.00 18.51 ? 107 ILE A CD1 1 
ATOM   846  N N   . ARG A 1 105 ? -4.152  6.966   -3.519  1.00 14.36 ? 108 ARG A N   1 
ATOM   847  C CA  . ARG A 1 105 ? -4.007  8.384   -3.310  1.00 15.50 ? 108 ARG A CA  1 
ATOM   848  C C   . ARG A 1 105 ? -4.476  8.855   -1.945  1.00 15.39 ? 108 ARG A C   1 
ATOM   849  O O   . ARG A 1 105 ? -5.531  8.348   -1.448  1.00 15.94 ? 108 ARG A O   1 
ATOM   850  C CB  . ARG A 1 105 ? -4.800  9.298   -4.344  1.00 18.33 ? 108 ARG A CB  1 
ATOM   851  C CG  . ARG A 1 105 ? -4.842  8.685   -5.679  1.00 19.06 ? 108 ARG A CG  1 
ATOM   852  C CD  . ARG A 1 105 ? -5.362  9.779   -6.664  1.00 22.28 ? 108 ARG A CD  1 
ATOM   853  N NE  . ARG A 1 105 ? -4.578  11.008  -6.831  1.00 19.98 ? 108 ARG A NE  1 
ATOM   854  C CZ  . ARG A 1 105 ? -4.641  11.826  -7.889  1.00 20.44 ? 108 ARG A CZ  1 
ATOM   855  N NH1 . ARG A 1 105 ? -5.477  11.548  -8.877  1.00 20.00 ? 108 ARG A NH1 1 
ATOM   856  N NH2 . ARG A 1 105 ? -3.945  12.970  -7.970  1.00 20.42 ? 108 ARG A NH2 1 
ATOM   857  N N   . VAL A 1 106 ? -3.769  9.823   -1.371  1.00 15.67 ? 109 VAL A N   1 
ATOM   858  C CA  . VAL A 1 106 ? -4.268  10.529  -0.217  1.00 15.98 ? 109 VAL A CA  1 
ATOM   859  C C   . VAL A 1 106 ? -5.595  11.138  -0.563  1.00 17.07 ? 109 VAL A C   1 
ATOM   860  O O   . VAL A 1 106 ? -5.683  11.850  -1.584  1.00 17.85 ? 109 VAL A O   1 
ATOM   861  C CB  . VAL A 1 106 ? -3.270  11.587  0.203   1.00 17.33 ? 109 VAL A CB  1 
ATOM   862  C CG1 . VAL A 1 106 ? -3.750  12.416  1.401   1.00 18.80 ? 109 VAL A CG1 1 
ATOM   863  C CG2 . VAL A 1 106 ? -1.869  11.040  0.480   1.00 17.64 ? 109 VAL A CG2 1 
ATOM   864  N N   . PRO A 1 107 ? -6.630  10.958  0.224   1.00 16.50 ? 110 PRO A N   1 
ATOM   865  C CA  . PRO A 1 107 ? -7.890  11.662  -0.003  1.00 18.56 ? 110 PRO A CA  1 
ATOM   866  C C   . PRO A 1 107 ? -7.691  13.174  0.029   1.00 19.43 ? 110 PRO A C   1 
ATOM   867  O O   . PRO A 1 107 ? -7.121  13.695  0.917   1.00 20.03 ? 110 PRO A O   1 
ATOM   868  C CB  . PRO A 1 107 ? -8.737  11.224  1.164   1.00 20.48 ? 110 PRO A CB  1 
ATOM   869  C CG  . PRO A 1 107 ? -8.161  9.905   1.570   1.00 19.92 ? 110 PRO A CG  1 
ATOM   870  C CD  . PRO A 1 107 ? -6.699  10.070  1.379   1.00 17.18 ? 110 PRO A CD  1 
ATOM   871  N N   . ARG A 1 108 ? -8.147  13.837  -1.000  1.00 19.73 ? 111 ARG A N   1 
ATOM   872  C CA  . ARG A 1 108 ? -8.081  15.268  -1.070  1.00 18.73 ? 111 ARG A CA  1 
ATOM   873  C C   . ARG A 1 108 ? -9.307  15.773  -1.764  1.00 19.00 ? 111 ARG A C   1 
ATOM   874  O O   . ARG A 1 108 ? -9.578  15.369  -2.828  1.00 19.63 ? 111 ARG A O   1 
ATOM   875  C CB  . ARG A 1 108 ? -6.837  15.704  -1.818  1.00 16.97 ? 111 ARG A CB  1 
ATOM   876  C CG  . ARG A 1 108 ? -6.691  17.227  -1.909  1.00 18.72 ? 111 ARG A CG  1 
ATOM   877  C CD  . ARG A 1 108 ? -5.364  17.655  -2.484  1.00 19.30 ? 111 ARG A CD  1 
ATOM   878  N NE  . ARG A 1 108 ? -5.183  19.110  -2.528  1.00 20.92 ? 111 ARG A NE  1 
ATOM   879  C CZ  . ARG A 1 108 ? -5.634  19.926  -3.459  1.00 21.88 ? 111 ARG A CZ  1 
ATOM   880  N NH1 . ARG A 1 108 ? -6.328  19.504  -4.474  1.00 18.33 ? 111 ARG A NH1 1 
ATOM   881  N NH2 . ARG A 1 108 ? -5.411  21.209  -3.330  1.00 23.86 ? 111 ARG A NH2 1 
ATOM   882  N N   . GLU A 1 109 ? -10.034 16.662  -1.106  1.00 20.95 ? 112 GLU A N   1 
ATOM   883  C CA  . GLU A 1 109 ? -11.188 17.277  -1.711  1.00 20.98 ? 112 GLU A CA  1 
ATOM   884  C C   . GLU A 1 109 ? -10.741 18.025  -2.972  1.00 18.44 ? 112 GLU A C   1 
ATOM   885  O O   . GLU A 1 109 ? -9.870  18.812  -2.918  1.00 19.23 ? 112 GLU A O   1 
ATOM   886  C CB  . GLU A 1 109 ? -11.863 18.241  -0.751  1.00 24.09 ? 112 GLU A CB  1 
ATOM   887  C CG  . GLU A 1 109 ? -13.202 18.704  -1.242  1.00 25.67 ? 112 GLU A CG  1 
ATOM   888  C CD  . GLU A 1 109 ? -13.830 19.771  -0.389  1.00 29.05 ? 112 GLU A CD  1 
ATOM   889  O OE1 . GLU A 1 109 ? -13.300 20.106  0.645   1.00 31.05 ? 112 GLU A OE1 1 
ATOM   890  O OE2 . GLU A 1 109 ? -14.859 20.274  -0.788  1.00 32.98 ? 112 GLU A OE2 1 
ATOM   891  N N   . GLY A 1 110 ? -11.386 17.718  -4.082  1.00 19.02 ? 113 GLY A N   1 
ATOM   892  C CA  . GLY A 1 110 ? -11.011 18.285  -5.361  1.00 17.25 ? 113 GLY A CA  1 
ATOM   893  C C   . GLY A 1 110 ? -9.982  17.487  -6.148  1.00 18.54 ? 113 GLY A C   1 
ATOM   894  O O   . GLY A 1 110 ? -9.550  17.901  -7.162  1.00 18.64 ? 113 GLY A O   1 
ATOM   895  N N   . GLY A 1 111 ? -9.608  16.335  -5.627  1.00 17.84 ? 114 GLY A N   1 
ATOM   896  C CA  . GLY A 1 111 ? -8.591  15.541  -6.256  1.00 16.87 ? 114 GLY A CA  1 
ATOM   897  C C   . GLY A 1 111 ? -7.200  16.019  -5.971  1.00 15.38 ? 114 GLY A C   1 
ATOM   898  O O   . GLY A 1 111 ? -6.992  16.777  -5.111  1.00 16.68 ? 114 GLY A O   1 
ATOM   899  N N   . GLY A 1 112 ? -6.257  15.535  -6.756  1.00 16.03 ? 115 GLY A N   1 
ATOM   900  C CA  . GLY A 1 112 ? -4.873  15.919  -6.619  1.00 17.36 ? 115 GLY A CA  1 
ATOM   901  C C   . GLY A 1 112 ? -4.076  15.410  -5.441  1.00 16.98 ? 115 GLY A C   1 
ATOM   902  O O   . GLY A 1 112 ? -3.052  15.901  -5.186  1.00 17.36 ? 115 GLY A O   1 
ATOM   903  N N   . GLY A 1 113 ? -4.587  14.417  -4.745  1.00 17.34 ? 116 GLY A N   1 
ATOM   904  C CA  . GLY A 1 113 ? -3.866  13.855  -3.626  1.00 17.50 ? 116 GLY A CA  1 
ATOM   905  C C   . GLY A 1 113 ? -2.585  13.189  -4.080  1.00 15.60 ? 116 GLY A C   1 
ATOM   906  O O   . GLY A 1 113 ? -2.516  12.638  -5.124  1.00 16.78 ? 116 GLY A O   1 
ATOM   907  N N   . ALA A 1 114 ? -1.581  13.245  -3.229  1.00 15.88 ? 117 ALA A N   1 
ATOM   908  C CA  . ALA A 1 114 ? -0.341  12.582  -3.512  1.00 14.64 ? 117 ALA A CA  1 
ATOM   909  C C   . ALA A 1 114 ? -0.581  11.078  -3.532  1.00 14.64 ? 117 ALA A C   1 
ATOM   910  O O   . ALA A 1 114 ? -1.493  10.628  -2.986  1.00 15.35 ? 117 ALA A O   1 
ATOM   911  C CB  . ALA A 1 114 ? 0.695   12.938  -2.470  1.00 16.86 ? 117 ALA A CB  1 
ATOM   912  N N   . VAL A 1 115 ? 0.291   10.361  -4.190  1.00 14.59 ? 118 VAL A N   1 
ATOM   913  C CA  . VAL A 1 115 ? 0.048   8.926   -4.476  1.00 14.73 ? 118 VAL A CA  1 
ATOM   914  C C   . VAL A 1 115 ? 1.208   8.055   -4.076  1.00 14.73 ? 118 VAL A C   1 
ATOM   915  O O   . VAL A 1 115 ? 2.351   8.521   -3.951  1.00 14.72 ? 118 VAL A O   1 
ATOM   916  C CB  . VAL A 1 115 ? -0.248  8.682   -5.970  1.00 15.67 ? 118 VAL A CB  1 
ATOM   917  C CG1 . VAL A 1 115 ? -1.364  9.574   -6.421  1.00 17.45 ? 118 VAL A CG1 1 
ATOM   918  C CG2 . VAL A 1 115 ? 0.979   8.869   -6.844  1.00 15.96 ? 118 VAL A CG2 1 
ATOM   919  N N   . TRP A 1 116 ? 0.916   6.785   -3.828  1.00 14.04 ? 119 TRP A N   1 
ATOM   920  C CA  . TRP A 1 116 ? 1.951   5.823   -3.503  1.00 13.27 ? 119 TRP A CA  1 
ATOM   921  C C   . TRP A 1 116 ? 2.969   5.812   -4.629  1.00 14.65 ? 119 TRP A C   1 
ATOM   922  O O   . TRP A 1 116 ? 2.645   5.671   -5.751  1.00 15.31 ? 119 TRP A O   1 
ATOM   923  C CB  . TRP A 1 116 ? 1.378   4.407   -3.341  1.00 14.55 ? 119 TRP A CB  1 
ATOM   924  C CG  . TRP A 1 116 ? 0.572   4.090   -2.124  1.00 13.87 ? 119 TRP A CG  1 
ATOM   925  C CD1 . TRP A 1 116 ? -0.195  4.929   -1.407  1.00 13.68 ? 119 TRP A CD1 1 
ATOM   926  C CD2 . TRP A 1 116 ? 0.412   2.799   -1.547  1.00 14.59 ? 119 TRP A CD2 1 
ATOM   927  N NE1 . TRP A 1 116 ? -0.792  4.254   -0.400  1.00 14.53 ? 119 TRP A NE1 1 
ATOM   928  C CE2 . TRP A 1 116 ? -0.456  2.939   -0.483  1.00 15.12 ? 119 TRP A CE2 1 
ATOM   929  C CE3 . TRP A 1 116 ? 0.936   1.538   -1.828  1.00 15.18 ? 119 TRP A CE3 1 
ATOM   930  C CZ2 . TRP A 1 116 ? -0.798  1.888   0.318   1.00 15.44 ? 119 TRP A CZ2 1 
ATOM   931  C CZ3 . TRP A 1 116 ? 0.580   0.493   -1.038  1.00 15.64 ? 119 TRP A CZ3 1 
ATOM   932  C CH2 . TRP A 1 116 ? -0.300  0.669   0.011   1.00 16.29 ? 119 TRP A CH2 1 
ATOM   933  N N   . THR A 1 117 ? 4.216   5.941   -4.247  1.00 14.03 ? 120 THR A N   1 
ATOM   934  C CA  . THR A 1 117 ? 5.343   6.054   -5.168  1.00 15.07 ? 120 THR A CA  1 
ATOM   935  C C   . THR A 1 117 ? 6.478   5.168   -4.660  1.00 14.84 ? 120 THR A C   1 
ATOM   936  O O   . THR A 1 117 ? 6.976   5.386   -3.625  1.00 15.15 ? 120 THR A O   1 
ATOM   937  C CB  . THR A 1 117 ? 5.829   7.517   -5.278  1.00 15.58 ? 120 THR A CB  1 
ATOM   938  O OG1 . THR A 1 117 ? 4.739   8.371   -5.562  1.00 16.02 ? 120 THR A OG1 1 
ATOM   939  C CG2 . THR A 1 117 ? 6.837   7.654   -6.366  1.00 16.89 ? 120 THR A CG2 1 
ATOM   940  N N   . ILE A 1 118 ? 6.795   4.143   -5.425  1.00 16.65 ? 121 ILE A N   1 
ATOM   941  C CA  . ILE A 1 118 ? 7.658   3.076   -4.986  1.00 16.32 ? 121 ILE A CA  1 
ATOM   942  C C   . ILE A 1 118 ? 9.053   3.379   -5.478  1.00 18.06 ? 121 ILE A C   1 
ATOM   943  O O   . ILE A 1 118 ? 9.261   3.408   -6.631  1.00 20.54 ? 121 ILE A O   1 
ATOM   944  C CB  . ILE A 1 118 ? 7.193   1.699   -5.523  1.00 19.05 ? 121 ILE A CB  1 
ATOM   945  C CG1 . ILE A 1 118 ? 5.963   1.158   -4.824  1.00 25.63 ? 121 ILE A CG1 1 
ATOM   946  C CG2 . ILE A 1 118 ? 8.217   0.628   -5.223  1.00 20.53 ? 121 ILE A CG2 1 
ATOM   947  C CD1 . ILE A 1 118 ? 4.757   2.003   -4.810  1.00 30.27 ? 121 ILE A CD1 1 
ATOM   948  N N   . LYS A 1 119 ? 9.966   3.617   -4.554  1.00 18.32 ? 122 LYS A N   1 
ATOM   949  C CA  . LYS A 1 119 ? 11.298  4.111   -4.877  1.00 22.23 ? 122 LYS A CA  1 
ATOM   950  C C   . LYS A 1 119 ? 12.315  3.482   -3.974  1.00 20.00 ? 122 LYS A C   1 
ATOM   951  O O   . LYS A 1 119 ? 12.054  3.308   -2.836  1.00 20.77 ? 122 LYS A O   1 
ATOM   952  C CB  . LYS A 1 119 ? 11.383  5.648   -4.632  1.00 25.41 ? 122 LYS A CB  1 
ATOM   953  C CG  . LYS A 1 119 ? 10.478  6.571   -5.454  1.00 28.98 ? 122 LYS A CG  1 
ATOM   954  C CD  . LYS A 1 119 ? 10.846  8.059   -5.318  1.00 30.31 ? 122 LYS A CD  1 
ATOM   955  C CE  . LYS A 1 119 ? 10.094  8.778   -4.190  1.00 32.95 ? 122 LYS A CE  1 
ATOM   956  N NZ  . LYS A 1 119 ? 10.245  10.267  -3.963  1.00 31.13 ? 122 LYS A NZ  1 
ATOM   957  N N   . PRO A 1 120 ? 13.510  3.218   -4.494  1.00 22.69 ? 123 PRO A N   1 
ATOM   958  C CA  . PRO A 1 120 ? 14.599  2.881   -3.578  1.00 23.11 ? 123 PRO A CA  1 
ATOM   959  C C   . PRO A 1 120 ? 14.964  4.033   -2.668  1.00 27.96 ? 123 PRO A C   1 
ATOM   960  O O   . PRO A 1 120 ? 15.085  5.129   -3.091  1.00 28.40 ? 123 PRO A O   1 
ATOM   961  C CB  . PRO A 1 120 ? 15.805  2.627   -4.506  1.00 24.95 ? 123 PRO A CB  1 
ATOM   962  C CG  . PRO A 1 120 ? 15.277  2.289   -5.802  1.00 33.02 ? 123 PRO A CG  1 
ATOM   963  C CD  . PRO A 1 120 ? 14.085  3.181   -5.938  1.00 29.52 ? 123 PRO A CD  1 
ATOM   964  N N   . ALA A 1 121 ? 15.165  3.738   -1.409  1.00 25.79 ? 124 ALA A N   1 
ATOM   965  C CA  . ALA A 1 121 ? 15.485  4.765   -0.452  1.00 27.15 ? 124 ALA A CA  1 
ATOM   966  C C   . ALA A 1 121 ? 16.932  5.181   -0.592  1.00 29.30 ? 124 ALA A C   1 
ATOM   967  O O   . ALA A 1 121 ? 17.279  6.263   -0.236  1.00 34.62 ? 124 ALA A O   1 
ATOM   968  C CB  . ALA A 1 121 ? 15.215  4.279   0.952   1.00 27.10 ? 124 ALA A CB  1 
ATOM   969  N N   . SER A 1 122 ? 17.753  4.300   -1.112  1.00 28.31 ? 125 SER A N   1 
ATOM   970  C CA  . SER A 1 122 ? 19.170  4.555   -1.265  1.00 33.08 ? 125 SER A CA  1 
ATOM   971  C C   . SER A 1 122 ? 19.686  3.547   -2.261  1.00 37.66 ? 125 SER A C   1 
ATOM   972  O O   . SER A 1 122 ? 18.936  2.724   -2.703  1.00 35.80 ? 125 SER A O   1 
ATOM   973  C CB  . SER A 1 122 ? 19.886  4.398   0.081   1.00 32.88 ? 125 SER A CB  1 
ATOM   974  O OG  . SER A 1 122 ? 20.202  3.066   0.346   1.00 39.79 ? 125 SER A OG  1 
ATOM   975  N N   . SER A 1 123 ? 20.976  3.588   -2.602  1.00 39.98 ? 126 SER A N   1 
ATOM   976  C CA  . SER A 1 123 ? 21.473  2.684   -3.631  1.00 36.73 ? 126 SER A CA  1 
ATOM   977  C C   . SER A 1 123 ? 21.520  1.269   -3.140  1.00 36.88 ? 126 SER A C   1 
ATOM   978  O O   . SER A 1 123 ? 21.650  0.340   -3.894  1.00 46.03 ? 126 SER A O   1 
ATOM   979  C CB  . SER A 1 123 ? 22.843  3.126   -4.092  1.00 45.06 ? 126 SER A CB  1 
ATOM   980  O OG  . SER A 1 123 ? 23.566  3.565   -2.996  1.00 49.41 ? 126 SER A OG  1 
ATOM   981  N N   . GLN A 1 124 ? 21.446  1.147   -1.842  1.00 39.92 ? 127 GLN A N   1 
ATOM   982  C CA  . GLN A 1 124 ? 21.430  -0.111  -1.180  1.00 49.04 ? 127 GLN A CA  1 
ATOM   983  C C   . GLN A 1 124 ? 20.025  -0.538  -0.762  1.00 48.11 ? 127 GLN A C   1 
ATOM   984  O O   . GLN A 1 124 ? 19.894  -1.490  -0.056  1.00 43.41 ? 127 GLN A O   1 
ATOM   985  C CB  . GLN A 1 124 ? 22.334  -0.035  0.031   1.00 54.25 ? 127 GLN A CB  1 
ATOM   986  C CG  . GLN A 1 124 ? 23.810  -0.003  -0.325  1.00 62.56 ? 127 GLN A CG  1 
ATOM   987  C CD  . GLN A 1 124 ? 24.324  1.388   -0.662  1.00 70.86 ? 127 GLN A CD  1 
ATOM   988  O OE1 . GLN A 1 124 ? 23.788  2.410   -0.199  1.00 64.46 ? 127 GLN A OE1 1 
ATOM   989  N NE2 . GLN A 1 124 ? 25.381  1.436   -1.472  1.00 75.98 ? 127 GLN A NE2 1 
ATOM   990  N N   . GLY A 1 125 ? 18.989  0.140   -1.245  1.00 40.20 ? 128 GLY A N   1 
ATOM   991  C CA  . GLY A 1 125 ? 17.622  -0.232  -0.859  1.00 32.76 ? 128 GLY A CA  1 
ATOM   992  C C   . GLY A 1 125 ? 17.438  0.183   0.574   1.00 33.26 ? 128 GLY A C   1 
ATOM   993  O O   . GLY A 1 125 ? 18.286  0.845   1.097   1.00 39.47 ? 128 GLY A O   1 
ATOM   994  N N   . PRO A 1 126 ? 16.294  -0.172  1.311   1.00 27.86 ? 129 PRO A N   1 
ATOM   995  C CA  . PRO A 1 126 ? 15.286  -0.958  0.607   1.00 24.37 ? 129 PRO A CA  1 
ATOM   996  C C   . PRO A 1 126 ? 14.386  -0.093  -0.267  1.00 22.56 ? 129 PRO A C   1 
ATOM   997  O O   . PRO A 1 126 ? 14.518  1.076   -0.269  1.00 26.73 ? 129 PRO A O   1 
ATOM   998  C CB  . PRO A 1 126 ? 14.475  -1.533  1.731   1.00 23.69 ? 129 PRO A CB  1 
ATOM   999  C CG  . PRO A 1 126 ? 14.406  -0.462  2.710   1.00 25.91 ? 129 PRO A CG  1 
ATOM   1000 C CD  . PRO A 1 126 ? 15.776  0.029   2.760   1.00 28.92 ? 129 PRO A CD  1 
ATOM   1001 N N   . THR A 1 127 ? 13.504  -0.713  -1.007  1.00 20.15 ? 130 THR A N   1 
ATOM   1002 C CA  . THR A 1 127 ? 12.569  -0.003  -1.845  1.00 18.46 ? 130 THR A CA  1 
ATOM   1003 C C   . THR A 1 127 ? 11.257  0.105   -1.074  1.00 16.34 ? 130 THR A C   1 
ATOM   1004 O O   . THR A 1 127 ? 10.740  -0.870  -0.671  1.00 18.47 ? 130 THR A O   1 
ATOM   1005 C CB  . THR A 1 127 ? 12.372  -0.767  -3.133  1.00 20.89 ? 130 THR A CB  1 
ATOM   1006 O OG1 . THR A 1 127 ? 13.595  -0.746  -3.864  1.00 24.27 ? 130 THR A OG1 1 
ATOM   1007 C CG2 . THR A 1 127 ? 11.285  -0.170  -3.949  1.00 19.89 ? 130 THR A CG2 1 
ATOM   1008 N N   . THR A 1 128 ? 10.797  1.317   -0.868  1.00 16.24 ? 131 THR A N   1 
ATOM   1009 C CA  . THR A 1 128 ? 9.684   1.578   0.044   1.00 16.64 ? 131 THR A CA  1 
ATOM   1010 C C   . THR A 1 128 ? 8.722   2.565   -0.577  1.00 16.44 ? 131 THR A C   1 
ATOM   1011 O O   . THR A 1 128 ? 8.880   2.915   -1.679  1.00 17.00 ? 131 THR A O   1 
ATOM   1012 C CB  . THR A 1 128 ? 10.199  2.051   1.439   1.00 16.54 ? 131 THR A CB  1 
ATOM   1013 O OG1 . THR A 1 128 ? 10.860  3.310   1.325   1.00 18.47 ? 131 THR A OG1 1 
ATOM   1014 C CG2 . THR A 1 128 ? 11.177  1.043   2.008   1.00 18.94 ? 131 THR A CG2 1 
ATOM   1015 N N   . VAL A 1 129 ? 7.719   2.975   0.189   1.00 15.77 ? 132 VAL A N   1 
ATOM   1016 C CA  . VAL A 1 129 ? 6.585   3.756   -0.385  1.00 16.40 ? 132 VAL A CA  1 
ATOM   1017 C C   . VAL A 1 129 ? 6.588   5.198   0.082   1.00 14.59 ? 132 VAL A C   1 
ATOM   1018 O O   . VAL A 1 129 ? 6.618   5.489   1.328   1.00 16.36 ? 132 VAL A O   1 
ATOM   1019 C CB  . VAL A 1 129 ? 5.247   3.155   -0.005  1.00 16.31 ? 132 VAL A CB  1 
ATOM   1020 C CG1 . VAL A 1 129 ? 4.129   3.894   -0.766  1.00 15.90 ? 132 VAL A CG1 1 
ATOM   1021 C CG2 . VAL A 1 129 ? 5.213   1.696   -0.342  1.00 17.64 ? 132 VAL A CG2 1 
ATOM   1022 N N   . PHE A 1 130 ? 6.624   6.091   -0.871  1.00 15.22 ? 133 PHE A N   1 
ATOM   1023 C CA  . PHE A 1 130 ? 6.609   7.547   -0.659  1.00 16.42 ? 133 PHE A CA  1 
ATOM   1024 C C   . PHE A 1 130 ? 5.290   8.138   -1.109  1.00 16.07 ? 133 PHE A C   1 
ATOM   1025 O O   . PHE A 1 130 ? 4.625   7.492   -1.955  1.00 17.21 ? 133 PHE A O   1 
ATOM   1026 C CB  . PHE A 1 130 ? 7.843   8.189   -1.379  1.00 17.90 ? 133 PHE A CB  1 
ATOM   1027 C CG  . PHE A 1 130 ? 9.128   7.615   -0.869  1.00 17.32 ? 133 PHE A CG  1 
ATOM   1028 C CD1 . PHE A 1 130 ? 9.663   6.460   -1.360  1.00 18.99 ? 133 PHE A CD1 1 
ATOM   1029 C CD2 . PHE A 1 130 ? 9.767   8.248   0.221   1.00 18.63 ? 133 PHE A CD2 1 
ATOM   1030 C CE1 . PHE A 1 130 ? 10.817  5.885   -0.758  1.00 20.13 ? 133 PHE A CE1 1 
ATOM   1031 C CE2 . PHE A 1 130 ? 10.909  7.680   0.824   1.00 20.18 ? 133 PHE A CE2 1 
ATOM   1032 C CZ  . PHE A 1 130 ? 11.415  6.521   0.309   1.00 20.24 ? 133 PHE A CZ  1 
ATOM   1033 N N   . LEU A 1 131 ? 4.991   9.316   -0.698  1.00 15.18 ? 134 LEU A N   1 
ATOM   1034 C CA  . LEU A 1 131 ? 3.791   10.010  -1.222  1.00 16.12 ? 134 LEU A CA  1 
ATOM   1035 C C   . LEU A 1 131 ? 4.275   11.198  -2.014  1.00 17.40 ? 134 LEU A C   1 
ATOM   1036 O O   . LEU A 1 131 ? 4.827   12.171  -1.444  1.00 18.73 ? 134 LEU A O   1 
ATOM   1037 C CB  . LEU A 1 131 ? 2.904   10.422  -0.119  1.00 16.10 ? 134 LEU A CB  1 
ATOM   1038 C CG  . LEU A 1 131 ? 2.199   9.304   0.594   1.00 15.98 ? 134 LEU A CG  1 
ATOM   1039 C CD1 . LEU A 1 131 ? 1.473   9.784   1.858   1.00 16.86 ? 134 LEU A CD1 1 
ATOM   1040 C CD2 . LEU A 1 131 ? 1.196   8.660   -0.328  1.00 16.12 ? 134 LEU A CD2 1 
ATOM   1041 N N   . ASP A 1 132 ? 4.170   11.072  -3.313  1.00 15.92 ? 135 ASP A N   1 
ATOM   1042 C CA  . ASP A 1 132 ? 4.602   12.132  -4.232  1.00 14.81 ? 135 ASP A CA  1 
ATOM   1043 C C   . ASP A 1 132 ? 3.404   12.522  -5.084  1.00 17.80 ? 135 ASP A C   1 
ATOM   1044 O O   . ASP A 1 132 ? 2.455   11.776  -5.310  1.00 15.84 ? 135 ASP A O   1 
ATOM   1045 C CB  . ASP A 1 132 ? 5.751   11.669  -5.124  1.00 16.25 ? 135 ASP A CB  1 
ATOM   1046 C CG  . ASP A 1 132 ? 7.013   11.430  -4.435  1.00 22.63 ? 135 ASP A CG  1 
ATOM   1047 O OD1 . ASP A 1 132 ? 7.205   11.917  -3.319  1.00 24.87 ? 135 ASP A OD1 1 
ATOM   1048 O OD2 . ASP A 1 132 ? 7.923   10.839  -5.040  1.00 23.22 ? 135 ASP A OD2 1 
ATOM   1049 N N   . LEU A 1 133 ? 3.502   13.738  -5.682  1.00 16.49 ? 136 LEU A N   1 
ATOM   1050 C CA  . LEU A 1 133 ? 2.463   14.198  -6.625  1.00 16.85 ? 136 LEU A CA  1 
ATOM   1051 C C   . LEU A 1 133 ? 2.350   13.232  -7.775  1.00 15.67 ? 136 LEU A C   1 
ATOM   1052 O O   . LEU A 1 133 ? 3.341   12.705  -8.292  1.00 16.55 ? 136 LEU A O   1 
ATOM   1053 C CB  . LEU A 1 133 ? 2.805   15.619  -7.103  1.00 17.76 ? 136 LEU A CB  1 
ATOM   1054 C CG  . LEU A 1 133 ? 2.771   16.655  -5.954  1.00 19.52 ? 136 LEU A CG  1 
ATOM   1055 C CD1 . LEU A 1 133 ? 3.365   17.989  -6.415  1.00 21.33 ? 136 LEU A CD1 1 
ATOM   1056 C CD2 . LEU A 1 133 ? 1.396   16.923  -5.415  1.00 21.08 ? 136 LEU A CD2 1 
ATOM   1057 N N   . LEU A 1 134 ? 1.145   13.019  -8.203  1.00 16.21 ? 137 LEU A N   1 
ATOM   1058 C CA  . LEU A 1 134 ? 0.902   12.106  -9.322  1.00 16.39 ? 137 LEU A CA  1 
ATOM   1059 C C   . LEU A 1 134 ? 1.553   12.542  -10.611 1.00 17.83 ? 137 LEU A C   1 
ATOM   1060 O O   . LEU A 1 134 ? 1.315   13.732  -11.029 1.00 20.00 ? 137 LEU A O   1 
ATOM   1061 C CB  . LEU A 1 134 ? -0.577  11.959  -9.575  1.00 17.71 ? 137 LEU A CB  1 
ATOM   1062 C CG  . LEU A 1 134 ? -1.033  11.107  -10.750 1.00 17.54 ? 137 LEU A CG  1 
ATOM   1063 C CD1 . LEU A 1 134 ? -0.465  9.669   -10.681 1.00 18.50 ? 137 LEU A CD1 1 
ATOM   1064 C CD2 . LEU A 1 134 ? -2.536  11.098  -10.812 1.00 19.55 ? 137 LEU A CD2 1 
ATOM   1065 N N   . LYS A 1 135 ? 2.321   11.674  -11.271 1.00 17.79 ? 138 LYS A N   1 
ATOM   1066 C CA  . LYS A 1 135 ? 2.759   11.873  -12.621 1.00 18.36 ? 138 LYS A CA  1 
ATOM   1067 C C   . LYS A 1 135 ? 2.196   10.671  -13.368 1.00 19.61 ? 138 LYS A C   1 
ATOM   1068 O O   . LYS A 1 135 ? 2.551   9.506   -13.089 1.00 18.30 ? 138 LYS A O   1 
ATOM   1069 C CB  . LYS A 1 135 ? 4.236   11.837  -12.633 1.00 21.25 ? 138 LYS A CB  1 
ATOM   1070 C CG  . LYS A 1 135 ? 4.845   11.984  -14.005 1.00 26.58 ? 138 LYS A CG  1 
ATOM   1071 C CD  . LYS A 1 135 ? 6.360   12.109  -13.917 1.00 38.00 ? 138 LYS A CD  1 
ATOM   1072 C CE  . LYS A 1 135 ? 6.941   12.473  -15.305 1.00 46.77 ? 138 LYS A CE  1 
ATOM   1073 N NZ  . LYS A 1 135 ? 8.416   12.757  -15.205 1.00 54.53 ? 138 LYS A NZ  1 
ATOM   1074 N N   . GLU A 1 136 ? 1.278   10.935  -14.272 1.00 19.80 ? 139 GLU A N   1 
ATOM   1075 C CA  . GLU A 1 136 ? 0.512   9.880   -14.880 1.00 21.03 ? 139 GLU A CA  1 
ATOM   1076 C C   . GLU A 1 136 ? 1.333   8.895   -15.665 1.00 21.46 ? 139 GLU A C   1 
ATOM   1077 O O   . GLU A 1 136 ? 0.952   7.817   -15.794 1.00 24.79 ? 139 GLU A O   1 
ATOM   1078 C CB  . GLU A 1 136 ? -0.704  10.430  -15.656 1.00 23.34 ? 139 GLU A CB  1 
ATOM   1079 C CG  . GLU A 1 136 ? -1.684  11.165  -14.759 1.00 24.82 ? 139 GLU A CG  1 
ATOM   1080 C CD  . GLU A 1 136 ? -3.039  11.458  -15.335 1.00 33.98 ? 139 GLU A CD  1 
ATOM   1081 O OE1 . GLU A 1 136 ? -3.288  11.019  -16.429 1.00 37.11 ? 139 GLU A OE1 1 
ATOM   1082 O OE2 . GLU A 1 136 ? -3.838  12.104  -14.645 1.00 33.04 ? 139 GLU A OE2 1 
ATOM   1083 N N   . THR A 1 137 ? 2.485   9.291   -16.125 1.00 20.84 ? 140 THR A N   1 
ATOM   1084 C CA  . THR A 1 137 ? 3.380   8.426   -16.840 1.00 24.13 ? 140 THR A CA  1 
ATOM   1085 C C   . THR A 1 137 ? 4.454   7.763   -16.002 1.00 22.71 ? 140 THR A C   1 
ATOM   1086 O O   . THR A 1 137 ? 5.315   7.129   -16.506 1.00 22.80 ? 140 THR A O   1 
ATOM   1087 C CB  . THR A 1 137 ? 4.072   9.186   -18.010 1.00 29.02 ? 140 THR A CB  1 
ATOM   1088 O OG1 . THR A 1 137 ? 4.855   10.247  -17.503 1.00 31.50 ? 140 THR A OG1 1 
ATOM   1089 C CG2 . THR A 1 137 ? 3.050   9.741   -18.946 1.00 33.78 ? 140 THR A CG2 1 
ATOM   1090 N N   . ASP A 1 138 ? 4.395   7.908   -14.697 1.00 18.99 ? 141 ASP A N   1 
ATOM   1091 C CA  . ASP A 1 138 ? 5.479   7.341   -13.842 1.00 19.17 ? 141 ASP A CA  1 
ATOM   1092 C C   . ASP A 1 138 ? 5.195   5.888   -13.490 1.00 18.34 ? 141 ASP A C   1 
ATOM   1093 O O   . ASP A 1 138 ? 4.229   5.610   -12.757 1.00 16.94 ? 141 ASP A O   1 
ATOM   1094 C CB  . ASP A 1 138 ? 5.617   8.188   -12.548 1.00 19.31 ? 141 ASP A CB  1 
ATOM   1095 C CG  . ASP A 1 138 ? 6.714   7.714   -11.631 1.00 19.65 ? 141 ASP A CG  1 
ATOM   1096 O OD1 . ASP A 1 138 ? 7.423   6.766   -11.873 1.00 21.08 ? 141 ASP A OD1 1 
ATOM   1097 O OD2 . ASP A 1 138 ? 6.864   8.340   -10.556 1.00 22.92 ? 141 ASP A OD2 1 
ATOM   1098 N N   . PRO A 1 139 ? 5.983   4.948   -13.915 1.00 17.60 ? 142 PRO A N   1 
ATOM   1099 C CA  . PRO A 1 139 ? 5.719   3.571   -13.587 1.00 17.64 ? 142 PRO A CA  1 
ATOM   1100 C C   . PRO A 1 139 ? 5.775   3.314   -12.095 1.00 17.77 ? 142 PRO A C   1 
ATOM   1101 O O   . PRO A 1 139 ? 5.077   2.334   -11.622 1.00 17.24 ? 142 PRO A O   1 
ATOM   1102 C CB  . PRO A 1 139 ? 6.783   2.755   -14.295 1.00 19.44 ? 142 PRO A CB  1 
ATOM   1103 C CG  . PRO A 1 139 ? 7.868   3.754   -14.534 1.00 23.20 ? 142 PRO A CG  1 
ATOM   1104 C CD  . PRO A 1 139 ? 7.265   5.079   -14.713 1.00 20.25 ? 142 PRO A CD  1 
ATOM   1105 N N   . ASN A 1 140 ? 6.545   4.076   -11.372 1.00 17.50 ? 143 ASN A N   1 
ATOM   1106 C CA  . ASN A 1 140 ? 6.716   3.876   -9.917  1.00 16.79 ? 143 ASN A CA  1 
ATOM   1107 C C   . ASN A 1 140 ? 5.439   4.197   -9.111  1.00 16.33 ? 143 ASN A C   1 
ATOM   1108 O O   . ASN A 1 140 ? 5.365   3.838   -7.938  1.00 16.66 ? 143 ASN A O   1 
ATOM   1109 C CB  . ASN A 1 140 ? 7.819   4.675   -9.359  1.00 17.53 ? 143 ASN A CB  1 
ATOM   1110 C CG  . ASN A 1 140 ? 9.164   4.341   -9.905  1.00 22.50 ? 143 ASN A CG  1 
ATOM   1111 O OD1 . ASN A 1 140 ? 9.392   3.283   -10.482 1.00 24.16 ? 143 ASN A OD1 1 
ATOM   1112 N ND2 . ASN A 1 140 ? 10.017  5.292   -9.807  1.00 25.49 ? 143 ASN A ND2 1 
ATOM   1113 N N   . GLN A 1 141 ? 4.425   4.742   -9.734  1.00 14.79 ? 144 GLN A N   1 
ATOM   1114 C CA  . GLN A 1 141 ? 3.152   5.061   -9.124  1.00 14.92 ? 144 GLN A CA  1 
ATOM   1115 C C   . GLN A 1 141 ? 2.056   4.107   -9.484  1.00 15.88 ? 144 GLN A C   1 
ATOM   1116 O O   . GLN A 1 141 ? 0.892   4.274   -9.036  1.00 15.77 ? 144 GLN A O   1 
ATOM   1117 C CB  . GLN A 1 141 ? 2.762   6.541   -9.330  1.00 15.34 ? 144 GLN A CB  1 
ATOM   1118 C CG  . GLN A 1 141 ? 3.794   7.454   -8.750  1.00 15.27 ? 144 GLN A CG  1 
ATOM   1119 C CD  . GLN A 1 141 ? 3.598   8.890   -9.025  1.00 16.28 ? 144 GLN A CD  1 
ATOM   1120 O OE1 . GLN A 1 141 ? 2.998   9.230   -10.065 1.00 17.40 ? 144 GLN A OE1 1 
ATOM   1121 N NE2 . GLN A 1 141 ? 3.987   9.769   -8.124  1.00 16.61 ? 144 GLN A NE2 1 
ATOM   1122 N N   . ARG A 1 142 ? 2.285   3.169   -10.384 1.00 15.81 ? 145 ARG A N   1 
ATOM   1123 C CA  . ARG A 1 142 ? 1.273   2.261   -10.851 1.00 15.36 ? 145 ARG A CA  1 
ATOM   1124 C C   . ARG A 1 142 ? 1.141   1.035   -9.990  1.00 15.76 ? 145 ARG A C   1 
ATOM   1125 O O   . ARG A 1 142 ? 2.124   0.278   -9.897  1.00 16.63 ? 145 ARG A O   1 
ATOM   1126 C CB  . ARG A 1 142 ? 1.564   1.847   -12.298 1.00 16.42 ? 145 ARG A CB  1 
ATOM   1127 C CG  . ARG A 1 142 ? 1.531   2.898   -13.379 1.00 16.74 ? 145 ARG A CG  1 
ATOM   1128 C CD  . ARG A 1 142 ? 0.288   3.671   -13.476 1.00 18.16 ? 145 ARG A CD  1 
ATOM   1129 N NE  . ARG A 1 142 ? 0.331   4.658   -14.628 1.00 18.62 ? 145 ARG A NE  1 
ATOM   1130 C CZ  . ARG A 1 142 ? -0.138  4.392   -15.830 1.00 22.45 ? 145 ARG A CZ  1 
ATOM   1131 N NH1 . ARG A 1 142 ? -0.514  3.152   -16.191 1.00 21.23 ? 145 ARG A NH1 1 
ATOM   1132 N NH2 . ARG A 1 142 ? -0.124  5.404   -16.694 1.00 22.32 ? 145 ARG A NH2 1 
ATOM   1133 N N   . ILE A 1 143 ? 0.018   0.813   -9.377  1.00 15.82 ? 146 ILE A N   1 
ATOM   1134 C CA  . ILE A 1 143 ? -0.215  -0.303  -8.444  1.00 16.20 ? 146 ILE A CA  1 
ATOM   1135 C C   . ILE A 1 143 ? -1.169  -1.267  -9.057  1.00 17.82 ? 146 ILE A C   1 
ATOM   1136 O O   . ILE A 1 143 ? -2.175  -0.896  -9.660  1.00 17.43 ? 146 ILE A O   1 
ATOM   1137 C CB  . ILE A 1 143 ? -0.729  0.231   -7.111  1.00 16.80 ? 146 ILE A CB  1 
ATOM   1138 C CG1 . ILE A 1 143 ? 0.021   1.420   -6.523  1.00 18.03 ? 146 ILE A CG1 1 
ATOM   1139 C CG2 . ILE A 1 143 ? -0.868  -0.859  -6.087  1.00 17.05 ? 146 ILE A CG2 1 
ATOM   1140 C CD1 . ILE A 1 143 ? 1.487   1.128   -6.325  1.00 19.25 ? 146 ILE A CD1 1 
ATOM   1141 N N   . LYS A 1 144 ? -0.874  -2.537  -8.830  1.00 17.93 ? 147 LYS A N   1 
ATOM   1142 C CA  . LYS A 1 144 ? -1.791  -3.609  -9.332  1.00 20.59 ? 147 LYS A CA  1 
ATOM   1143 C C   . LYS A 1 144 ? -2.111  -4.490  -8.175  1.00 21.23 ? 147 LYS A C   1 
ATOM   1144 O O   . LYS A 1 144 ? -1.392  -4.573  -7.105  1.00 20.21 ? 147 LYS A O   1 
ATOM   1145 C CB  . LYS A 1 144 ? -1.024  -4.465  -10.314 1.00 23.83 ? 147 LYS A CB  1 
ATOM   1146 C CG  . LYS A 1 144 ? -0.612  -3.767  -11.519 1.00 27.84 ? 147 LYS A CG  1 
ATOM   1147 C CD  . LYS A 1 144 ? 0.156   -4.799  -12.340 1.00 26.58 ? 147 LYS A CD  1 
ATOM   1148 C CE  . LYS A 1 144 ? 1.448   -5.309  -11.754 1.00 26.65 ? 147 LYS A CE  1 
ATOM   1149 N NZ  . LYS A 1 144 ? 2.561   -5.679  -12.748 1.00 33.97 ? 147 LYS A NZ  1 
ATOM   1150 N N   . PHE A 1 145 ? -3.223  -5.169  -8.264  1.00 20.64 ? 148 PHE A N   1 
ATOM   1151 C CA  . PHE A 1 145 ? -3.671  -6.042  -7.193  1.00 19.93 ? 148 PHE A CA  1 
ATOM   1152 C C   . PHE A 1 145 ? -3.780  -7.452  -7.717  1.00 25.74 ? 148 PHE A C   1 
ATOM   1153 O O   . PHE A 1 145 ? -4.589  -7.721  -8.532  1.00 30.68 ? 148 PHE A O   1 
ATOM   1154 C CB  . PHE A 1 145 ? -5.020  -5.595  -6.685  1.00 21.23 ? 148 PHE A CB  1 
ATOM   1155 C CG  . PHE A 1 145 ? -5.042  -4.187  -6.208  1.00 21.70 ? 148 PHE A CG  1 
ATOM   1156 C CD1 . PHE A 1 145 ? -4.413  -3.836  -5.061  1.00 22.43 ? 148 PHE A CD1 1 
ATOM   1157 C CD2 . PHE A 1 145 ? -5.674  -3.221  -6.915  1.00 21.00 ? 148 PHE A CD2 1 
ATOM   1158 C CE1 . PHE A 1 145 ? -4.415  -2.552  -4.620  1.00 21.84 ? 148 PHE A CE1 1 
ATOM   1159 C CE2 . PHE A 1 145 ? -5.683  -1.934  -6.477  1.00 22.01 ? 148 PHE A CE2 1 
ATOM   1160 C CZ  . PHE A 1 145 ? -5.056  -1.589  -5.328  1.00 20.43 ? 148 PHE A CZ  1 
ATOM   1161 N N   . ALA A 1 146 ? -2.944  -8.331  -7.231  1.00 19.24 ? 149 ALA A N   1 
ATOM   1162 C CA  . ALA A 1 146 ? -2.897  -9.682  -7.688  1.00 19.45 ? 149 ALA A CA  1 
ATOM   1163 C C   . ALA A 1 146 ? -3.627  -10.576 -6.736  1.00 19.44 ? 149 ALA A C   1 
ATOM   1164 O O   . ALA A 1 146 ? -3.316  -10.696 -5.601  1.00 18.88 ? 149 ALA A O   1 
ATOM   1165 C CB  . ALA A 1 146 ? -1.469  -10.115 -7.874  1.00 20.80 ? 149 ALA A CB  1 
ATOM   1166 N N   . VAL A 1 147 ? -4.637  -11.197 -7.272  1.00 20.51 ? 150 VAL A N   1 
ATOM   1167 C CA  . VAL A 1 147 ? -5.554  -11.965 -6.479  1.00 22.40 ? 150 VAL A CA  1 
ATOM   1168 C C   . VAL A 1 147 ? -5.138  -13.428 -6.371  1.00 20.82 ? 150 VAL A C   1 
ATOM   1169 O O   . VAL A 1 147 ? -4.771  -14.034 -7.329  1.00 21.16 ? 150 VAL A O   1 
ATOM   1170 C CB  . VAL A 1 147 ? -6.944  -11.800 -7.115  1.00 25.54 ? 150 VAL A CB  1 
ATOM   1171 C CG1 . VAL A 1 147 ? -7.911  -12.814 -6.612  1.00 29.39 ? 150 VAL A CG1 1 
ATOM   1172 C CG2 . VAL A 1 147 ? -7.459  -10.403 -6.820  1.00 26.47 ? 150 VAL A CG2 1 
ATOM   1173 N N   . GLU A 1 148 ? -5.227  -13.965 -5.177  1.00 19.44 ? 151 GLU A N   1 
ATOM   1174 C CA  . GLU A 1 148 ? -5.036  -15.378 -4.973  1.00 22.03 ? 151 GLU A CA  1 
ATOM   1175 C C   . GLU A 1 148 ? -6.087  -16.228 -5.734  1.00 21.10 ? 151 GLU A C   1 
ATOM   1176 O O   . GLU A 1 148 ? -7.226  -15.911 -5.792  1.00 21.55 ? 151 GLU A O   1 
ATOM   1177 C CB  . GLU A 1 148 ? -5.026  -15.702 -3.476  1.00 22.66 ? 151 GLU A CB  1 
ATOM   1178 C CG  . GLU A 1 148 ? -4.658  -17.131 -3.148  1.00 24.52 ? 151 GLU A CG  1 
ATOM   1179 C CD  . GLU A 1 148 ? -4.702  -17.419 -1.673  1.00 31.58 ? 151 GLU A CD  1 
ATOM   1180 O OE1 . GLU A 1 148 ? -4.042  -16.763 -0.924  1.00 36.20 ? 151 GLU A OE1 1 
ATOM   1181 O OE2 . GLU A 1 148 ? -5.409  -18.299 -1.271  1.00 38.94 ? 151 GLU A OE2 1 
ATOM   1182 N N   . ASN A 1 149 ? -5.613  -17.325 -6.317  1.00 20.49 ? 152 ASN A N   1 
ATOM   1183 C CA  . ASN A 1 149 ? -6.391  -18.182 -7.189  1.00 20.02 ? 152 ASN A CA  1 
ATOM   1184 C C   . ASN A 1 149 ? -6.789  -17.556 -8.510  1.00 20.63 ? 152 ASN A C   1 
ATOM   1185 O O   . ASN A 1 149 ? -7.749  -17.913 -9.106  1.00 21.48 ? 152 ASN A O   1 
ATOM   1186 C CB  . ASN A 1 149 ? -7.563  -18.790 -6.470  1.00 21.38 ? 152 ASN A CB  1 
ATOM   1187 C CG  . ASN A 1 149 ? -7.132  -19.562 -5.274  1.00 28.44 ? 152 ASN A CG  1 
ATOM   1188 O OD1 . ASN A 1 149 ? -6.084  -20.135 -5.245  1.00 30.20 ? 152 ASN A OD1 1 
ATOM   1189 N ND2 . ASN A 1 149 ? -7.945  -19.535 -4.260  1.00 37.92 ? 152 ASN A ND2 1 
ATOM   1190 N N   . LEU A 1 150 ? -5.973  -16.595 -8.914  1.00 21.32 ? 153 LEU A N   1 
ATOM   1191 C CA  . LEU A 1 150 ? -6.003  -16.002 -10.236 1.00 19.68 ? 153 LEU A CA  1 
ATOM   1192 C C   . LEU A 1 150 ? -4.599  -15.914 -10.823 1.00 20.39 ? 153 LEU A C   1 
ATOM   1193 O O   . LEU A 1 150 ? -4.233  -16.700 -11.649 1.00 20.54 ? 153 LEU A O   1 
ATOM   1194 C CB  . LEU A 1 150 ? -6.710  -14.666 -10.232 1.00 20.78 ? 153 LEU A CB  1 
ATOM   1195 C CG  . LEU A 1 150 ? -6.896  -14.022 -11.607 1.00 20.27 ? 153 LEU A CG  1 
ATOM   1196 C CD1 . LEU A 1 150 ? -7.856  -14.833 -12.465 1.00 22.87 ? 153 LEU A CD1 1 
ATOM   1197 C CD2 . LEU A 1 150 ? -7.393  -12.605 -11.463 1.00 23.12 ? 153 LEU A CD2 1 
ATOM   1198 N N   . TYR A 1 151 ? -3.797  -14.999 -10.330 1.00 19.20 ? 154 TYR A N   1 
ATOM   1199 C CA  . TYR A 1 151 ? -2.428  -14.878 -10.810 1.00 19.75 ? 154 TYR A CA  1 
ATOM   1200 C C   . TYR A 1 151 ? -1.457  -15.850 -10.168 1.00 20.31 ? 154 TYR A C   1 
ATOM   1201 O O   . TYR A 1 151 ? -0.448  -16.170 -10.728 1.00 20.99 ? 154 TYR A O   1 
ATOM   1202 C CB  . TYR A 1 151 ? -1.930  -13.430 -10.648 1.00 22.07 ? 154 TYR A CB  1 
ATOM   1203 C CG  . TYR A 1 151 ? -2.452  -12.533 -11.722 1.00 23.91 ? 154 TYR A CG  1 
ATOM   1204 C CD1 . TYR A 1 151 ? -1.835  -12.474 -12.954 1.00 21.95 ? 154 TYR A CD1 1 
ATOM   1205 C CD2 . TYR A 1 151 ? -3.576  -11.787 -11.528 1.00 22.05 ? 154 TYR A CD2 1 
ATOM   1206 C CE1 . TYR A 1 151 ? -2.320  -11.679 -13.953 1.00 26.67 ? 154 TYR A CE1 1 
ATOM   1207 C CE2 . TYR A 1 151 ? -4.045  -10.986 -12.515 1.00 22.15 ? 154 TYR A CE2 1 
ATOM   1208 C CZ  . TYR A 1 151 ? -3.414  -10.943 -13.727 1.00 24.61 ? 154 TYR A CZ  1 
ATOM   1209 O OH  . TYR A 1 151 ? -3.888  -10.169 -14.726 1.00 26.24 ? 154 TYR A OH  1 
ATOM   1210 N N   . PHE A 1 152 ? -1.786  -16.295 -8.976  1.00 20.46 ? 155 PHE A N   1 
ATOM   1211 C CA  . PHE A 1 152 ? -0.954  -17.217 -8.231  1.00 21.77 ? 155 PHE A CA  1 
ATOM   1212 C C   . PHE A 1 152 ? -1.850  -18.044 -7.377  1.00 19.69 ? 155 PHE A C   1 
ATOM   1213 O O   . PHE A 1 152 ? -3.031  -17.617 -7.157  1.00 23.83 ? 155 PHE A O   1 
ATOM   1214 C CB  . PHE A 1 152 ? 0.078   -16.445 -7.374  1.00 20.96 ? 155 PHE A CB  1 
ATOM   1215 C CG  . PHE A 1 152 ? -0.513  -15.577 -6.309  1.00 20.20 ? 155 PHE A CG  1 
ATOM   1216 C CD1 . PHE A 1 152 ? -0.831  -14.293 -6.602  1.00 22.36 ? 155 PHE A CD1 1 
ATOM   1217 C CD2 . PHE A 1 152 ? -0.744  -16.090 -5.033  1.00 21.94 ? 155 PHE A CD2 1 
ATOM   1218 C CE1 . PHE A 1 152 ? -1.415  -13.490 -5.600  1.00 21.39 ? 155 PHE A CE1 1 
ATOM   1219 C CE2 . PHE A 1 152 ? -1.386  -15.289 -4.102  1.00 23.33 ? 155 PHE A CE2 1 
ATOM   1220 C CZ  . PHE A 1 152 ? -1.644  -14.003 -4.400  1.00 21.19 ? 155 PHE A CZ  1 
ATOM   1221 N N   . GLN A 1 153 ? -1.410  -19.171 -6.887  1.00 22.68 ? 156 GLN A N   1 
ATOM   1222 C CA  . GLN A 1 153 ? -2.217  -19.977 -5.944  1.00 23.91 ? 156 GLN A CA  1 
ATOM   1223 C C   . GLN A 1 153 ? -1.250  -20.581 -5.018  1.00 31.90 ? 156 GLN A C   1 
ATOM   1224 O O   . GLN A 1 153 ? -1.698  -21.188 -3.986  1.00 38.55 ? 156 GLN A O   1 
ATOM   1225 C CB  . GLN A 1 153 ? -3.039  -21.055 -6.694  1.00 29.06 ? 156 GLN A CB  1 
ATOM   1226 C CG  . GLN A 1 153 ? -2.228  -22.032 -7.483  1.00 24.93 ? 156 GLN A CG  1 
ATOM   1227 C CD  . GLN A 1 153 ? -2.944  -23.245 -7.888  1.00 27.50 ? 156 GLN A CD  1 
ATOM   1228 O OE1 . GLN A 1 153 ? -4.049  -23.560 -7.427  1.00 29.22 ? 156 GLN A OE1 1 
ATOM   1229 N NE2 . GLN A 1 153 ? -2.300  -23.993 -8.743  1.00 22.55 ? 156 GLN A NE2 1 
ATOM   1230 O OXT . GLN A 1 153 ? -0.009  -20.680 -5.245  1.00 33.11 ? 156 GLN A OXT 1 
HETATM 1231 O O   . HOH B 2 .   ? -4.451  -12.824 -9.122  1.00 40.93 ? 201 HOH A O   1 
HETATM 1232 O O   . HOH B 2 .   ? 11.131  -8.412  2.002   1.00 30.00 ? 202 HOH A O   1 
HETATM 1233 O O   . HOH B 2 .   ? 2.572   -15.146 2.315   1.00 40.44 ? 203 HOH A O   1 
HETATM 1234 O O   . HOH B 2 .   ? -14.300 5.852   11.396  1.00 45.13 ? 204 HOH A O   1 
HETATM 1235 O O   . HOH B 2 .   ? -8.963  9.559   -6.848  1.00 31.84 ? 205 HOH A O   1 
HETATM 1236 O O   . HOH B 2 .   ? 2.656   -3.645  -14.282 1.00 27.16 ? 206 HOH A O   1 
HETATM 1237 O O   . HOH B 2 .   ? 7.725   -14.935 -0.468  1.00 54.83 ? 207 HOH A O   1 
HETATM 1238 O O   . HOH B 2 .   ? -12.294 8.069   -2.608  1.00 42.28 ? 208 HOH A O   1 
HETATM 1239 O O   . HOH B 2 .   ? 0.202   7.429   9.955   1.00 23.36 ? 209 HOH A O   1 
HETATM 1240 O O   . HOH B 2 .   ? 2.610   13.516  4.981   1.00 32.94 ? 210 HOH A O   1 
HETATM 1241 O O   . HOH B 2 .   ? 16.017  -1.457  -3.168  1.00 40.36 ? 211 HOH A O   1 
HETATM 1242 O O   . HOH B 2 .   ? 7.865   -8.259  13.464  1.00 38.01 ? 212 HOH A O   1 
HETATM 1243 O O   . HOH B 2 .   ? -8.307  10.484  14.131  1.00 40.33 ? 213 HOH A O   1 
HETATM 1244 O O   . HOH B 2 .   ? 9.919   7.060   -12.709 1.00 33.00 ? 214 HOH A O   1 
HETATM 1245 O O   . HOH B 2 .   ? -8.665  2.796   16.212  1.00 35.89 ? 215 HOH A O   1 
HETATM 1246 O O   . HOH B 2 .   ? 14.021  -7.363  16.949  1.00 28.45 ? 216 HOH A O   1 
HETATM 1247 O O   . HOH B 2 .   ? 2.939   15.536  -12.108 1.00 29.11 ? 217 HOH A O   1 
HETATM 1248 O O   . HOH B 2 .   ? 8.784   10.641  -7.562  1.00 26.28 ? 218 HOH A O   1 
HETATM 1249 O O   . HOH B 2 .   ? 5.848   13.328  -8.984  1.00 25.25 ? 219 HOH A O   1 
HETATM 1250 O O   . HOH B 2 .   ? 2.919   6.971   10.417  1.00 33.00 ? 220 HOH A O   1 
HETATM 1251 O O   . HOH B 2 .   ? -3.488  -5.313  -19.727 1.00 30.64 ? 221 HOH A O   1 
HETATM 1252 O O   . HOH B 2 .   ? -15.618 3.479   -0.798  1.00 32.62 ? 222 HOH A O   1 
HETATM 1253 O O   . HOH B 2 .   ? -6.385  11.713  -11.993 1.00 32.31 ? 223 HOH A O   1 
HETATM 1254 O O   . HOH B 2 .   ? 9.148   8.113   -9.145  1.00 23.77 ? 224 HOH A O   1 
HETATM 1255 O O   . HOH B 2 .   ? -2.353  -3.967  15.345  1.00 15.57 ? 225 HOH A O   1 
HETATM 1256 O O   . HOH B 2 .   ? 6.759   -0.189  19.738  1.00 33.44 ? 226 HOH A O   1 
HETATM 1257 O O   . HOH B 2 .   ? -5.641  -9.863  -9.800  1.00 26.33 ? 227 HOH A O   1 
HETATM 1258 O O   . HOH B 2 .   ? 7.953   -3.587  7.494   1.00 18.41 ? 228 HOH A O   1 
HETATM 1259 O O   . HOH B 2 .   ? 9.029   -1.846  -8.287  1.00 29.12 ? 229 HOH A O   1 
HETATM 1260 O O   . HOH B 2 .   ? -12.483 3.422   -6.907  1.00 37.91 ? 230 HOH A O   1 
HETATM 1261 O O   . HOH B 2 .   ? 7.166   -10.103 8.757   1.00 27.35 ? 231 HOH A O   1 
HETATM 1262 O O   . HOH B 2 .   ? -2.883  5.086   14.051  1.00 23.89 ? 232 HOH A O   1 
HETATM 1263 O O   . HOH B 2 .   ? 6.339   6.281   -18.882 1.00 32.94 ? 233 HOH A O   1 
HETATM 1264 O O   . HOH B 2 .   ? 5.990   14.590  -1.900  1.00 37.13 ? 234 HOH A O   1 
HETATM 1265 O O   . HOH B 2 .   ? -4.072  5.987   16.404  1.00 38.84 ? 235 HOH A O   1 
HETATM 1266 O O   . HOH B 2 .   ? 7.152   2.732   3.380   1.00 17.29 ? 236 HOH A O   1 
HETATM 1267 O O   . HOH B 2 .   ? -2.358  -17.443 5.221   1.00 51.29 ? 237 HOH A O   1 
HETATM 1268 O O   . HOH B 2 .   ? -4.535  -20.895 -3.127  1.00 38.78 ? 238 HOH A O   1 
HETATM 1269 O O   . HOH B 2 .   ? -6.732  12.781  -4.300  1.00 29.09 ? 239 HOH A O   1 
HETATM 1270 O O   . HOH B 2 .   ? 11.249  2.118   -7.998  1.00 32.26 ? 240 HOH A O   1 
HETATM 1271 O O   . HOH B 2 .   ? 4.468   -5.003  17.340  1.00 24.49 ? 241 HOH A O   1 
HETATM 1272 O O   . HOH B 2 .   ? -5.582  1.702   5.367   1.00 14.55 ? 242 HOH A O   1 
HETATM 1273 O O   . HOH B 2 .   ? -9.065  -14.951 -4.007  1.00 31.30 ? 243 HOH A O   1 
HETATM 1274 O O   . HOH B 2 .   ? -15.790 -3.593  1.274   1.00 28.38 ? 244 HOH A O   1 
HETATM 1275 O O   . HOH B 2 .   ? -2.424  7.250   12.220  1.00 27.38 ? 245 HOH A O   1 
HETATM 1276 O O   . HOH B 2 .   ? -5.155  11.638  13.142  1.00 38.39 ? 246 HOH A O   1 
HETATM 1277 O O   . HOH B 2 .   ? 9.957   -1.052  13.548  1.00 28.48 ? 247 HOH A O   1 
HETATM 1278 O O   . HOH B 2 .   ? -18.238 2.672   2.188   1.00 31.68 ? 248 HOH A O   1 
HETATM 1279 O O   . HOH B 2 .   ? -4.514  -9.477  10.363  1.00 26.24 ? 249 HOH A O   1 
HETATM 1280 O O   . HOH B 2 .   ? -5.053  -4.842  -10.393 1.00 20.87 ? 250 HOH A O   1 
HETATM 1281 O O   . HOH B 2 .   ? -10.053 20.573  -7.552  1.00 18.08 ? 251 HOH A O   1 
HETATM 1282 O O   . HOH B 2 .   ? 2.202   -15.542 -10.353 1.00 34.86 ? 252 HOH A O   1 
HETATM 1283 O O   . HOH B 2 .   ? -5.532  15.866  1.500   1.00 30.43 ? 253 HOH A O   1 
HETATM 1284 O O   . HOH B 2 .   ? 1.909   -7.866  -1.529  1.00 15.65 ? 254 HOH A O   1 
HETATM 1285 O O   . HOH B 2 .   ? -14.911 -0.555  -5.357  1.00 38.21 ? 255 HOH A O   1 
HETATM 1286 O O   . HOH B 2 .   ? -7.819  -5.162  -10.758 1.00 32.61 ? 256 HOH A O   1 
HETATM 1287 O O   . HOH B 2 .   ? -8.924  -7.577  -0.486  1.00 17.80 ? 257 HOH A O   1 
HETATM 1288 O O   . HOH B 2 .   ? -12.913 9.295   9.175   1.00 31.73 ? 258 HOH A O   1 
HETATM 1289 O O   . HOH B 2 .   ? -7.213  13.533  7.119   1.00 41.44 ? 259 HOH A O   1 
HETATM 1290 O O   . HOH B 2 .   ? 7.059   0.903   25.892  1.00 38.66 ? 260 HOH A O   1 
HETATM 1291 O O   . HOH B 2 .   ? -8.728  10.243  5.778   1.00 25.28 ? 261 HOH A O   1 
HETATM 1292 O O   . HOH B 2 .   ? -0.706  14.712  -12.646 1.00 24.83 ? 262 HOH A O   1 
HETATM 1293 O O   . HOH B 2 .   ? -0.110  5.138   -6.598  1.00 15.57 ? 263 HOH A O   1 
HETATM 1294 O O   . HOH B 2 .   ? 7.065   11.032  -9.912  1.00 27.35 ? 264 HOH A O   1 
HETATM 1295 O O   . HOH B 2 .   ? -6.339  9.073   5.063   1.00 18.89 ? 265 HOH A O   1 
HETATM 1296 O O   . HOH B 2 .   ? 8.091   0.801   -11.056 1.00 26.01 ? 266 HOH A O   1 
HETATM 1297 O O   . HOH B 2 .   ? -11.671 9.872   11.451  1.00 42.13 ? 267 HOH A O   1 
HETATM 1298 O O   . HOH B 2 .   ? 3.102   14.147  -0.058  1.00 29.83 ? 268 HOH A O   1 
HETATM 1299 O O   . HOH B 2 .   ? -14.897 0.369   6.882   1.00 25.04 ? 269 HOH A O   1 
HETATM 1300 O O   . HOH B 2 .   ? -15.128 11.826  -2.217  1.00 45.69 ? 270 HOH A O   1 
HETATM 1301 O O   . HOH B 2 .   ? 3.118   -12.478 10.628  1.00 41.08 ? 271 HOH A O   1 
HETATM 1302 O O   . HOH B 2 .   ? -1.527  16.874  -3.055  1.00 23.42 ? 272 HOH A O   1 
HETATM 1303 O O   . HOH B 2 .   ? -8.548  20.254  -0.919  1.00 25.56 ? 273 HOH A O   1 
HETATM 1304 O O   . HOH B 2 .   ? 2.298   -1.996  -11.520 1.00 21.47 ? 274 HOH A O   1 
HETATM 1305 O O   . HOH B 2 .   ? 13.480  -1.700  -6.494  1.00 42.26 ? 275 HOH A O   1 
HETATM 1306 O O   . HOH B 2 .   ? 1.881   2.722   17.648  1.00 46.53 ? 276 HOH A O   1 
HETATM 1307 O O   . HOH B 2 .   ? 3.615   -16.147 4.161   1.00 40.43 ? 277 HOH A O   1 
HETATM 1308 O O   . HOH B 2 .   ? -14.635 -12.796 0.306   1.00 41.64 ? 278 HOH A O   1 
HETATM 1309 O O   . HOH B 2 .   ? -6.747  5.940   16.079  1.00 43.80 ? 279 HOH A O   1 
HETATM 1310 O O   . HOH B 2 .   ? 1.646   6.709   -12.857 1.00 17.59 ? 280 HOH A O   1 
HETATM 1311 O O   . HOH B 2 .   ? 12.934  -4.250  -4.503  1.00 39.56 ? 281 HOH A O   1 
HETATM 1312 O O   . HOH B 2 .   ? 3.539   2.285   19.386  1.00 38.01 ? 282 HOH A O   1 
HETATM 1313 O O   . HOH B 2 .   ? 7.281   -4.329  19.734  1.00 38.05 ? 283 HOH A O   1 
HETATM 1314 O O   . HOH B 2 .   ? -0.650  11.909  8.553   1.00 31.19 ? 284 HOH A O   1 
HETATM 1315 O O   . HOH B 2 .   ? -14.984 3.662   -5.947  1.00 62.81 ? 285 HOH A O   1 
HETATM 1316 O O   . HOH B 2 .   ? -6.731  13.202  3.666   1.00 27.44 ? 286 HOH A O   1 
HETATM 1317 O O   . HOH B 2 .   ? 8.123   5.261   12.267  1.00 33.97 ? 287 HOH A O   1 
HETATM 1318 O O   . HOH B 2 .   ? 9.684   -5.056  12.086  1.00 36.54 ? 288 HOH A O   1 
HETATM 1319 O O   . HOH B 2 .   ? 0.478   -4.503  14.792  1.00 20.16 ? 289 HOH A O   1 
HETATM 1320 O O   . HOH B 2 .   ? -16.384 19.958  -3.151  1.00 29.92 ? 290 HOH A O   1 
HETATM 1321 O O   . HOH B 2 .   ? -3.595  -10.648 -17.501 1.00 22.11 ? 291 HOH A O   1 
HETATM 1322 O O   . HOH B 2 .   ? 9.024   4.866   2.819   1.00 18.67 ? 292 HOH A O   1 
HETATM 1323 O O   . HOH B 2 .   ? -12.217 11.174  0.353   1.00 34.35 ? 293 HOH A O   1 
HETATM 1324 O O   . HOH B 2 .   ? -6.606  -12.515 -3.159  1.00 23.77 ? 294 HOH A O   1 
HETATM 1325 O O   . HOH B 2 .   ? -4.264  -13.989 3.886   1.00 25.74 ? 295 HOH A O   1 
HETATM 1326 O O   . HOH B 2 .   ? -18.135 -2.196  -2.595  1.00 44.79 ? 296 HOH A O   1 
HETATM 1327 O O   . HOH B 2 .   ? -10.715 6.668   13.319  1.00 28.69 ? 297 HOH A O   1 
HETATM 1328 O O   . HOH B 2 .   ? 3.297   -8.435  -12.775 1.00 31.87 ? 298 HOH A O   1 
HETATM 1329 O O   . HOH B 2 .   ? -9.096  -3.558  4.863   1.00 19.56 ? 299 HOH A O   1 
HETATM 1330 O O   . HOH B 2 .   ? -11.782 10.022  6.778   1.00 35.52 ? 300 HOH A O   1 
HETATM 1331 O O   . HOH B 2 .   ? -11.477 12.930  3.499   1.00 32.30 ? 301 HOH A O   1 
HETATM 1332 O O   . HOH B 2 .   ? 4.746   -8.918  11.618  1.00 20.13 ? 302 HOH A O   1 
HETATM 1333 O O   . HOH B 2 .   ? -12.692 -13.906 0.853   0.50 39.88 ? 303 HOH A O   1 
HETATM 1334 O O   . HOH B 2 .   ? -9.263  -3.248  7.770   1.00 21.15 ? 304 HOH A O   1 
HETATM 1335 O O   . HOH B 2 .   ? 0.629   13.669  -14.928 1.00 27.45 ? 305 HOH A O   1 
HETATM 1336 O O   . HOH B 2 .   ? 3.823   -2.357  13.992  1.00 20.54 ? 306 HOH A O   1 
HETATM 1337 O O   . HOH B 2 .   ? -0.186  -16.280 2.672   1.00 43.23 ? 307 HOH A O   1 
HETATM 1338 O O   . HOH B 2 .   ? -3.359  14.179  -12.687 1.00 24.95 ? 308 HOH A O   1 
HETATM 1339 O O   . HOH B 2 .   ? 13.411  -3.606  -1.168  1.00 25.22 ? 309 HOH A O   1 
HETATM 1340 O O   . HOH B 2 .   ? -3.656  19.677  -0.126  1.00 47.80 ? 310 HOH A O   1 
HETATM 1341 O O   . HOH B 2 .   ? 4.145   -9.443  8.887   1.00 19.91 ? 311 HOH A O   1 
HETATM 1342 O O   . HOH B 2 .   ? 6.201   -1.964  23.137  1.00 42.79 ? 312 HOH A O   1 
HETATM 1343 O O   . HOH B 2 .   ? -11.112 8.590   -0.425  1.00 38.41 ? 313 HOH A O   1 
HETATM 1344 O O   . HOH B 2 .   ? -15.125 11.187  4.808   1.00 43.85 ? 314 HOH A O   1 
HETATM 1345 O O   . HOH B 2 .   ? -12.984 15.283  -4.383  1.00 31.01 ? 315 HOH A O   1 
HETATM 1346 O O   . HOH B 2 .   ? 2.889   -0.001  17.070  1.00 33.27 ? 316 HOH A O   1 
HETATM 1347 O O   . HOH B 2 .   ? 17.458  6.995   2.602   1.00 31.14 ? 317 HOH A O   1 
HETATM 1348 O O   . HOH B 2 .   ? 18.628  8.809   -0.810  1.00 40.58 ? 318 HOH A O   1 
HETATM 1349 O O   . HOH B 2 .   ? -11.383 4.782   -10.794 1.00 26.23 ? 319 HOH A O   1 
HETATM 1350 O O   . HOH B 2 .   ? 5.967   15.229  -5.089  1.00 25.05 ? 320 HOH A O   1 
HETATM 1351 O O   . HOH B 2 .   ? 2.511   -9.333  13.538  1.00 27.53 ? 321 HOH A O   1 
HETATM 1352 O O   . HOH B 2 .   ? -9.702  12.054  -2.986  1.00 33.17 ? 322 HOH A O   1 
HETATM 1353 O O   . HOH B 2 .   ? -15.417 12.989  2.333   1.00 44.90 ? 323 HOH A O   1 
HETATM 1354 O O   . HOH B 2 .   ? 14.977  6.647   -5.636  1.00 51.76 ? 324 HOH A O   1 
HETATM 1355 O O   . HOH B 2 .   ? 1.348   7.007   13.957  1.00 41.67 ? 325 HOH A O   1 
HETATM 1356 O O   . HOH B 2 .   ? 0.613   -14.622 10.061  1.00 39.01 ? 326 HOH A O   1 
HETATM 1357 O O   . HOH B 2 .   ? -13.941 -7.673  -5.058  1.00 40.57 ? 327 HOH A O   1 
HETATM 1358 O O   . HOH B 2 .   ? 0.054   -11.735 13.024  1.00 28.17 ? 328 HOH A O   1 
HETATM 1359 O O   . HOH B 2 .   ? 8.941   14.354  -3.362  1.00 47.09 ? 329 HOH A O   1 
HETATM 1360 O O   . HOH B 2 .   ? 2.958   -12.036 -7.233  1.00 35.75 ? 330 HOH A O   1 
HETATM 1361 O O   . HOH B 2 .   ? -6.816  -9.524  -14.662 1.00 45.07 ? 331 HOH A O   1 
HETATM 1362 O O   . HOH B 2 .   ? 1.030   -7.341  15.204  1.00 18.49 ? 332 HOH A O   1 
HETATM 1363 O O   . HOH B 2 .   ? -1.172  -18.555 -2.073  1.00 41.23 ? 333 HOH A O   1 
HETATM 1364 O O   . HOH B 2 .   ? 1.711   2.346   14.710  1.00 22.66 ? 334 HOH A O   1 
HETATM 1365 O O   . HOH B 2 .   ? 10.347  -15.129 0.263   1.00 48.14 ? 335 HOH A O   1 
HETATM 1366 O O   . HOH B 2 .   ? -17.530 2.890   6.130   1.00 28.93 ? 336 HOH A O   1 
HETATM 1367 O O   . HOH B 2 .   ? -4.909  11.453  4.966   1.00 23.10 ? 337 HOH A O   1 
HETATM 1368 O O   . HOH B 2 .   ? 8.488   -5.949  5.947   1.00 20.21 ? 338 HOH A O   1 
HETATM 1369 O O   . HOH B 2 .   ? 2.786   12.362  -16.856 1.00 36.67 ? 339 HOH A O   1 
HETATM 1370 O O   . HOH B 2 .   ? -4.354  1.235   -22.183 1.00 33.75 ? 340 HOH A O   1 
HETATM 1371 O O   . HOH B 2 .   ? 3.941   18.001  1.964   1.00 59.34 ? 341 HOH A O   1 
HETATM 1372 O O   . HOH B 2 .   ? -13.639 -1.463  -8.346  1.00 33.26 ? 342 HOH A O   1 
HETATM 1373 O O   . HOH B 2 .   ? 4.182   0.710   14.422  1.00 19.15 ? 343 HOH A O   1 
HETATM 1374 O O   . HOH B 2 .   ? -7.415  7.638   -15.449 1.00 41.12 ? 344 HOH A O   1 
HETATM 1375 O O   . HOH B 2 .   ? -8.389  12.364  -7.905  1.00 39.61 ? 345 HOH A O   1 
HETATM 1376 O O   . HOH B 2 .   ? -8.228  -14.060 -0.964  1.00 16.07 ? 346 HOH A O   1 
HETATM 1377 O O   . HOH B 2 .   ? 7.877   5.511   24.391  1.00 30.10 ? 347 HOH A O   1 
HETATM 1378 O O   . HOH B 2 .   ? 9.545   1.266   12.527  1.00 30.17 ? 348 HOH A O   1 
HETATM 1379 O O   . HOH B 2 .   ? 3.068   16.073  5.707   1.00 53.41 ? 349 HOH A O   1 
HETATM 1380 O O   . HOH B 2 .   ? -10.385 21.124  1.238   1.00 35.75 ? 350 HOH A O   1 
HETATM 1381 O O   . HOH B 2 .   ? -2.050  15.086  -0.721  1.00 18.10 ? 351 HOH A O   1 
HETATM 1382 O O   . HOH B 2 .   ? 14.082  -5.410  0.590   1.00 38.05 ? 352 HOH A O   1 
HETATM 1383 O O   . HOH B 2 .   ? 7.460   15.553  0.217   1.00 40.74 ? 353 HOH A O   1 
HETATM 1384 O O   . HOH B 2 .   ? -9.190  17.513  1.819   1.00 36.43 ? 354 HOH A O   1 
HETATM 1385 O O   . HOH B 2 .   ? -17.240 -10.573 1.992   1.00 40.45 ? 355 HOH A O   1 
HETATM 1386 O O   . HOH B 2 .   ? -11.611 6.017   -4.385  1.00 22.44 ? 356 HOH A O   1 
HETATM 1387 O O   . HOH B 2 .   ? 3.838   9.591   11.269  1.00 27.46 ? 357 HOH A O   1 
HETATM 1388 O O   . HOH B 2 .   ? 9.302   -3.579  -10.843 1.00 38.69 ? 358 HOH A O   1 
HETATM 1389 O O   . HOH B 2 .   ? 13.337  -10.673 15.601  1.00 50.64 ? 359 HOH A O   1 
HETATM 1390 O O   . HOH B 2 .   ? 10.760  3.512   13.584  1.00 39.40 ? 360 HOH A O   1 
HETATM 1391 O O   . HOH B 2 .   ? -10.685 4.273   14.908  1.00 41.42 ? 361 HOH A O   1 
HETATM 1392 O O   . HOH B 2 .   ? -1.175  12.586  10.946  1.00 40.51 ? 362 HOH A O   1 
HETATM 1393 O O   . HOH B 2 .   ? 5.518   17.307  6.095   1.00 66.37 ? 363 HOH A O   1 
HETATM 1394 O O   . HOH B 2 .   ? -11.136 13.028  -4.622  1.00 38.51 ? 364 HOH A O   1 
HETATM 1395 O O   . HOH B 2 .   ? -15.443 4.247   -3.468  1.00 49.62 ? 365 HOH A O   1 
HETATM 1396 O O   . HOH B 2 .   ? -11.587 13.472  -0.829  1.00 40.49 ? 366 HOH A O   1 
HETATM 1397 O O   . HOH B 2 .   ? -3.105  12.585  6.824   1.00 41.74 ? 367 HOH A O   1 
HETATM 1398 O O   . HOH B 2 .   ? -2.879  21.661  -0.995  1.00 43.24 ? 368 HOH A O   1 
HETATM 1399 O O   . HOH B 2 .   ? 6.138   18.733  3.854   1.00 59.50 ? 369 HOH A O   1 
HETATM 1400 O O   . HOH B 2 .   ? -2.389  -18.489 7.488   1.00 43.59 ? 370 HOH A O   1 
HETATM 1401 O O   . HOH B 2 .   ? -6.529  9.806   -15.929 1.00 51.03 ? 371 HOH A O   1 
HETATM 1402 O O   . HOH B 2 .   ? -10.883 14.420  1.506   1.00 37.64 ? 372 HOH A O   1 
HETATM 1403 O O   . HOH B 2 .   ? 11.437  -0.621  -7.923  1.00 42.54 ? 373 HOH A O   1 
HETATM 1404 O O   . HOH B 2 .   ? -7.569  22.937  -1.017  1.00 33.96 ? 374 HOH A O   1 
HETATM 1405 O O   . HOH B 2 .   ? -17.761 9.953   3.544   1.00 46.60 ? 375 HOH A O   1 
HETATM 1406 O O   . HOH B 2 .   ? -7.360  24.477  -3.253  1.00 34.92 ? 376 HOH A O   1 
HETATM 1407 O O   . HOH B 2 .   ? 6.391   3.626   25.923  1.00 48.48 ? 377 HOH A O   1 
HETATM 1408 O O   . HOH B 2 .   ? -18.478 11.880  1.724   1.00 49.55 ? 378 HOH A O   1 
HETATM 1409 O O   . HOH B 2 .   ? -7.074  -7.874  -12.438 1.00 40.91 ? 379 HOH A O   1 
HETATM 1410 O O   . HOH B 2 .   ? -13.930 -6.788  -15.070 1.00 50.44 ? 380 HOH A O   1 
HETATM 1411 O O   . HOH B 2 .   ? 4.611   -7.889  17.198  1.00 41.80 ? 381 HOH A O   1 
HETATM 1412 O O   . HOH B 2 .   ? 15.194  -4.318  -3.015  1.00 41.01 ? 382 HOH A O   1 
HETATM 1413 O O   . HOH B 2 .   ? -10.994 12.873  -7.294  1.00 33.01 ? 383 HOH A O   1 
HETATM 1414 O O   . HOH B 2 .   ? 11.383  9.101   -10.502 1.00 47.62 ? 384 HOH A O   1 
HETATM 1415 O O   . HOH B 2 .   ? -11.299 9.834   13.362  1.00 51.82 ? 385 HOH A O   1 
HETATM 1416 O O   . HOH B 2 .   ? -8.874  11.887  -5.704  1.00 37.29 ? 386 HOH A O   1 
HETATM 1417 O O   . HOH B 2 .   ? 8.799   -15.767 -2.569  1.00 55.08 ? 387 HOH A O   1 
HETATM 1418 O O   . HOH B 2 .   ? -16.730 -10.178 -0.568  1.00 54.45 ? 388 HOH A O   1 
HETATM 1419 O O   . HOH B 2 .   ? 7.359   -10.184 11.615  1.00 41.54 ? 389 HOH A O   1 
HETATM 1420 O O   . HOH B 2 .   ? -17.010 -7.104  -1.234  1.00 45.79 ? 390 HOH A O   1 
HETATM 1421 O O   . HOH B 2 .   ? -13.365 14.102  5.310   1.00 56.09 ? 391 HOH A O   1 
HETATM 1422 O O   . HOH B 2 .   ? 12.785  -6.713  4.001   1.00 51.73 ? 392 HOH A O   1 
HETATM 1423 O O   . HOH B 2 .   ? -11.155 -14.362 -5.988  1.00 41.12 ? 393 HOH A O   1 
HETATM 1424 O O   . HOH B 2 .   ? 2.603   -3.346  16.332  1.00 21.86 ? 394 HOH A O   1 
HETATM 1425 O O   . HOH B 2 .   ? -9.151  12.740  5.167   1.00 36.42 ? 395 HOH A O   1 
HETATM 1426 O O   . HOH B 2 .   ? 6.429   8.440   11.260  1.00 39.01 ? 396 HOH A O   1 
HETATM 1427 O O   . HOH B 2 .   ? 7.587   14.598  -7.189  1.00 38.23 ? 397 HOH A O   1 
HETATM 1428 O O   . HOH B 2 .   ? -1.443  -8.824  -11.390 1.00 45.69 ? 398 HOH A O   1 
HETATM 1429 O O   . HOH B 2 .   ? 10.295  -6.805  3.982   1.00 29.94 ? 399 HOH A O   1 
HETATM 1430 O O   . HOH B 2 .   ? 9.905   -3.105  9.420   1.00 27.88 ? 400 HOH A O   1 
HETATM 1431 O O   . HOH B 2 .   ? 3.183   16.187  -2.012  1.00 46.15 ? 401 HOH A O   1 
HETATM 1432 O O   . HOH B 2 .   ? 1.854   -13.972 12.947  1.00 36.33 ? 402 HOH A O   1 
HETATM 1433 O O   . HOH B 2 .   ? 3.005   14.841  -15.485 1.00 51.34 ? 403 HOH A O   1 
HETATM 1434 O O   . HOH B 2 .   ? -3.500  16.431  0.599   1.00 45.27 ? 404 HOH A O   1 
HETATM 1435 O O   . HOH B 2 .   ? 4.276   6.423   -20.885 1.00 39.62 ? 405 HOH A O   1 
HETATM 1436 O O   . HOH B 2 .   ? 8.108   3.987   -18.336 1.00 44.26 ? 406 HOH A O   1 
HETATM 1437 O O   . HOH B 2 .   ? -4.004  13.240  11.221  1.00 35.19 ? 407 HOH A O   1 
HETATM 1438 O O   . HOH B 2 .   ? 10.944  5.319   -14.470 1.00 43.59 ? 408 HOH A O   1 
HETATM 1439 O O   . HOH B 2 .   ? -3.416  13.569  4.894   1.00 42.83 ? 409 HOH A O   1 
HETATM 1440 O O   . HOH B 2 .   ? -16.304 -6.349  -4.611  1.00 45.91 ? 410 HOH A O   1 
HETATM 1441 O O   . HOH B 2 .   ? -7.475  -9.109  -19.536 1.00 46.03 ? 411 HOH A O   1 
HETATM 1442 O O   . HOH B 2 .   ? 1.089   -12.010 -9.203  1.00 36.46 ? 412 HOH A O   1 
HETATM 1443 O O   . HOH B 2 .   ? -14.525 -14.983 -0.996  1.00 47.66 ? 413 HOH A O   1 
HETATM 1444 O O   . HOH B 2 .   ? -3.963  15.652  3.934   1.00 52.60 ? 414 HOH A O   1 
HETATM 1445 O O   . HOH B 2 .   ? -9.295  -10.700 -14.924 1.00 42.14 ? 415 HOH A O   1 
HETATM 1446 O O   . HOH B 2 .   ? 12.324  -13.551 15.323  1.00 56.12 ? 416 HOH A O   1 
HETATM 1447 O O   . HOH B 2 .   ? 14.587  -4.919  3.491   1.00 30.00 ? 417 HOH A O   1 
HETATM 1448 O O   . HOH B 2 .   ? 0.612   -10.338 -11.215 1.00 45.10 ? 418 HOH A O   1 
HETATM 1449 O O   . HOH B 2 .   ? -1.308  14.510  3.900   1.00 42.62 ? 419 HOH A O   1 
# 
